data_3TAX
#
_entry.id   3TAX
#
_cell.length_a   98.600
_cell.length_b   136.640
_cell.length_c   153.319
_cell.angle_alpha   90.00
_cell.angle_beta   103.02
_cell.angle_gamma   90.00
#
_symmetry.space_group_name_H-M   'I 1 2 1'
#
loop_
_entity.id
_entity.type
_entity.pdbx_description
1 polymer 'UDP-N-acetylglucosamine--peptide N-acetylglucosaminyltransferase 110 kDa subunit'
2 polymer 'Casein kinase II subunit alpha'
3 non-polymer "URIDINE-5'-DIPHOSPHATE"
4 non-polymer 'FORMYL GROUP'
5 non-polymer 'SULFATE ION'
6 water water
#
loop_
_entity_poly.entity_id
_entity_poly.type
_entity_poly.pdbx_seq_one_letter_code
_entity_poly.pdbx_strand_id
1 'polypeptide(L)'
;GPGSCPTHADSLNNLANIKREQGNIEEAVRLYRKALEVFPEFAAAHSNLASVLQQQGKLQEALMHYKEAIRISPTFADAY
SNMGNTLKEMQDVQGALQCYTRAIQINPAFADAHSNLASIHKDSGNIPEAIASYRTALKLKPDFPDAYCNLAHCLQIVCD
WTDYDERMKKLVSIVADQLEKNRLPSVHPHHSMLYPLSHGFRKAIAERHGNLCLDKINVLHKPPYEHPKDLKLSDGRLRV
GYVSSDFGNHPTSHLMQSIPGMHNPDKFEVFCYALSPDDGTNFRVKVMAEANHFIDLSQIPCNGKAADRIHQDGIHILVN
MNGYTKGARNELFALRPAPIQAMWLGYPGTSGALFMDYIITDQETSPAEVAEQYSEKLAYMPHTFFIGDHANMFPHLKKK
AVIDFKSNGHIYDNRIVLNGIDLKAFLDSLPDVKIVKMKCPDGGDNADSSNTALNMPVIPMNTIAEAVIEMINRGQIQIT
INGFSISNGLATTQINNKAATGEEVPRTIIVTTRSQYGLPEDAIVYCNFNQLYKIDPSTLQMWANILKRVPNSVLWLLRF
PAVGEPNIQQYAQNMGLPQNRIIFSPVAPKEEHVRRGQLADVCLDTPLCNGHTTGMDVLWAGTPMVTMPGETLASRVAAS
QLTCLGCLELIAKNRQEYEDIAVKLGTDLEYLKKVRGKVWKQRISSPLFNTKQYTMELERLYLQMWEHYAAGNKPDHMIK
PVE
;
A,C
2 'polypeptide(L)' YPGGSTPVSSANMM B,D
#
loop_
_chem_comp.id
_chem_comp.type
_chem_comp.name
_chem_comp.formula
FOR non-polymer 'FORMYL GROUP' 'C H2 O'
SO4 non-polymer 'SULFATE ION' 'O4 S -2'
UDP RNA linking URIDINE-5'-DIPHOSPHATE 'C9 H14 N2 O12 P2'
#
# COMPACT_ATOMS: atom_id res chain seq x y z
N THR A 7 16.52 50.04 43.14
CA THR A 7 16.00 51.14 42.34
C THR A 7 16.60 51.20 40.93
N HIS A 8 17.86 50.78 40.77
CA HIS A 8 18.57 50.71 39.49
C HIS A 8 17.96 49.58 38.66
N ALA A 9 17.59 48.46 39.33
CA ALA A 9 16.92 47.32 38.69
C ALA A 9 15.56 47.75 38.14
N ASP A 10 14.83 48.62 38.89
CA ASP A 10 13.53 49.19 38.48
C ASP A 10 13.65 49.98 37.18
N SER A 11 14.69 50.85 37.06
N SER A 11 14.69 50.84 37.07
CA SER A 11 14.94 51.66 35.88
CA SER A 11 14.97 51.66 35.88
C SER A 11 15.36 50.80 34.68
C SER A 11 15.37 50.81 34.68
N LEU A 12 16.15 49.74 34.92
CA LEU A 12 16.61 48.81 33.88
C LEU A 12 15.42 48.05 33.28
N ASN A 13 14.45 47.63 34.13
CA ASN A 13 13.21 46.95 33.73
C ASN A 13 12.34 47.90 32.90
N ASN A 14 12.32 49.20 33.27
CA ASN A 14 11.59 50.24 32.54
C ASN A 14 12.14 50.44 31.13
N LEU A 15 13.49 50.44 30.98
CA LEU A 15 14.19 50.61 29.70
C LEU A 15 13.92 49.46 28.76
N ALA A 16 13.95 48.23 29.30
CA ALA A 16 13.68 46.99 28.59
C ALA A 16 12.26 47.04 28.02
N ASN A 17 11.27 47.51 28.83
CA ASN A 17 9.86 47.68 28.46
C ASN A 17 9.72 48.68 27.30
N ILE A 18 10.52 49.77 27.31
CA ILE A 18 10.54 50.80 26.25
C ILE A 18 11.01 50.17 24.93
N LYS A 19 12.21 49.54 24.94
CA LYS A 19 12.81 48.87 23.78
C LYS A 19 11.94 47.73 23.23
N ARG A 20 11.12 47.12 24.11
CA ARG A 20 10.15 46.06 23.78
C ARG A 20 9.02 46.66 22.92
N GLU A 21 8.48 47.83 23.34
CA GLU A 21 7.40 48.54 22.63
C GLU A 21 7.87 49.04 21.25
N GLN A 22 9.16 49.42 21.14
CA GLN A 22 9.81 49.90 19.91
C GLN A 22 9.88 48.78 18.85
N GLY A 23 10.03 47.54 19.32
CA GLY A 23 10.14 46.36 18.47
C GLY A 23 11.47 45.67 18.62
N ASN A 24 12.43 46.32 19.33
CA ASN A 24 13.77 45.79 19.59
C ASN A 24 13.68 44.77 20.73
N ILE A 25 13.37 43.51 20.37
CA ILE A 25 13.21 42.41 21.31
C ILE A 25 14.54 41.96 21.91
N GLU A 26 15.63 41.93 21.10
CA GLU A 26 16.96 41.54 21.57
C GLU A 26 17.57 42.50 22.60
N GLU A 27 17.35 43.82 22.43
CA GLU A 27 17.82 44.83 23.38
C GLU A 27 17.00 44.77 24.68
N ALA A 28 15.69 44.44 24.56
CA ALA A 28 14.78 44.28 25.70
C ALA A 28 15.25 43.11 26.59
N VAL A 29 15.59 41.94 25.97
CA VAL A 29 16.10 40.74 26.63
C VAL A 29 17.37 41.09 27.44
N ARG A 30 18.37 41.71 26.77
CA ARG A 30 19.65 42.14 27.35
C ARG A 30 19.44 43.03 28.59
N LEU A 31 18.46 43.96 28.53
CA LEU A 31 18.13 44.88 29.62
C LEU A 31 17.40 44.20 30.80
N TYR A 32 16.49 43.23 30.50
CA TYR A 32 15.80 42.47 31.54
C TYR A 32 16.81 41.64 32.33
N ARG A 33 17.79 41.04 31.61
CA ARG A 33 18.88 40.23 32.20
C ARG A 33 19.77 41.09 33.08
N LYS A 34 20.04 42.35 32.68
CA LYS A 34 20.85 43.32 33.44
C LYS A 34 20.13 43.69 34.75
N ALA A 35 18.77 43.84 34.70
CA ALA A 35 17.93 44.14 35.87
C ALA A 35 18.02 42.98 36.87
N LEU A 36 18.05 41.73 36.35
CA LEU A 36 18.17 40.52 37.15
C LEU A 36 19.58 40.38 37.72
N GLU A 37 20.60 40.83 36.96
CA GLU A 37 22.00 40.81 37.38
C GLU A 37 22.18 41.69 38.65
N VAL A 38 21.54 42.88 38.66
CA VAL A 38 21.55 43.86 39.74
C VAL A 38 20.71 43.36 40.95
N PHE A 39 19.46 42.93 40.70
CA PHE A 39 18.56 42.44 41.74
C PHE A 39 17.92 41.10 41.29
N PRO A 40 18.54 39.95 41.66
CA PRO A 40 18.03 38.64 41.20
C PRO A 40 16.62 38.22 41.61
N GLU A 41 16.13 38.72 42.76
CA GLU A 41 14.79 38.39 43.27
C GLU A 41 13.75 39.42 42.80
N PHE A 42 13.72 39.70 41.48
CA PHE A 42 12.83 40.68 40.85
C PHE A 42 11.74 39.94 40.05
N ALA A 43 10.58 39.71 40.69
CA ALA A 43 9.44 38.99 40.11
C ALA A 43 8.92 39.60 38.82
N ALA A 44 8.79 40.94 38.75
CA ALA A 44 8.30 41.65 37.57
C ALA A 44 9.24 41.51 36.37
N ALA A 45 10.57 41.59 36.58
CA ALA A 45 11.58 41.44 35.51
C ALA A 45 11.57 40.02 34.96
N HIS A 46 11.39 39.01 35.85
CA HIS A 46 11.31 37.60 35.47
C HIS A 46 10.05 37.36 34.63
N SER A 47 8.91 37.90 35.09
CA SER A 47 7.61 37.77 34.41
C SER A 47 7.62 38.46 33.03
N ASN A 48 8.28 39.64 32.91
CA ASN A 48 8.39 40.37 31.65
C ASN A 48 9.30 39.66 30.66
N LEU A 49 10.47 39.18 31.13
CA LEU A 49 11.41 38.44 30.31
C LEU A 49 10.75 37.14 29.81
N ALA A 50 9.96 36.47 30.69
CA ALA A 50 9.26 35.23 30.33
C ALA A 50 8.23 35.46 29.21
N SER A 51 7.45 36.55 29.29
CA SER A 51 6.45 36.94 28.30
C SER A 51 7.12 37.21 26.93
N VAL A 52 8.26 37.94 26.96
CA VAL A 52 9.09 38.27 25.80
C VAL A 52 9.62 36.98 25.14
N LEU A 53 10.17 36.04 25.94
CA LEU A 53 10.68 34.77 25.44
C LEU A 53 9.56 33.90 24.88
N GLN A 54 8.38 33.88 25.54
CA GLN A 54 7.19 33.14 25.10
C GLN A 54 6.76 33.62 23.71
N GLN A 55 6.76 34.96 23.50
CA GLN A 55 6.38 35.58 22.22
C GLN A 55 7.38 35.26 21.11
N GLN A 56 8.67 35.04 21.46
CA GLN A 56 9.74 34.68 20.53
C GLN A 56 9.69 33.19 20.17
N GLY A 57 8.84 32.43 20.87
CA GLY A 57 8.71 30.99 20.69
C GLY A 57 9.72 30.20 21.50
N LYS A 58 10.42 30.88 22.44
CA LYS A 58 11.42 30.27 23.33
C LYS A 58 10.71 29.86 24.62
N LEU A 59 9.86 28.83 24.50
CA LEU A 59 8.99 28.31 25.55
C LEU A 59 9.68 27.73 26.77
N GLN A 60 10.69 26.87 26.56
CA GLN A 60 11.46 26.26 27.66
C GLN A 60 12.19 27.34 28.47
N GLU A 61 12.75 28.34 27.78
CA GLU A 61 13.44 29.46 28.42
C GLU A 61 12.46 30.34 29.18
N ALA A 62 11.26 30.59 28.60
CA ALA A 62 10.18 31.37 29.21
C ALA A 62 9.73 30.70 30.52
N LEU A 63 9.61 29.36 30.50
CA LEU A 63 9.22 28.53 31.64
C LEU A 63 10.14 28.69 32.86
N MET A 64 11.47 28.82 32.64
CA MET A 64 12.46 29.04 33.70
C MET A 64 12.13 30.33 34.47
N HIS A 65 11.84 31.42 33.73
CA HIS A 65 11.53 32.72 34.29
C HIS A 65 10.17 32.78 34.98
N TYR A 66 9.15 32.05 34.46
CA TYR A 66 7.85 31.97 35.13
C TYR A 66 8.00 31.24 36.48
N LYS A 67 8.85 30.21 36.53
CA LYS A 67 9.09 29.46 37.77
C LYS A 67 9.71 30.35 38.85
N GLU A 68 10.60 31.28 38.43
CA GLU A 68 11.21 32.26 39.33
C GLU A 68 10.17 33.22 39.89
N ALA A 69 9.32 33.82 39.01
CA ALA A 69 8.28 34.78 39.39
C ALA A 69 7.31 34.22 40.43
N ILE A 70 6.83 32.97 40.20
CA ILE A 70 5.87 32.31 41.09
C ILE A 70 6.43 32.01 42.47
N ARG A 71 7.73 31.67 42.57
CA ARG A 71 8.41 31.42 43.84
C ARG A 71 8.54 32.74 44.63
N ILE A 72 9.13 33.78 43.98
CA ILE A 72 9.36 35.11 44.56
C ILE A 72 8.06 35.72 45.08
N SER A 73 7.00 35.74 44.23
CA SER A 73 5.69 36.28 44.59
CA SER A 73 5.69 36.28 44.59
C SER A 73 4.63 35.16 44.58
N PRO A 74 4.35 34.52 45.75
CA PRO A 74 3.36 33.42 45.77
C PRO A 74 1.91 33.84 45.52
N THR A 75 1.61 35.15 45.56
CA THR A 75 0.28 35.70 45.31
C THR A 75 0.15 36.19 43.86
N PHE A 76 1.21 35.99 43.04
CA PHE A 76 1.30 36.39 41.62
C PHE A 76 0.45 35.47 40.73
N ALA A 77 -0.89 35.60 40.84
CA ALA A 77 -1.81 34.80 40.04
C ALA A 77 -1.58 34.96 38.54
N ASP A 78 -1.23 36.20 38.11
CA ASP A 78 -0.94 36.54 36.70
C ASP A 78 0.19 35.71 36.12
N ALA A 79 1.23 35.44 36.92
CA ALA A 79 2.37 34.64 36.49
C ALA A 79 1.98 33.19 36.34
N TYR A 80 1.12 32.65 37.25
CA TYR A 80 0.59 31.28 37.15
C TYR A 80 -0.22 31.10 35.87
N SER A 81 -1.12 32.07 35.57
CA SER A 81 -1.98 32.10 34.38
C SER A 81 -1.11 32.15 33.11
N ASN A 82 -0.13 33.05 33.06
CA ASN A 82 0.78 33.17 31.92
C ASN A 82 1.67 31.94 31.76
N MET A 83 2.11 31.33 32.89
CA MET A 83 2.89 30.09 32.82
C MET A 83 2.01 28.97 32.24
N GLY A 84 0.72 28.97 32.62
CA GLY A 84 -0.27 28.02 32.09
C GLY A 84 -0.38 28.13 30.57
N ASN A 85 -0.40 29.37 30.03
CA ASN A 85 -0.43 29.65 28.59
C ASN A 85 0.81 29.10 27.87
N THR A 86 1.99 29.20 28.50
CA THR A 86 3.25 28.66 27.94
C THR A 86 3.19 27.13 27.91
N LEU A 87 2.69 26.50 28.99
CA LEU A 87 2.57 25.04 29.06
C LEU A 87 1.58 24.49 28.03
N LYS A 88 0.48 25.22 27.83
CA LYS A 88 -0.53 24.86 26.83
C LYS A 88 0.12 24.84 25.43
N GLU A 89 0.96 25.86 25.13
CA GLU A 89 1.65 25.96 23.85
C GLU A 89 2.70 24.83 23.70
N MET A 90 3.25 24.34 24.83
CA MET A 90 4.22 23.24 24.88
C MET A 90 3.56 21.87 24.84
N GLN A 91 2.21 21.84 24.75
CA GLN A 91 1.37 20.64 24.73
C GLN A 91 1.34 19.89 26.06
N ASP A 92 1.65 20.61 27.18
CA ASP A 92 1.54 20.05 28.52
C ASP A 92 0.17 20.54 29.03
N VAL A 93 -0.90 19.81 28.66
CA VAL A 93 -2.30 20.13 29.01
C VAL A 93 -2.57 20.02 30.52
N GLN A 94 -2.08 18.95 31.15
CA GLN A 94 -2.23 18.75 32.60
C GLN A 94 -1.51 19.84 33.40
N GLY A 95 -0.30 20.18 32.96
CA GLY A 95 0.52 21.22 33.58
C GLY A 95 -0.18 22.56 33.49
N ALA A 96 -0.69 22.92 32.29
CA ALA A 96 -1.43 24.18 32.06
C ALA A 96 -2.63 24.27 32.97
N LEU A 97 -3.41 23.18 33.06
CA LEU A 97 -4.61 23.13 33.92
C LEU A 97 -4.23 23.37 35.38
N GLN A 98 -3.13 22.73 35.83
CA GLN A 98 -2.64 22.90 37.20
C GLN A 98 -2.35 24.38 37.46
N CYS A 99 -1.70 25.08 36.51
CA CYS A 99 -1.37 26.50 36.62
C CYS A 99 -2.59 27.39 36.68
N TYR A 100 -3.59 27.16 35.78
CA TYR A 100 -4.82 27.97 35.80
C TYR A 100 -5.58 27.71 37.10
N THR A 101 -5.58 26.44 37.60
CA THR A 101 -6.24 26.04 38.84
C THR A 101 -5.64 26.80 40.02
N ARG A 102 -4.31 26.90 40.07
CA ARG A 102 -3.60 27.62 41.13
C ARG A 102 -3.91 29.12 41.04
N ALA A 103 -3.93 29.70 39.82
CA ALA A 103 -4.26 31.12 39.61
C ALA A 103 -5.64 31.49 40.18
N ILE A 104 -6.65 30.63 39.96
CA ILE A 104 -8.03 30.80 40.43
C ILE A 104 -8.10 30.64 41.96
N GLN A 105 -7.28 29.74 42.52
CA GLN A 105 -7.22 29.53 43.98
C GLN A 105 -6.61 30.76 44.67
N ILE A 106 -5.54 31.33 44.07
CA ILE A 106 -4.84 32.52 44.57
C ILE A 106 -5.76 33.75 44.47
N ASN A 107 -6.42 33.94 43.32
CA ASN A 107 -7.35 35.04 43.07
C ASN A 107 -8.64 34.51 42.43
N PRO A 108 -9.70 34.23 43.24
CA PRO A 108 -10.96 33.70 42.67
C PRO A 108 -11.70 34.67 41.74
N ALA A 109 -11.30 35.95 41.77
CA ALA A 109 -11.86 37.03 40.97
C ALA A 109 -11.09 37.28 39.66
N PHE A 110 -10.13 36.40 39.34
CA PHE A 110 -9.28 36.55 38.16
C PHE A 110 -9.98 35.97 36.95
N ALA A 111 -10.73 36.84 36.22
CA ALA A 111 -11.53 36.51 35.03
C ALA A 111 -10.71 35.79 33.94
N ASP A 112 -9.49 36.30 33.63
CA ASP A 112 -8.60 35.70 32.61
C ASP A 112 -8.29 34.23 32.87
N ALA A 113 -8.00 33.86 34.14
CA ALA A 113 -7.64 32.49 34.54
C ALA A 113 -8.81 31.53 34.34
N HIS A 114 -10.04 32.01 34.60
CA HIS A 114 -11.26 31.22 34.39
C HIS A 114 -11.46 30.97 32.91
N SER A 115 -11.18 31.99 32.09
CA SER A 115 -11.31 31.93 30.62
C SER A 115 -10.28 30.98 30.04
N ASN A 116 -9.03 31.04 30.54
CA ASN A 116 -7.95 30.16 30.11
C ASN A 116 -8.29 28.71 30.53
N LEU A 117 -8.86 28.52 31.75
CA LEU A 117 -9.30 27.18 32.21
C LEU A 117 -10.42 26.66 31.30
N ALA A 118 -11.35 27.56 30.93
CA ALA A 118 -12.45 27.21 30.01
C ALA A 118 -11.91 26.76 28.65
N SER A 119 -10.82 27.40 28.15
CA SER A 119 -10.21 27.00 26.88
C SER A 119 -9.60 25.57 26.91
N ILE A 120 -9.11 25.11 28.08
CA ILE A 120 -8.58 23.74 28.28
C ILE A 120 -9.75 22.76 28.21
N HIS A 121 -10.86 23.09 28.89
CA HIS A 121 -12.05 22.22 28.87
C HIS A 121 -12.60 22.15 27.43
N LYS A 122 -12.60 23.29 26.71
CA LYS A 122 -13.07 23.39 25.32
C LYS A 122 -12.21 22.50 24.40
N ASP A 123 -10.89 22.68 24.44
CA ASP A 123 -9.94 21.93 23.60
C ASP A 123 -9.88 20.44 23.92
N SER A 124 -10.29 20.06 25.14
CA SER A 124 -10.37 18.67 25.59
C SER A 124 -11.76 18.06 25.32
N GLY A 125 -12.62 18.82 24.63
CA GLY A 125 -13.96 18.39 24.24
C GLY A 125 -15.07 18.51 25.28
N ASN A 126 -14.75 18.95 26.52
CA ASN A 126 -15.70 19.10 27.62
C ASN A 126 -16.38 20.48 27.55
N ILE A 127 -17.27 20.63 26.57
CA ILE A 127 -18.00 21.87 26.32
C ILE A 127 -18.84 22.35 27.51
N PRO A 128 -19.64 21.52 28.23
CA PRO A 128 -20.42 22.05 29.37
C PRO A 128 -19.53 22.67 30.45
N GLU A 129 -18.33 22.12 30.71
CA GLU A 129 -17.40 22.69 31.69
C GLU A 129 -16.74 23.96 31.15
N ALA A 130 -16.47 24.01 29.83
CA ALA A 130 -15.92 25.18 29.13
C ALA A 130 -16.94 26.33 29.26
N ILE A 131 -18.22 26.06 28.95
CA ILE A 131 -19.35 27.01 29.07
C ILE A 131 -19.44 27.54 30.53
N ALA A 132 -19.34 26.66 31.53
CA ALA A 132 -19.45 27.06 32.94
C ALA A 132 -18.32 28.01 33.36
N SER A 133 -17.08 27.71 32.96
CA SER A 133 -15.91 28.53 33.27
C SER A 133 -15.92 29.88 32.50
N TYR A 134 -16.39 29.90 31.22
CA TYR A 134 -16.51 31.17 30.46
C TYR A 134 -17.55 32.08 31.08
N ARG A 135 -18.65 31.48 31.58
CA ARG A 135 -19.73 32.25 32.23
C ARG A 135 -19.23 32.87 33.53
N THR A 136 -18.39 32.14 34.31
CA THR A 136 -17.77 32.69 35.52
C THR A 136 -16.87 33.90 35.13
N ALA A 137 -16.05 33.75 34.05
CA ALA A 137 -15.18 34.81 33.54
C ALA A 137 -15.96 36.07 33.20
N LEU A 138 -17.11 35.92 32.52
CA LEU A 138 -18.00 37.00 32.11
C LEU A 138 -18.79 37.58 33.29
N LYS A 139 -19.06 36.78 34.33
CA LYS A 139 -19.74 37.23 35.56
C LYS A 139 -18.77 38.22 36.26
N LEU A 140 -17.49 37.83 36.32
CA LEU A 140 -16.39 38.60 36.92
C LEU A 140 -15.99 39.83 36.10
N LYS A 141 -15.93 39.68 34.77
CA LYS A 141 -15.58 40.76 33.84
C LYS A 141 -16.57 40.78 32.66
N PRO A 142 -17.69 41.56 32.78
CA PRO A 142 -18.70 41.60 31.72
C PRO A 142 -18.21 41.98 30.33
N ASP A 143 -17.22 42.89 30.25
CA ASP A 143 -16.61 43.35 29.01
C ASP A 143 -15.34 42.51 28.83
N PHE A 144 -15.51 41.34 28.19
CA PHE A 144 -14.39 40.41 27.99
C PHE A 144 -14.53 39.74 26.60
N PRO A 145 -14.09 40.44 25.52
CA PRO A 145 -14.28 39.89 24.18
C PRO A 145 -13.82 38.45 23.94
N ASP A 146 -12.64 38.05 24.45
CA ASP A 146 -12.15 36.66 24.27
C ASP A 146 -13.09 35.62 24.85
N ALA A 147 -13.55 35.83 26.08
CA ALA A 147 -14.47 34.92 26.76
C ALA A 147 -15.84 34.92 26.09
N TYR A 148 -16.39 36.09 25.71
CA TYR A 148 -17.70 36.16 25.06
C TYR A 148 -17.71 35.38 23.74
N CYS A 149 -16.69 35.61 22.89
CA CYS A 149 -16.60 34.97 21.57
C CYS A 149 -16.31 33.48 21.65
N ASN A 150 -15.47 33.07 22.63
CA ASN A 150 -15.18 31.67 22.84
C ASN A 150 -16.40 30.95 23.38
N LEU A 151 -17.16 31.62 24.27
CA LEU A 151 -18.42 31.06 24.77
C LEU A 151 -19.43 30.92 23.61
N ALA A 152 -19.51 31.92 22.71
CA ALA A 152 -20.43 31.89 21.57
C ALA A 152 -20.16 30.67 20.67
N HIS A 153 -18.87 30.32 20.50
CA HIS A 153 -18.48 29.17 19.72
C HIS A 153 -18.86 27.86 20.45
N CYS A 154 -18.67 27.78 21.80
CA CYS A 154 -19.10 26.61 22.59
C CYS A 154 -20.61 26.40 22.39
N LEU A 155 -21.38 27.51 22.48
CA LEU A 155 -22.83 27.49 22.32
C LEU A 155 -23.22 27.03 20.94
N GLN A 156 -22.45 27.43 19.92
CA GLN A 156 -22.66 27.02 18.52
C GLN A 156 -22.46 25.49 18.37
N ILE A 157 -21.40 24.94 18.98
CA ILE A 157 -21.02 23.51 18.93
C ILE A 157 -22.15 22.63 19.48
N VAL A 158 -22.80 23.07 20.56
CA VAL A 158 -23.86 22.29 21.22
C VAL A 158 -25.28 22.65 20.78
N CYS A 159 -25.40 23.57 19.81
CA CYS A 159 -26.69 24.07 19.31
C CYS A 159 -27.55 24.70 20.42
N ASP A 160 -26.89 25.47 21.30
CA ASP A 160 -27.58 26.24 22.33
C ASP A 160 -27.85 27.57 21.66
N TRP A 161 -29.13 27.81 21.32
CA TRP A 161 -29.55 29.02 20.62
C TRP A 161 -30.32 30.02 21.51
N THR A 162 -30.06 30.02 22.83
CA THR A 162 -30.70 30.97 23.76
C THR A 162 -30.24 32.40 23.38
N ASP A 163 -31.20 33.30 23.13
CA ASP A 163 -30.97 34.72 22.76
C ASP A 163 -29.97 34.83 21.59
N TYR A 164 -30.16 33.95 20.58
CA TYR A 164 -29.29 33.81 19.41
C TYR A 164 -29.08 35.10 18.62
N ASP A 165 -30.18 35.78 18.22
CA ASP A 165 -30.15 37.02 17.45
C ASP A 165 -29.36 38.13 18.16
N GLU A 166 -29.57 38.27 19.48
CA GLU A 166 -28.87 39.26 20.32
C GLU A 166 -27.39 38.84 20.44
N ARG A 167 -27.13 37.52 20.54
CA ARG A 167 -25.75 37.00 20.63
C ARG A 167 -25.01 37.37 19.34
N MET A 168 -25.66 37.15 18.17
CA MET A 168 -25.08 37.45 16.86
C MET A 168 -24.81 38.93 16.72
N LYS A 169 -25.73 39.80 17.20
CA LYS A 169 -25.55 41.26 17.15
C LYS A 169 -24.33 41.70 17.99
N LYS A 170 -24.17 41.09 19.18
CA LYS A 170 -23.05 41.39 20.10
C LYS A 170 -21.71 40.97 19.51
N LEU A 171 -21.65 39.80 18.83
CA LEU A 171 -20.42 39.31 18.18
C LEU A 171 -19.96 40.31 17.11
N VAL A 172 -20.89 40.76 16.26
CA VAL A 172 -20.64 41.75 15.19
C VAL A 172 -20.12 43.05 15.83
N SER A 173 -20.77 43.51 16.94
CA SER A 173 -20.41 44.73 17.66
CA SER A 173 -20.40 44.73 17.66
C SER A 173 -19.00 44.63 18.25
N ILE A 174 -18.66 43.44 18.82
CA ILE A 174 -17.33 43.17 19.41
C ILE A 174 -16.26 43.25 18.30
N VAL A 175 -16.48 42.55 17.16
CA VAL A 175 -15.57 42.54 16.00
C VAL A 175 -15.37 43.98 15.46
N ALA A 176 -16.47 44.74 15.28
CA ALA A 176 -16.44 46.14 14.80
C ALA A 176 -15.54 47.03 15.66
N ASP A 177 -15.66 46.91 17.00
CA ASP A 177 -14.89 47.68 17.99
C ASP A 177 -13.42 47.28 17.98
N GLN A 178 -13.12 45.98 17.88
CA GLN A 178 -11.74 45.48 17.87
C GLN A 178 -11.00 45.90 16.60
N LEU A 179 -11.66 45.84 15.43
CA LEU A 179 -11.08 46.25 14.16
C LEU A 179 -10.80 47.75 14.14
N GLU A 180 -11.73 48.54 14.72
CA GLU A 180 -11.64 50.00 14.84
C GLU A 180 -10.50 50.42 15.78
N LYS A 181 -10.30 49.67 16.89
CA LYS A 181 -9.27 49.97 17.90
C LYS A 181 -7.92 49.26 17.65
N ASN A 182 -7.75 48.67 16.44
CA ASN A 182 -6.54 47.96 15.98
C ASN A 182 -6.10 46.83 16.95
N ARG A 183 -7.07 46.03 17.42
CA ARG A 183 -6.83 44.90 18.31
C ARG A 183 -7.20 43.61 17.58
N LEU A 184 -6.48 42.51 17.84
CA LEU A 184 -6.75 41.22 17.19
C LEU A 184 -8.17 40.74 17.52
N PRO A 185 -9.05 40.57 16.50
CA PRO A 185 -10.43 40.16 16.78
C PRO A 185 -10.54 38.83 17.53
N SER A 186 -11.48 38.77 18.48
CA SER A 186 -11.74 37.58 19.33
C SER A 186 -12.47 36.45 18.60
N VAL A 187 -13.00 36.72 17.39
CA VAL A 187 -13.66 35.69 16.57
C VAL A 187 -12.56 35.16 15.66
N HIS A 188 -12.33 33.84 15.71
CA HIS A 188 -11.30 33.21 14.89
C HIS A 188 -11.73 33.25 13.40
N PRO A 189 -10.80 33.54 12.43
CA PRO A 189 -11.21 33.57 11.00
C PRO A 189 -11.86 32.27 10.50
N HIS A 190 -11.45 31.12 11.04
CA HIS A 190 -12.04 29.82 10.66
C HIS A 190 -13.51 29.68 11.13
N HIS A 191 -13.92 30.50 12.11
CA HIS A 191 -15.29 30.49 12.65
C HIS A 191 -16.14 31.64 12.10
N SER A 192 -15.52 32.66 11.44
CA SER A 192 -16.18 33.87 10.94
C SER A 192 -17.35 33.64 9.97
N MET A 193 -17.34 32.53 9.22
CA MET A 193 -18.44 32.24 8.28
C MET A 193 -19.73 31.79 9.02
N LEU A 194 -19.63 31.41 10.32
CA LEU A 194 -20.78 30.95 11.10
C LEU A 194 -21.64 32.10 11.64
N TYR A 195 -21.12 33.33 11.59
CA TYR A 195 -21.79 34.50 12.16
C TYR A 195 -22.13 35.53 11.07
N PRO A 196 -23.18 36.37 11.25
CA PRO A 196 -23.57 37.29 10.16
C PRO A 196 -22.71 38.55 10.05
N LEU A 197 -21.40 38.35 9.94
CA LEU A 197 -20.43 39.42 9.78
C LEU A 197 -20.43 39.81 8.31
N SER A 198 -20.03 41.04 7.99
CA SER A 198 -19.95 41.46 6.60
C SER A 198 -18.73 40.77 5.95
N HIS A 199 -18.70 40.69 4.62
CA HIS A 199 -17.55 40.10 3.91
C HIS A 199 -16.29 40.90 4.21
N GLY A 200 -16.45 42.23 4.35
CA GLY A 200 -15.39 43.16 4.70
C GLY A 200 -14.80 42.85 6.05
N PHE A 201 -15.67 42.54 7.04
CA PHE A 201 -15.25 42.16 8.40
C PHE A 201 -14.55 40.80 8.40
N ARG A 202 -15.11 39.81 7.66
CA ARG A 202 -14.51 38.47 7.58
C ARG A 202 -13.11 38.53 6.96
N LYS A 203 -12.94 39.35 5.91
CA LYS A 203 -11.64 39.57 5.26
C LYS A 203 -10.66 40.28 6.22
N ALA A 204 -11.12 41.32 6.94
CA ALA A 204 -10.31 42.08 7.89
C ALA A 204 -9.82 41.22 9.07
N ILE A 205 -10.66 40.30 9.59
CA ILE A 205 -10.26 39.36 10.66
C ILE A 205 -9.10 38.51 10.13
N ALA A 206 -9.27 37.93 8.91
CA ALA A 206 -8.26 37.09 8.24
C ALA A 206 -6.94 37.87 8.09
N GLU A 207 -7.03 39.13 7.60
CA GLU A 207 -5.89 40.04 7.41
CA GLU A 207 -5.88 40.02 7.41
C GLU A 207 -5.10 40.22 8.71
N ARG A 208 -5.82 40.37 9.86
CA ARG A 208 -5.18 40.56 11.18
C ARG A 208 -4.38 39.32 11.59
N HIS A 209 -4.87 38.13 11.20
CA HIS A 209 -4.19 36.86 11.47
C HIS A 209 -2.97 36.70 10.60
N GLY A 210 -3.07 37.15 9.34
CA GLY A 210 -1.97 37.17 8.39
C GLY A 210 -0.87 38.09 8.86
N ASN A 211 -1.26 39.26 9.43
CA ASN A 211 -0.35 40.26 10.01
C ASN A 211 0.44 39.73 11.22
N LEU A 212 -0.16 38.80 12.01
CA LEU A 212 0.52 38.15 13.15
C LEU A 212 1.71 37.34 12.62
N CYS A 213 1.52 36.62 11.48
CA CYS A 213 2.56 35.82 10.84
C CYS A 213 3.71 36.69 10.37
N LEU A 214 3.38 37.85 9.73
CA LEU A 214 4.38 38.81 9.25
C LEU A 214 5.19 39.39 10.41
N ASP A 215 4.52 39.73 11.53
CA ASP A 215 5.15 40.24 12.76
C ASP A 215 6.13 39.23 13.36
N LYS A 216 5.76 37.93 13.34
CA LYS A 216 6.58 36.84 13.84
C LYS A 216 7.81 36.58 12.96
N ILE A 217 7.71 36.83 11.64
CA ILE A 217 8.84 36.64 10.71
C ILE A 217 9.77 37.85 10.57
N ASN A 218 9.25 39.07 10.81
CA ASN A 218 10.03 40.31 10.72
C ASN A 218 11.17 40.36 11.73
N VAL A 219 11.02 39.66 12.88
CA VAL A 219 12.03 39.56 13.93
C VAL A 219 13.24 38.71 13.51
N LEU A 220 13.07 37.84 12.49
CA LEU A 220 14.15 37.02 11.95
C LEU A 220 15.10 37.88 11.10
N HIS A 221 14.62 39.07 10.66
CA HIS A 221 15.34 40.06 9.83
C HIS A 221 15.90 39.46 8.54
N LYS A 222 15.11 38.57 7.94
CA LYS A 222 15.48 37.87 6.72
C LYS A 222 15.21 38.72 5.48
N PRO A 223 16.19 38.77 4.54
CA PRO A 223 15.96 39.54 3.30
C PRO A 223 14.97 38.85 2.36
N PRO A 224 14.40 39.55 1.34
CA PRO A 224 13.52 38.83 0.40
C PRO A 224 14.32 37.83 -0.43
N TYR A 225 13.75 36.64 -0.68
CA TYR A 225 14.40 35.59 -1.43
C TYR A 225 14.48 35.88 -2.93
N GLU A 226 15.57 35.41 -3.57
CA GLU A 226 15.75 35.49 -5.02
C GLU A 226 14.95 34.31 -5.57
N HIS A 227 13.96 34.58 -6.41
CA HIS A 227 13.09 33.53 -6.95
C HIS A 227 13.51 33.06 -8.35
N PRO A 228 13.22 31.80 -8.76
CA PRO A 228 13.55 31.39 -10.14
C PRO A 228 12.73 32.19 -11.14
N LYS A 229 13.31 32.52 -12.30
CA LYS A 229 12.65 33.32 -13.34
C LYS A 229 12.32 32.47 -14.58
N ASP A 230 12.69 31.18 -14.55
CA ASP A 230 12.49 30.23 -15.64
C ASP A 230 12.49 28.81 -15.08
N LEU A 231 12.32 27.81 -15.95
CA LEU A 231 12.30 26.40 -15.56
C LEU A 231 13.59 25.65 -16.00
N LYS A 232 14.66 26.40 -16.37
CA LYS A 232 15.94 25.86 -16.84
C LYS A 232 16.68 24.99 -15.83
N LEU A 233 16.78 25.44 -14.57
CA LEU A 233 17.46 24.69 -13.49
C LEU A 233 16.65 23.47 -13.03
N SER A 234 15.37 23.40 -13.39
CA SER A 234 14.48 22.30 -13.04
C SER A 234 14.16 21.43 -14.27
N ASP A 235 14.95 21.57 -15.36
CA ASP A 235 14.84 20.80 -16.61
C ASP A 235 13.42 20.92 -17.26
N GLY A 236 12.91 22.14 -17.32
CA GLY A 236 11.61 22.45 -17.90
C GLY A 236 10.41 22.06 -17.05
N ARG A 237 10.66 21.59 -15.80
CA ARG A 237 9.59 21.17 -14.90
C ARG A 237 9.21 22.27 -13.92
N LEU A 238 7.91 22.37 -13.62
CA LEU A 238 7.42 23.32 -12.63
C LEU A 238 7.48 22.66 -11.25
N ARG A 239 8.22 23.27 -10.33
CA ARG A 239 8.38 22.74 -8.97
C ARG A 239 7.23 23.23 -8.10
N VAL A 240 6.33 22.31 -7.71
CA VAL A 240 5.15 22.62 -6.90
C VAL A 240 5.36 22.05 -5.51
N GLY A 241 5.21 22.89 -4.50
CA GLY A 241 5.35 22.51 -3.11
C GLY A 241 4.02 22.53 -2.38
N TYR A 242 3.56 21.35 -1.91
CA TYR A 242 2.32 21.21 -1.13
C TYR A 242 2.68 21.24 0.35
N VAL A 243 2.21 22.28 1.07
CA VAL A 243 2.50 22.47 2.50
C VAL A 243 1.25 22.14 3.30
N SER A 244 1.33 21.11 4.15
CA SER A 244 0.18 20.69 4.95
C SER A 244 0.56 20.01 6.26
N SER A 245 -0.24 20.26 7.31
CA SER A 245 -0.08 19.58 8.59
C SER A 245 -0.95 18.31 8.58
N ASP A 246 -1.66 18.08 7.47
CA ASP A 246 -2.65 17.02 7.37
C ASP A 246 -2.32 15.84 6.45
N PHE A 247 -1.02 15.55 6.25
CA PHE A 247 -0.60 14.38 5.46
C PHE A 247 -0.61 13.21 6.45
N GLY A 248 -1.76 12.57 6.52
CA GLY A 248 -2.04 11.48 7.44
C GLY A 248 -3.53 11.30 7.59
N ASN A 249 -3.97 10.73 8.73
CA ASN A 249 -5.40 10.51 8.94
C ASN A 249 -6.13 11.81 9.25
N HIS A 250 -6.62 12.46 8.19
CA HIS A 250 -7.31 13.75 8.29
C HIS A 250 -8.12 13.97 7.01
N PRO A 251 -9.28 14.68 7.07
CA PRO A 251 -10.05 14.94 5.83
C PRO A 251 -9.22 15.41 4.63
N THR A 252 -8.21 16.28 4.85
CA THR A 252 -7.37 16.76 3.73
C THR A 252 -6.79 15.60 2.89
N SER A 253 -6.17 14.61 3.55
CA SER A 253 -5.62 13.44 2.83
C SER A 253 -6.73 12.58 2.22
N HIS A 254 -7.91 12.50 2.88
CA HIS A 254 -9.07 11.74 2.36
C HIS A 254 -9.59 12.41 1.08
N LEU A 255 -9.23 13.68 0.82
CA LEU A 255 -9.64 14.35 -0.41
C LEU A 255 -8.56 14.29 -1.50
N MET A 256 -7.29 14.55 -1.13
CA MET A 256 -6.24 14.73 -2.12
C MET A 256 -5.06 13.77 -2.13
N GLN A 257 -5.10 12.69 -1.34
CA GLN A 257 -3.94 11.79 -1.28
C GLN A 257 -3.46 11.24 -2.62
N SER A 258 -4.34 11.11 -3.64
CA SER A 258 -3.92 10.58 -4.93
C SER A 258 -3.29 11.63 -5.85
N ILE A 259 -3.54 12.93 -5.60
CA ILE A 259 -3.04 14.02 -6.46
C ILE A 259 -1.52 14.06 -6.67
N PRO A 260 -0.67 14.04 -5.61
CA PRO A 260 0.78 14.07 -5.86
C PRO A 260 1.30 13.01 -6.85
N GLY A 261 0.81 11.78 -6.72
CA GLY A 261 1.22 10.68 -7.59
C GLY A 261 0.65 10.72 -9.00
N MET A 262 -0.35 11.57 -9.24
CA MET A 262 -0.98 11.72 -10.54
C MET A 262 -0.39 12.87 -11.34
N HIS A 263 0.53 13.64 -10.71
CA HIS A 263 1.18 14.74 -11.43
C HIS A 263 2.07 14.18 -12.54
N ASN A 264 2.10 14.88 -13.69
CA ASN A 264 2.89 14.51 -14.85
C ASN A 264 4.38 14.79 -14.56
N PRO A 265 5.23 13.73 -14.41
CA PRO A 265 6.66 13.97 -14.11
C PRO A 265 7.47 14.67 -15.19
N ASP A 266 6.98 14.68 -16.44
CA ASP A 266 7.67 15.36 -17.54
C ASP A 266 7.58 16.89 -17.40
N LYS A 267 6.52 17.39 -16.76
CA LYS A 267 6.32 18.84 -16.65
C LYS A 267 6.26 19.36 -15.22
N PHE A 268 6.16 18.46 -14.23
CA PHE A 268 6.03 18.83 -12.83
C PHE A 268 6.93 18.02 -11.94
N GLU A 269 7.44 18.67 -10.89
CA GLU A 269 8.27 18.05 -9.86
C GLU A 269 7.57 18.38 -8.55
N VAL A 270 7.03 17.36 -7.87
CA VAL A 270 6.20 17.53 -6.67
C VAL A 270 6.98 17.39 -5.38
N PHE A 271 6.87 18.40 -4.52
CA PHE A 271 7.50 18.42 -3.21
C PHE A 271 6.38 18.55 -2.18
N CYS A 272 6.29 17.59 -1.24
CA CYS A 272 5.29 17.65 -0.18
C CYS A 272 6.00 18.00 1.11
N TYR A 273 5.60 19.13 1.72
CA TYR A 273 6.18 19.62 2.97
C TYR A 273 5.22 19.33 4.10
N ALA A 274 5.52 18.28 4.89
CA ALA A 274 4.68 17.89 6.01
C ALA A 274 4.96 18.75 7.24
N LEU A 275 3.90 19.31 7.85
CA LEU A 275 4.01 20.11 9.06
C LEU A 275 3.76 19.26 10.33
N SER A 276 3.35 18.01 10.12
CA SER A 276 3.06 17.09 11.22
C SER A 276 3.99 15.88 11.16
N PRO A 277 4.28 15.24 12.33
CA PRO A 277 5.08 14.01 12.29
C PRO A 277 4.27 12.87 11.66
N ASP A 278 4.97 11.79 11.25
CA ASP A 278 4.36 10.61 10.63
C ASP A 278 3.44 9.92 11.65
N ASP A 279 2.13 9.82 11.35
CA ASP A 279 1.15 9.19 12.25
C ASP A 279 1.01 7.66 12.09
N GLY A 280 1.83 7.06 11.22
CA GLY A 280 1.84 5.62 10.96
C GLY A 280 0.73 5.10 10.05
N THR A 281 -0.12 6.00 9.51
CA THR A 281 -1.24 5.60 8.66
C THR A 281 -0.86 5.46 7.20
N ASN A 282 -1.70 4.73 6.42
CA ASN A 282 -1.51 4.52 4.99
C ASN A 282 -1.63 5.80 4.18
N PHE A 283 -2.33 6.82 4.72
CA PHE A 283 -2.47 8.12 4.04
C PHE A 283 -1.10 8.78 3.97
N ARG A 284 -0.35 8.74 5.07
CA ARG A 284 0.99 9.31 5.12
C ARG A 284 1.93 8.45 4.24
N VAL A 285 1.82 7.12 4.31
CA VAL A 285 2.62 6.19 3.48
C VAL A 285 2.47 6.56 1.98
N LYS A 286 1.21 6.71 1.50
CA LYS A 286 0.90 6.99 0.11
C LYS A 286 1.56 8.27 -0.40
N VAL A 287 1.35 9.39 0.31
CA VAL A 287 1.92 10.69 -0.06
C VAL A 287 3.48 10.63 -0.03
N MET A 288 4.08 9.97 0.99
CA MET A 288 5.54 9.81 1.06
C MET A 288 6.08 8.98 -0.12
N ALA A 289 5.35 7.94 -0.52
CA ALA A 289 5.75 7.04 -1.62
C ALA A 289 5.57 7.64 -3.00
N GLU A 290 4.54 8.48 -3.18
CA GLU A 290 4.17 9.03 -4.49
C GLU A 290 4.66 10.42 -4.84
N ALA A 291 4.94 11.28 -3.85
CA ALA A 291 5.51 12.60 -4.15
C ALA A 291 6.94 12.39 -4.66
N ASN A 292 7.44 13.27 -5.54
CA ASN A 292 8.82 13.14 -6.02
C ASN A 292 9.78 13.38 -4.86
N HIS A 293 9.37 14.26 -3.92
CA HIS A 293 10.13 14.60 -2.72
C HIS A 293 9.17 14.79 -1.56
N PHE A 294 9.55 14.26 -0.40
CA PHE A 294 8.78 14.40 0.83
C PHE A 294 9.70 14.91 1.91
N ILE A 295 9.38 16.09 2.47
CA ILE A 295 10.19 16.79 3.47
C ILE A 295 9.41 16.92 4.77
N ASP A 296 9.96 16.39 5.86
CA ASP A 296 9.30 16.47 7.17
C ASP A 296 9.73 17.75 7.90
N LEU A 297 8.94 18.83 7.73
CA LEU A 297 9.20 20.12 8.37
C LEU A 297 8.85 20.12 9.86
N SER A 298 8.17 19.06 10.36
CA SER A 298 7.87 18.97 11.80
C SER A 298 9.18 18.83 12.60
N GLN A 299 10.25 18.36 11.94
CA GLN A 299 11.60 18.19 12.51
C GLN A 299 12.43 19.48 12.41
N ILE A 300 11.87 20.52 11.75
CA ILE A 300 12.51 21.84 11.58
C ILE A 300 11.56 22.91 12.21
N PRO A 301 11.57 23.06 13.57
CA PRO A 301 10.65 24.03 14.19
C PRO A 301 10.87 25.51 13.84
N CYS A 302 12.12 25.90 13.47
CA CYS A 302 12.42 27.29 13.09
C CYS A 302 11.81 27.61 11.71
N ASN A 303 10.95 28.64 11.65
CA ASN A 303 10.31 29.04 10.39
C ASN A 303 11.30 29.62 9.36
N GLY A 304 12.39 30.21 9.84
CA GLY A 304 13.46 30.73 9.01
C GLY A 304 14.21 29.61 8.29
N LYS A 305 14.62 28.57 9.05
CA LYS A 305 15.31 27.40 8.51
C LYS A 305 14.40 26.57 7.60
N ALA A 306 13.11 26.44 7.96
CA ALA A 306 12.14 25.71 7.13
C ALA A 306 11.86 26.43 5.81
N ALA A 307 11.76 27.78 5.81
CA ALA A 307 11.56 28.56 4.57
C ALA A 307 12.82 28.51 3.70
N ASP A 308 14.03 28.49 4.33
CA ASP A 308 15.31 28.36 3.63
C ASP A 308 15.34 27.04 2.89
N ARG A 309 14.82 25.97 3.53
CA ARG A 309 14.72 24.62 2.96
C ARG A 309 13.82 24.62 1.72
N ILE A 310 12.64 25.27 1.81
CA ILE A 310 11.70 25.38 0.69
C ILE A 310 12.36 26.11 -0.49
N HIS A 311 12.99 27.26 -0.21
CA HIS A 311 13.69 28.08 -1.21
C HIS A 311 14.84 27.32 -1.88
N GLN A 312 15.62 26.55 -1.08
CA GLN A 312 16.74 25.73 -1.56
C GLN A 312 16.23 24.69 -2.60
N ASP A 313 15.03 24.14 -2.38
CA ASP A 313 14.41 23.19 -3.29
C ASP A 313 13.98 23.81 -4.65
N GLY A 314 13.92 25.13 -4.73
CA GLY A 314 13.61 25.89 -5.93
C GLY A 314 12.15 25.93 -6.33
N ILE A 315 11.25 25.87 -5.33
CA ILE A 315 9.79 25.88 -5.52
C ILE A 315 9.32 27.08 -6.34
N HIS A 316 8.53 26.82 -7.40
CA HIS A 316 7.95 27.88 -8.23
C HIS A 316 6.58 28.27 -7.67
N ILE A 317 5.75 27.26 -7.31
CA ILE A 317 4.42 27.48 -6.74
C ILE A 317 4.32 26.78 -5.38
N LEU A 318 4.13 27.56 -4.30
CA LEU A 318 3.97 27.00 -2.96
C LEU A 318 2.50 27.01 -2.60
N VAL A 319 1.97 25.86 -2.22
CA VAL A 319 0.54 25.66 -1.96
C VAL A 319 0.21 25.56 -0.48
N ASN A 320 -0.60 26.51 -0.01
CA ASN A 320 -1.05 26.58 1.37
C ASN A 320 -2.33 25.76 1.55
N MET A 321 -2.19 24.58 2.18
CA MET A 321 -3.33 23.70 2.39
C MET A 321 -3.95 23.84 3.80
N ASN A 322 -3.44 24.73 4.64
CA ASN A 322 -3.97 24.93 5.99
C ASN A 322 -4.77 26.19 6.20
N GLY A 323 -4.23 27.34 5.77
CA GLY A 323 -4.85 28.61 6.12
C GLY A 323 -4.84 28.70 7.63
N TYR A 324 -5.94 29.16 8.24
CA TYR A 324 -6.02 29.28 9.70
C TYR A 324 -6.64 28.05 10.38
N THR A 325 -5.98 26.90 10.19
CA THR A 325 -6.37 25.61 10.76
C THR A 325 -5.24 25.01 11.57
N LYS A 326 -5.58 24.07 12.47
CA LYS A 326 -4.65 23.39 13.37
C LYS A 326 -3.39 22.86 12.65
N GLY A 327 -2.23 23.18 13.22
CA GLY A 327 -0.94 22.75 12.68
C GLY A 327 -0.35 23.66 11.63
N ALA A 328 -1.05 24.76 11.28
CA ALA A 328 -0.57 25.71 10.28
C ALA A 328 0.72 26.39 10.70
N ARG A 329 1.55 26.71 9.69
CA ARG A 329 2.77 27.48 9.86
C ARG A 329 2.79 28.51 8.72
N ASN A 330 1.82 29.45 8.77
CA ASN A 330 1.65 30.49 7.76
C ASN A 330 2.82 31.48 7.69
N GLU A 331 3.69 31.45 8.72
CA GLU A 331 4.94 32.19 8.81
C GLU A 331 5.85 31.79 7.63
N LEU A 332 5.78 30.51 7.18
CA LEU A 332 6.54 29.98 6.04
C LEU A 332 6.17 30.74 4.77
N PHE A 333 4.87 31.00 4.57
CA PHE A 333 4.34 31.74 3.43
C PHE A 333 4.60 33.24 3.56
N ALA A 334 4.57 33.77 4.80
CA ALA A 334 4.87 35.18 5.09
C ALA A 334 6.33 35.52 4.72
N LEU A 335 7.23 34.51 4.78
CA LEU A 335 8.63 34.66 4.39
C LEU A 335 8.82 34.67 2.87
N ARG A 336 7.75 34.34 2.11
CA ARG A 336 7.73 34.31 0.63
C ARG A 336 8.92 33.53 -0.01
N PRO A 337 9.12 32.23 0.31
CA PRO A 337 10.24 31.47 -0.32
C PRO A 337 9.99 31.10 -1.79
N ALA A 338 8.75 31.29 -2.27
CA ALA A 338 8.36 30.97 -3.64
C ALA A 338 7.77 32.20 -4.35
N PRO A 339 7.95 32.34 -5.69
CA PRO A 339 7.40 33.52 -6.39
C PRO A 339 5.87 33.54 -6.52
N ILE A 340 5.23 32.36 -6.49
CA ILE A 340 3.76 32.22 -6.57
C ILE A 340 3.30 31.39 -5.38
N GLN A 341 2.38 31.94 -4.59
CA GLN A 341 1.84 31.24 -3.42
C GLN A 341 0.33 31.19 -3.50
N ALA A 342 -0.24 29.98 -3.47
CA ALA A 342 -1.69 29.79 -3.64
C ALA A 342 -2.35 29.05 -2.49
N MET A 343 -3.58 29.48 -2.14
CA MET A 343 -4.42 28.85 -1.14
C MET A 343 -5.16 27.74 -1.85
N TRP A 344 -5.19 26.52 -1.26
CA TRP A 344 -5.88 25.39 -1.91
C TRP A 344 -6.47 24.37 -0.95
N LEU A 345 -7.78 24.16 -1.11
CA LEU A 345 -8.61 23.08 -0.56
C LEU A 345 -8.84 22.98 0.94
N GLY A 346 -7.79 23.10 1.75
CA GLY A 346 -7.93 22.93 3.19
C GLY A 346 -8.65 24.02 3.94
N TYR A 347 -8.53 25.26 3.48
CA TYR A 347 -9.13 26.40 4.15
C TYR A 347 -10.27 27.03 3.33
N PRO A 348 -11.52 26.99 3.85
CA PRO A 348 -12.66 27.52 3.09
C PRO A 348 -12.92 29.01 3.30
N GLY A 349 -11.94 29.83 2.96
CA GLY A 349 -12.07 31.28 3.08
C GLY A 349 -10.81 32.00 2.66
N THR A 350 -10.85 33.33 2.72
CA THR A 350 -9.68 34.12 2.35
C THR A 350 -8.63 34.10 3.45
N SER A 351 -7.34 34.15 3.08
CA SER A 351 -6.27 34.28 4.08
C SER A 351 -6.22 35.76 4.52
N GLY A 352 -6.75 36.65 3.67
CA GLY A 352 -6.72 38.09 3.90
C GLY A 352 -5.31 38.65 3.87
N ALA A 353 -4.31 37.80 3.56
CA ALA A 353 -2.89 38.14 3.60
C ALA A 353 -2.27 38.47 2.25
N LEU A 354 -1.43 39.53 2.24
CA LEU A 354 -0.72 40.00 1.04
C LEU A 354 0.30 38.97 0.51
N PHE A 355 0.82 38.10 1.38
CA PHE A 355 1.78 37.04 0.99
C PHE A 355 1.15 35.88 0.20
N MET A 356 -0.21 35.79 0.20
CA MET A 356 -0.89 34.76 -0.60
C MET A 356 -1.35 35.42 -1.90
N ASP A 357 -0.90 34.88 -3.04
CA ASP A 357 -1.20 35.45 -4.37
C ASP A 357 -2.55 35.06 -4.93
N TYR A 358 -2.86 33.76 -4.83
CA TYR A 358 -4.07 33.18 -5.38
C TYR A 358 -4.85 32.33 -4.40
N ILE A 359 -6.13 32.15 -4.71
CA ILE A 359 -7.02 31.21 -4.07
C ILE A 359 -7.54 30.32 -5.19
N ILE A 360 -7.32 29.01 -5.07
CA ILE A 360 -7.78 28.06 -6.07
C ILE A 360 -9.23 27.76 -5.73
N THR A 361 -10.12 28.17 -6.64
CA THR A 361 -11.57 28.07 -6.45
C THR A 361 -12.21 27.77 -7.82
N ASP A 362 -13.46 28.17 -8.00
CA ASP A 362 -14.19 28.00 -9.27
C ASP A 362 -15.28 29.05 -9.37
N GLN A 363 -15.87 29.21 -10.56
CA GLN A 363 -16.91 30.18 -10.86
C GLN A 363 -18.16 30.01 -10.00
N GLU A 364 -18.52 28.76 -9.66
CA GLU A 364 -19.71 28.50 -8.83
C GLU A 364 -19.49 28.89 -7.37
N THR A 365 -18.34 28.49 -6.81
CA THR A 365 -17.96 28.77 -5.42
C THR A 365 -17.70 30.26 -5.24
N SER A 366 -16.91 30.83 -6.15
CA SER A 366 -16.49 32.22 -6.00
C SER A 366 -16.72 33.04 -7.26
N PRO A 367 -17.99 33.41 -7.58
CA PRO A 367 -18.23 34.22 -8.79
C PRO A 367 -17.42 35.52 -8.82
N ALA A 368 -17.00 35.96 -10.02
CA ALA A 368 -16.18 37.16 -10.22
C ALA A 368 -16.73 38.40 -9.50
N GLU A 369 -18.06 38.49 -9.35
CA GLU A 369 -18.80 39.56 -8.68
C GLU A 369 -18.37 39.72 -7.22
N VAL A 370 -18.10 38.59 -6.55
CA VAL A 370 -17.69 38.56 -5.14
C VAL A 370 -16.17 38.53 -4.90
N ALA A 371 -15.36 38.95 -5.89
CA ALA A 371 -13.89 39.01 -5.78
C ALA A 371 -13.42 39.82 -4.56
N GLU A 372 -14.23 40.84 -4.16
CA GLU A 372 -14.04 41.75 -3.02
C GLU A 372 -13.93 41.02 -1.67
N GLN A 373 -14.55 39.84 -1.54
CA GLN A 373 -14.52 39.03 -0.31
C GLN A 373 -13.13 38.44 -0.05
N TYR A 374 -12.27 38.39 -1.08
CA TYR A 374 -10.94 37.77 -1.06
C TYR A 374 -9.81 38.77 -1.25
N SER A 375 -8.70 38.58 -0.53
CA SER A 375 -7.51 39.41 -0.71
C SER A 375 -6.73 38.86 -1.91
N GLU A 376 -6.82 37.53 -2.11
CA GLU A 376 -6.14 36.81 -3.20
C GLU A 376 -6.85 37.04 -4.53
N LYS A 377 -6.12 36.81 -5.62
CA LYS A 377 -6.71 36.84 -6.96
C LYS A 377 -7.37 35.47 -7.13
N LEU A 378 -8.48 35.41 -7.87
CA LEU A 378 -9.20 34.15 -8.09
C LEU A 378 -8.53 33.34 -9.18
N ALA A 379 -8.32 32.05 -8.91
CA ALA A 379 -7.72 31.13 -9.87
C ALA A 379 -8.71 29.98 -10.04
N TYR A 380 -9.46 29.99 -11.14
CA TYR A 380 -10.52 29.02 -11.37
C TYR A 380 -10.12 27.67 -11.91
N MET A 381 -10.61 26.63 -11.26
CA MET A 381 -10.59 25.26 -11.75
C MET A 381 -11.84 25.23 -12.67
N PRO A 382 -11.89 24.42 -13.75
CA PRO A 382 -13.02 24.52 -14.68
C PRO A 382 -14.40 24.05 -14.20
N HIS A 383 -14.46 23.10 -13.24
CA HIS A 383 -15.72 22.58 -12.73
C HIS A 383 -15.84 22.97 -11.27
N THR A 384 -15.30 22.17 -10.35
CA THR A 384 -15.25 22.58 -8.93
C THR A 384 -13.80 22.48 -8.47
N PHE A 385 -13.40 23.32 -7.51
CA PHE A 385 -12.07 23.20 -6.90
C PHE A 385 -12.11 22.01 -5.94
N PHE A 386 -13.34 21.59 -5.53
CA PHE A 386 -13.45 20.47 -4.61
C PHE A 386 -13.08 19.12 -5.26
N ILE A 387 -12.45 18.24 -4.50
CA ILE A 387 -12.04 16.90 -4.95
C ILE A 387 -12.14 15.95 -3.75
N GLY A 388 -12.30 14.67 -4.04
CA GLY A 388 -12.37 13.64 -3.02
C GLY A 388 -11.69 12.38 -3.51
N ASP A 389 -11.11 11.59 -2.61
CA ASP A 389 -10.43 10.34 -3.01
C ASP A 389 -11.34 9.10 -2.94
N HIS A 390 -12.65 9.31 -2.94
CA HIS A 390 -13.65 8.24 -2.81
C HIS A 390 -13.53 7.08 -3.78
N ALA A 391 -13.18 7.35 -5.07
CA ALA A 391 -13.06 6.29 -6.08
C ALA A 391 -11.91 5.34 -5.75
N ASN A 392 -10.85 5.86 -5.12
CA ASN A 392 -9.69 5.07 -4.68
C ASN A 392 -9.93 4.44 -3.30
N MET A 393 -10.49 5.20 -2.35
CA MET A 393 -10.68 4.70 -0.98
C MET A 393 -11.86 3.76 -0.82
N PHE A 394 -12.98 4.04 -1.50
CA PHE A 394 -14.21 3.26 -1.33
C PHE A 394 -14.73 2.69 -2.68
N PRO A 395 -13.91 1.89 -3.41
CA PRO A 395 -14.38 1.34 -4.69
C PRO A 395 -15.46 0.28 -4.52
N HIS A 396 -15.59 -0.30 -3.32
CA HIS A 396 -16.62 -1.29 -3.00
C HIS A 396 -18.03 -0.64 -3.01
N LEU A 397 -18.11 0.71 -2.97
CA LEU A 397 -19.38 1.45 -3.01
C LEU A 397 -19.76 1.90 -4.43
N LYS A 398 -18.94 1.53 -5.44
CA LYS A 398 -19.24 1.85 -6.84
C LYS A 398 -20.47 1.10 -7.31
N LYS A 399 -20.70 -0.11 -6.77
CA LYS A 399 -21.86 -0.93 -7.09
C LYS A 399 -22.52 -1.36 -5.79
N LYS A 400 -23.78 -1.77 -5.88
CA LYS A 400 -24.54 -2.25 -4.74
C LYS A 400 -25.59 -3.24 -5.19
N ALA A 401 -26.05 -4.07 -4.25
CA ALA A 401 -27.17 -5.00 -4.46
C ALA A 401 -28.08 -4.79 -3.27
N VAL A 402 -29.35 -5.13 -3.41
CA VAL A 402 -30.30 -4.97 -2.31
C VAL A 402 -31.00 -6.32 -2.02
N ILE A 403 -31.60 -6.45 -0.84
CA ILE A 403 -32.36 -7.64 -0.46
C ILE A 403 -33.81 -7.19 -0.34
N ASP A 404 -34.71 -7.77 -1.16
CA ASP A 404 -36.13 -7.44 -1.12
C ASP A 404 -36.79 -8.24 0.02
N PHE A 405 -37.05 -7.56 1.15
CA PHE A 405 -37.61 -8.14 2.37
C PHE A 405 -39.15 -8.17 2.48
N LYS A 406 -39.85 -7.90 1.36
CA LYS A 406 -41.32 -7.90 1.30
C LYS A 406 -41.81 -8.95 0.30
N ILE A 411 -39.91 -2.60 -4.66
CA ILE A 411 -38.48 -2.78 -4.42
C ILE A 411 -37.86 -1.47 -3.90
N TYR A 412 -37.02 -1.58 -2.86
CA TYR A 412 -36.34 -0.42 -2.26
C TYR A 412 -34.84 -0.53 -2.53
N ASP A 413 -34.19 0.60 -2.84
CA ASP A 413 -32.75 0.64 -3.09
C ASP A 413 -31.93 0.96 -1.81
N ASN A 414 -32.59 1.22 -0.68
CA ASN A 414 -31.87 1.72 0.51
C ASN A 414 -32.35 1.23 1.88
N ARG A 415 -32.92 0.01 1.90
CA ARG A 415 -33.41 -0.62 3.13
C ARG A 415 -32.41 -1.65 3.64
N ILE A 416 -32.01 -2.59 2.77
CA ILE A 416 -30.99 -3.63 3.05
C ILE A 416 -30.06 -3.61 1.85
N VAL A 417 -28.82 -3.18 2.07
CA VAL A 417 -27.83 -2.99 1.02
C VAL A 417 -26.61 -3.88 1.20
N LEU A 418 -26.07 -4.40 0.08
CA LEU A 418 -24.82 -5.16 0.06
C LEU A 418 -23.84 -4.40 -0.84
N ASN A 419 -22.56 -4.42 -0.46
CA ASN A 419 -21.45 -3.82 -1.22
C ASN A 419 -20.23 -4.72 -1.00
N GLY A 420 -19.42 -4.84 -2.03
CA GLY A 420 -18.16 -5.57 -1.92
C GLY A 420 -17.47 -5.73 -3.24
N ILE A 421 -16.15 -5.80 -3.18
CA ILE A 421 -15.30 -6.05 -4.35
C ILE A 421 -15.73 -7.37 -5.05
N ASP A 422 -16.11 -8.38 -4.26
CA ASP A 422 -16.54 -9.69 -4.78
C ASP A 422 -18.07 -9.90 -4.80
N LEU A 423 -18.84 -8.82 -4.76
CA LEU A 423 -20.31 -8.89 -4.78
C LEU A 423 -20.87 -9.61 -6.00
N LYS A 424 -20.29 -9.38 -7.21
CA LYS A 424 -20.78 -10.02 -8.45
C LYS A 424 -20.70 -11.55 -8.34
N ALA A 425 -19.53 -12.06 -7.89
CA ALA A 425 -19.26 -13.50 -7.69
C ALA A 425 -20.26 -14.08 -6.66
N PHE A 426 -20.53 -13.35 -5.57
CA PHE A 426 -21.50 -13.77 -4.56
C PHE A 426 -22.91 -13.91 -5.18
N LEU A 427 -23.38 -12.87 -5.89
CA LEU A 427 -24.68 -12.88 -6.56
C LEU A 427 -24.78 -14.05 -7.56
N ASP A 428 -23.68 -14.34 -8.31
CA ASP A 428 -23.64 -15.47 -9.26
C ASP A 428 -23.83 -16.84 -8.60
N SER A 429 -23.51 -16.96 -7.31
CA SER A 429 -23.65 -18.21 -6.55
C SER A 429 -25.09 -18.40 -6.07
N LEU A 430 -25.95 -17.35 -6.18
CA LEU A 430 -27.35 -17.35 -5.73
C LEU A 430 -28.32 -17.70 -6.86
N PRO A 431 -29.36 -18.51 -6.59
CA PRO A 431 -30.27 -18.93 -7.66
C PRO A 431 -31.30 -17.96 -8.23
N ASP A 432 -31.98 -17.15 -7.40
CA ASP A 432 -33.09 -16.31 -7.90
C ASP A 432 -32.91 -14.78 -7.87
N VAL A 433 -31.72 -14.31 -8.25
CA VAL A 433 -31.36 -12.89 -8.31
C VAL A 433 -32.04 -12.18 -9.50
N LYS A 434 -32.75 -11.07 -9.23
CA LYS A 434 -33.42 -10.24 -10.23
C LYS A 434 -32.61 -8.96 -10.48
N ILE A 435 -32.46 -8.57 -11.76
CA ILE A 435 -31.72 -7.38 -12.17
C ILE A 435 -32.70 -6.26 -12.54
N VAL A 436 -32.78 -5.22 -11.68
CA VAL A 436 -33.64 -4.07 -11.90
C VAL A 436 -32.84 -3.02 -12.68
N LYS A 437 -33.34 -2.67 -13.88
CA LYS A 437 -32.70 -1.69 -14.78
C LYS A 437 -32.90 -0.28 -14.27
N MET A 438 -31.77 0.46 -14.12
CA MET A 438 -31.72 1.84 -13.63
C MET A 438 -31.86 2.84 -14.78
N LEU A 454 -25.68 2.08 -13.90
CA LEU A 454 -25.65 0.71 -14.36
C LEU A 454 -26.99 -0.02 -14.09
N ASN A 455 -27.00 -1.06 -13.24
CA ASN A 455 -28.16 -1.86 -12.88
C ASN A 455 -28.11 -2.29 -11.41
N MET A 456 -29.28 -2.57 -10.82
CA MET A 456 -29.35 -2.98 -9.43
C MET A 456 -29.84 -4.42 -9.21
N PRO A 457 -28.94 -5.33 -8.77
CA PRO A 457 -29.37 -6.71 -8.47
C PRO A 457 -30.16 -6.74 -7.17
N VAL A 458 -31.21 -7.57 -7.16
CA VAL A 458 -32.14 -7.74 -6.04
C VAL A 458 -32.17 -9.21 -5.62
N ILE A 459 -31.91 -9.49 -4.34
CA ILE A 459 -31.98 -10.85 -3.78
C ILE A 459 -33.36 -11.01 -3.11
N PRO A 460 -34.15 -12.08 -3.43
CA PRO A 460 -35.48 -12.23 -2.81
C PRO A 460 -35.45 -12.65 -1.34
N MET A 461 -36.61 -12.50 -0.65
CA MET A 461 -36.78 -12.86 0.77
C MET A 461 -36.86 -14.39 0.99
N ASN A 462 -35.71 -15.07 0.83
CA ASN A 462 -35.58 -16.51 1.01
C ASN A 462 -34.54 -16.83 2.10
N THR A 463 -34.06 -18.10 2.16
CA THR A 463 -33.09 -18.63 3.15
C THR A 463 -31.86 -17.73 3.39
N ILE A 464 -31.19 -17.34 2.29
CA ILE A 464 -30.01 -16.47 2.31
C ILE A 464 -30.36 -15.06 2.90
N ALA A 465 -31.53 -14.50 2.54
CA ALA A 465 -32.03 -13.20 3.04
C ALA A 465 -32.37 -13.26 4.54
N GLU A 466 -32.84 -14.42 5.00
CA GLU A 466 -33.19 -14.63 6.41
C GLU A 466 -31.94 -14.68 7.28
N ALA A 467 -30.89 -15.39 6.80
CA ALA A 467 -29.59 -15.54 7.48
C ALA A 467 -28.91 -14.18 7.69
N VAL A 468 -29.06 -13.29 6.71
CA VAL A 468 -28.51 -11.92 6.76
C VAL A 468 -29.20 -11.09 7.86
N ILE A 469 -30.55 -11.06 7.88
CA ILE A 469 -31.33 -10.31 8.87
C ILE A 469 -31.13 -10.85 10.29
N GLU A 470 -30.95 -12.17 10.42
CA GLU A 470 -30.71 -12.86 11.69
C GLU A 470 -29.38 -12.38 12.29
N MET A 471 -28.33 -12.25 11.45
CA MET A 471 -27.01 -11.76 11.86
C MET A 471 -27.13 -10.35 12.46
N ILE A 472 -27.81 -9.43 11.73
CA ILE A 472 -28.03 -8.04 12.13
C ILE A 472 -28.78 -7.98 13.46
N ASN A 473 -29.92 -8.68 13.57
CA ASN A 473 -30.75 -8.72 14.79
C ASN A 473 -30.01 -9.26 16.01
N ARG A 474 -29.17 -10.31 15.82
CA ARG A 474 -28.41 -10.91 16.90
C ARG A 474 -27.12 -10.14 17.24
N GLY A 475 -26.77 -9.17 16.41
CA GLY A 475 -25.55 -8.39 16.61
C GLY A 475 -24.30 -9.17 16.26
N GLN A 476 -24.46 -10.28 15.48
CA GLN A 476 -23.36 -11.13 15.02
C GLN A 476 -22.45 -10.31 14.10
N ILE A 477 -21.15 -10.55 14.19
CA ILE A 477 -20.12 -9.81 13.47
C ILE A 477 -20.07 -10.15 11.98
N GLN A 478 -20.21 -11.44 11.66
CA GLN A 478 -20.10 -11.93 10.30
C GLN A 478 -20.69 -13.32 10.16
N ILE A 479 -21.03 -13.70 8.93
CA ILE A 479 -21.52 -15.04 8.58
C ILE A 479 -20.83 -15.47 7.27
N THR A 480 -21.03 -16.73 6.87
CA THR A 480 -20.50 -17.27 5.63
C THR A 480 -21.68 -17.78 4.81
N ILE A 481 -21.76 -17.35 3.55
CA ILE A 481 -22.80 -17.82 2.62
C ILE A 481 -22.10 -18.25 1.33
N ASN A 482 -22.20 -19.54 0.96
CA ASN A 482 -21.57 -20.12 -0.24
C ASN A 482 -20.06 -19.81 -0.29
N GLY A 483 -19.41 -19.84 0.87
CA GLY A 483 -17.98 -19.58 1.00
C GLY A 483 -17.59 -18.10 1.00
N PHE A 484 -18.57 -17.20 0.84
CA PHE A 484 -18.33 -15.76 0.83
C PHE A 484 -18.45 -15.18 2.22
N SER A 485 -17.57 -14.22 2.55
CA SER A 485 -17.55 -13.53 3.84
C SER A 485 -18.58 -12.39 3.82
N ILE A 486 -19.62 -12.52 4.65
CA ILE A 486 -20.70 -11.54 4.79
C ILE A 486 -20.54 -10.85 6.15
N SER A 487 -20.15 -9.57 6.15
CA SER A 487 -19.86 -8.81 7.36
C SER A 487 -20.98 -7.90 7.79
N ASN A 488 -21.18 -7.79 9.11
CA ASN A 488 -22.14 -6.84 9.67
C ASN A 488 -21.45 -5.46 9.57
N GLY A 489 -22.08 -4.53 8.87
CA GLY A 489 -21.57 -3.17 8.68
C GLY A 489 -21.27 -2.36 9.93
N LEU A 490 -21.87 -2.76 11.08
CA LEU A 490 -21.64 -2.10 12.38
C LEU A 490 -20.40 -2.66 13.06
N ALA A 491 -19.80 -3.74 12.52
CA ALA A 491 -18.66 -4.39 13.18
C ALA A 491 -17.31 -4.31 12.45
N THR A 492 -17.16 -3.34 11.52
CA THR A 492 -15.94 -3.18 10.70
C THR A 492 -14.64 -3.05 11.49
N THR A 493 -14.66 -2.37 12.67
CA THR A 493 -13.43 -2.23 13.47
C THR A 493 -12.94 -3.58 14.04
N GLN A 494 -13.86 -4.52 14.24
CA GLN A 494 -13.58 -5.87 14.76
C GLN A 494 -13.08 -6.83 13.66
N ILE A 495 -13.41 -6.52 12.39
CA ILE A 495 -13.05 -7.36 11.24
C ILE A 495 -11.72 -6.90 10.64
N ASN A 496 -11.62 -5.60 10.34
CA ASN A 496 -10.41 -5.02 9.76
C ASN A 496 -10.42 -3.54 10.08
N ASN A 497 -9.66 -3.14 11.10
CA ASN A 497 -9.59 -1.75 11.54
C ASN A 497 -9.09 -0.76 10.47
N LYS A 498 -8.13 -1.19 9.62
CA LYS A 498 -7.62 -0.36 8.52
C LYS A 498 -8.70 -0.16 7.45
N ALA A 499 -9.58 -1.16 7.25
CA ALA A 499 -10.69 -0.99 6.31
C ALA A 499 -11.74 -0.05 6.92
N ALA A 500 -11.94 -0.10 8.26
CA ALA A 500 -12.90 0.80 8.94
C ALA A 500 -12.52 2.29 8.78
N THR A 501 -11.21 2.61 8.84
CA THR A 501 -10.70 3.99 8.75
C THR A 501 -10.50 4.50 7.33
N GLY A 502 -10.61 3.62 6.33
CA GLY A 502 -10.40 3.96 4.94
C GLY A 502 -8.97 3.81 4.48
N GLU A 503 -8.09 3.26 5.35
CA GLU A 503 -6.67 3.03 5.03
C GLU A 503 -6.50 1.85 4.07
N GLU A 504 -7.45 0.91 4.08
CA GLU A 504 -7.49 -0.28 3.21
C GLU A 504 -8.89 -0.43 2.65
N VAL A 505 -9.00 -1.05 1.47
CA VAL A 505 -10.29 -1.35 0.87
C VAL A 505 -10.83 -2.62 1.58
N PRO A 506 -12.09 -2.65 2.06
CA PRO A 506 -12.59 -3.89 2.69
C PRO A 506 -12.48 -5.10 1.75
N ARG A 507 -12.14 -6.27 2.32
CA ARG A 507 -11.99 -7.49 1.52
C ARG A 507 -13.15 -8.47 1.71
N THR A 508 -14.20 -8.04 2.45
CA THR A 508 -15.39 -8.85 2.66
C THR A 508 -16.61 -8.12 2.04
N ILE A 509 -17.74 -8.83 1.96
CA ILE A 509 -19.00 -8.25 1.49
C ILE A 509 -19.67 -7.70 2.75
N ILE A 510 -20.09 -6.43 2.69
CA ILE A 510 -20.66 -5.75 3.86
C ILE A 510 -22.15 -5.52 3.69
N VAL A 511 -22.90 -5.70 4.78
CA VAL A 511 -24.36 -5.52 4.82
C VAL A 511 -24.62 -4.24 5.61
N THR A 512 -25.42 -3.34 5.01
CA THR A 512 -25.85 -2.07 5.61
C THR A 512 -27.36 -2.03 5.59
N THR A 513 -27.98 -1.74 6.74
CA THR A 513 -29.44 -1.77 6.82
C THR A 513 -30.00 -0.64 7.66
N ARG A 514 -31.23 -0.25 7.34
CA ARG A 514 -31.95 0.76 8.12
C ARG A 514 -32.13 0.30 9.58
N SER A 515 -32.34 -1.02 9.81
CA SER A 515 -32.50 -1.57 11.17
C SER A 515 -31.25 -1.43 12.06
N GLN A 516 -30.04 -1.31 11.46
CA GLN A 516 -28.76 -1.12 12.19
C GLN A 516 -28.74 0.27 12.87
N TYR A 517 -29.54 1.22 12.33
CA TYR A 517 -29.57 2.59 12.84
C TYR A 517 -30.90 3.05 13.43
N GLY A 518 -31.88 2.14 13.47
CA GLY A 518 -33.21 2.42 13.97
C GLY A 518 -34.01 3.30 13.04
N LEU A 519 -33.69 3.27 11.74
CA LEU A 519 -34.39 4.06 10.72
C LEU A 519 -35.68 3.34 10.26
N PRO A 520 -36.79 4.08 10.01
CA PRO A 520 -38.03 3.39 9.56
C PRO A 520 -37.94 2.79 8.17
N GLU A 521 -38.43 1.55 8.02
CA GLU A 521 -38.46 0.80 6.75
C GLU A 521 -39.49 1.36 5.75
N ASP A 522 -40.45 2.18 6.20
CA ASP A 522 -41.54 2.69 5.37
C ASP A 522 -41.62 4.21 5.25
N ALA A 523 -40.50 4.90 5.42
CA ALA A 523 -40.52 6.35 5.38
C ALA A 523 -39.34 6.95 4.65
N ILE A 524 -39.44 8.25 4.33
CA ILE A 524 -38.40 9.02 3.66
C ILE A 524 -37.36 9.41 4.72
N VAL A 525 -36.08 9.21 4.43
CA VAL A 525 -34.98 9.56 5.34
C VAL A 525 -34.21 10.77 4.78
N TYR A 526 -34.31 11.92 5.45
CA TYR A 526 -33.54 13.10 5.12
C TYR A 526 -32.35 13.04 6.07
N CYS A 527 -31.13 13.23 5.56
CA CYS A 527 -29.95 13.13 6.43
C CYS A 527 -29.08 14.37 6.44
N ASN A 528 -28.25 14.49 7.47
CA ASN A 528 -27.22 15.52 7.52
C ASN A 528 -26.18 14.97 8.49
N PHE A 529 -24.99 14.64 7.98
CA PHE A 529 -23.91 14.02 8.76
C PHE A 529 -22.80 14.96 9.18
N ASN A 530 -23.06 16.25 9.15
CA ASN A 530 -22.03 17.20 9.55
C ASN A 530 -22.00 17.40 11.06
N GLN A 531 -20.99 18.10 11.54
CA GLN A 531 -20.91 18.50 12.95
C GLN A 531 -22.10 19.45 13.19
N LEU A 532 -22.74 19.31 14.35
CA LEU A 532 -23.94 20.10 14.67
C LEU A 532 -23.75 21.62 14.66
N TYR A 533 -22.50 22.13 14.82
CA TYR A 533 -22.24 23.58 14.82
C TYR A 533 -22.70 24.31 13.51
N LYS A 534 -22.82 23.57 12.40
N LYS A 534 -22.80 23.57 12.40
CA LYS A 534 -23.23 24.08 11.09
CA LYS A 534 -23.23 24.07 11.08
C LYS A 534 -24.73 24.40 11.00
C LYS A 534 -24.73 24.39 11.01
N ILE A 535 -25.51 23.91 11.99
CA ILE A 535 -26.96 24.13 12.08
C ILE A 535 -27.20 25.40 12.89
N ASP A 536 -28.18 26.19 12.46
CA ASP A 536 -28.60 27.39 13.16
C ASP A 536 -30.15 27.37 13.28
N PRO A 537 -30.81 28.28 14.05
CA PRO A 537 -32.28 28.22 14.16
C PRO A 537 -33.04 28.22 12.82
N SER A 538 -32.64 29.07 11.85
CA SER A 538 -33.28 29.19 10.53
C SER A 538 -33.23 27.86 9.78
N THR A 539 -32.08 27.16 9.86
CA THR A 539 -31.89 25.86 9.22
C THR A 539 -32.81 24.81 9.84
N LEU A 540 -32.82 24.70 11.19
CA LEU A 540 -33.70 23.71 11.83
C LEU A 540 -35.19 23.98 11.53
N GLN A 541 -35.59 25.27 11.46
CA GLN A 541 -36.96 25.65 11.11
C GLN A 541 -37.28 25.18 9.67
N MET A 542 -36.36 25.38 8.72
CA MET A 542 -36.52 24.93 7.32
C MET A 542 -36.75 23.41 7.29
N TRP A 543 -35.92 22.66 8.05
CA TRP A 543 -36.00 21.21 8.15
C TRP A 543 -37.31 20.76 8.78
N ALA A 544 -37.76 21.48 9.85
CA ALA A 544 -39.04 21.18 10.50
C ALA A 544 -40.18 21.38 9.51
N ASN A 545 -40.10 22.43 8.66
CA ASN A 545 -41.13 22.74 7.64
C ASN A 545 -41.25 21.61 6.63
N ILE A 546 -40.10 21.02 6.23
CA ILE A 546 -40.03 19.89 5.30
C ILE A 546 -40.68 18.66 5.94
N LEU A 547 -40.25 18.28 7.16
CA LEU A 547 -40.79 17.13 7.90
C LEU A 547 -42.31 17.19 8.07
N LYS A 548 -42.86 18.38 8.39
CA LYS A 548 -44.30 18.61 8.55
C LYS A 548 -45.07 18.39 7.25
N ARG A 549 -44.44 18.70 6.11
CA ARG A 549 -45.04 18.57 4.78
C ARG A 549 -44.96 17.14 4.22
N VAL A 550 -44.10 16.28 4.81
CA VAL A 550 -43.87 14.91 4.34
C VAL A 550 -44.15 13.97 5.53
N PRO A 551 -45.42 13.55 5.71
CA PRO A 551 -45.78 12.72 6.88
C PRO A 551 -44.92 11.51 7.14
N ASN A 552 -44.61 10.74 6.10
CA ASN A 552 -43.81 9.55 6.27
C ASN A 552 -42.35 9.93 6.06
N SER A 553 -41.77 10.67 7.07
CA SER A 553 -40.38 11.13 7.05
C SER A 553 -39.68 11.38 8.40
N VAL A 554 -38.38 11.16 8.36
CA VAL A 554 -37.48 11.35 9.51
C VAL A 554 -36.26 12.16 9.11
N LEU A 555 -35.66 12.82 10.09
CA LEU A 555 -34.42 13.56 9.90
C LEU A 555 -33.35 12.74 10.64
N TRP A 556 -32.28 12.39 9.93
CA TRP A 556 -31.22 11.57 10.48
C TRP A 556 -29.98 12.43 10.71
N LEU A 557 -29.62 12.61 12.00
CA LEU A 557 -28.47 13.44 12.40
C LEU A 557 -27.46 12.66 13.23
N LEU A 558 -26.30 13.26 13.51
CA LEU A 558 -25.25 12.60 14.27
C LEU A 558 -25.01 13.27 15.62
N ARG A 559 -24.60 12.47 16.60
CA ARG A 559 -24.21 12.91 17.94
C ARG A 559 -22.82 13.49 17.74
N PHE A 560 -22.79 14.74 17.20
CA PHE A 560 -21.53 15.38 16.79
C PHE A 560 -21.43 16.83 17.30
N PRO A 561 -21.31 17.04 18.64
CA PRO A 561 -21.23 16.03 19.71
C PRO A 561 -22.59 15.61 20.29
N ALA A 562 -22.61 14.48 21.02
CA ALA A 562 -23.80 13.97 21.70
C ALA A 562 -24.48 15.04 22.57
N VAL A 563 -23.69 15.96 23.18
CA VAL A 563 -24.24 17.05 24.01
C VAL A 563 -25.13 18.06 23.25
N GLY A 564 -25.04 18.03 21.93
CA GLY A 564 -25.90 18.84 21.07
C GLY A 564 -27.26 18.22 20.84
N GLU A 565 -27.37 16.87 20.99
CA GLU A 565 -28.62 16.10 20.79
C GLU A 565 -29.80 16.65 21.61
N PRO A 566 -29.72 16.82 22.96
CA PRO A 566 -30.89 17.34 23.70
C PRO A 566 -31.31 18.76 23.30
N ASN A 567 -30.38 19.59 22.80
CA ASN A 567 -30.73 20.96 22.37
C ASN A 567 -31.53 20.94 21.07
N ILE A 568 -31.07 20.16 20.09
CA ILE A 568 -31.77 19.96 18.81
C ILE A 568 -33.15 19.39 19.07
N GLN A 569 -33.25 18.35 19.94
CA GLN A 569 -34.54 17.71 20.25
C GLN A 569 -35.51 18.69 20.91
N GLN A 570 -35.01 19.57 21.80
CA GLN A 570 -35.87 20.58 22.44
C GLN A 570 -36.40 21.61 21.43
N TYR A 571 -35.52 22.15 20.55
CA TYR A 571 -35.94 23.12 19.55
C TYR A 571 -36.90 22.51 18.52
N ALA A 572 -36.69 21.23 18.17
CA ALA A 572 -37.56 20.49 17.26
C ALA A 572 -38.95 20.32 17.90
N GLN A 573 -38.99 19.97 19.20
CA GLN A 573 -40.23 19.83 19.98
C GLN A 573 -40.98 21.17 20.02
N ASN A 574 -40.24 22.30 20.19
CA ASN A 574 -40.80 23.66 20.21
C ASN A 574 -41.39 24.03 18.86
N MET A 575 -40.81 23.48 17.77
CA MET A 575 -41.25 23.69 16.39
C MET A 575 -42.44 22.80 16.03
N GLY A 576 -42.83 21.92 16.94
CA GLY A 576 -43.98 21.02 16.78
C GLY A 576 -43.66 19.65 16.22
N LEU A 577 -42.39 19.21 16.32
CA LEU A 577 -42.00 17.88 15.85
C LEU A 577 -41.83 16.92 17.03
N PRO A 578 -42.55 15.77 17.04
CA PRO A 578 -42.32 14.78 18.10
C PRO A 578 -40.92 14.16 17.99
N GLN A 579 -40.39 13.67 19.14
CA GLN A 579 -39.08 13.04 19.30
C GLN A 579 -38.75 12.00 18.21
N ASN A 580 -39.76 11.23 17.76
CA ASN A 580 -39.62 10.18 16.76
C ASN A 580 -39.37 10.66 15.31
N ARG A 581 -39.44 11.98 15.05
CA ARG A 581 -39.19 12.50 13.71
C ARG A 581 -37.68 12.70 13.51
N ILE A 582 -36.89 12.70 14.60
CA ILE A 582 -35.44 12.89 14.49
C ILE A 582 -34.73 11.67 15.05
N ILE A 583 -33.87 11.06 14.23
CA ILE A 583 -33.09 9.90 14.62
C ILE A 583 -31.61 10.26 14.71
N PHE A 584 -31.00 9.97 15.85
CA PHE A 584 -29.57 10.23 16.04
C PHE A 584 -28.76 8.96 15.98
N SER A 585 -27.59 9.04 15.34
CA SER A 585 -26.64 7.94 15.32
C SER A 585 -25.31 8.46 15.89
N PRO A 586 -24.48 7.56 16.45
CA PRO A 586 -23.14 8.00 16.87
C PRO A 586 -22.30 8.25 15.61
N VAL A 587 -21.24 9.07 15.75
CA VAL A 587 -20.23 9.29 14.71
C VAL A 587 -19.63 7.90 14.50
N ALA A 588 -19.37 7.54 13.25
CA ALA A 588 -18.87 6.22 12.89
C ALA A 588 -17.47 6.28 12.29
N PRO A 589 -16.76 5.14 12.23
CA PRO A 589 -15.47 5.14 11.50
C PRO A 589 -15.72 5.54 10.05
N LYS A 590 -14.70 6.10 9.38
CA LYS A 590 -14.79 6.65 8.01
C LYS A 590 -15.59 5.83 7.00
N GLU A 591 -15.21 4.55 6.79
CA GLU A 591 -15.85 3.69 5.80
C GLU A 591 -17.35 3.50 6.09
N GLU A 592 -17.73 3.24 7.35
CA GLU A 592 -19.11 3.06 7.79
C GLU A 592 -19.95 4.33 7.57
N HIS A 593 -19.36 5.51 7.87
CA HIS A 593 -19.99 6.81 7.67
C HIS A 593 -20.36 6.98 6.17
N VAL A 594 -19.40 6.73 5.25
CA VAL A 594 -19.67 6.88 3.81
C VAL A 594 -20.69 5.85 3.34
N ARG A 595 -20.50 4.59 3.76
CA ARG A 595 -21.38 3.48 3.38
C ARG A 595 -22.82 3.64 3.85
N ARG A 596 -23.02 4.07 5.09
CA ARG A 596 -24.37 4.24 5.62
C ARG A 596 -25.19 5.37 4.94
N GLY A 597 -24.53 6.27 4.21
CA GLY A 597 -25.19 7.32 3.43
C GLY A 597 -26.14 6.72 2.40
N GLN A 598 -25.85 5.48 1.93
CA GLN A 598 -26.72 4.74 1.00
C GLN A 598 -28.13 4.49 1.59
N LEU A 599 -28.27 4.53 2.92
CA LEU A 599 -29.58 4.28 3.57
C LEU A 599 -30.52 5.46 3.49
N ALA A 600 -29.97 6.67 3.29
CA ALA A 600 -30.84 7.85 3.22
C ALA A 600 -31.50 7.98 1.86
N ASP A 601 -32.58 8.79 1.79
CA ASP A 601 -33.22 9.08 0.51
C ASP A 601 -32.62 10.37 -0.05
N VAL A 602 -32.47 11.39 0.82
CA VAL A 602 -32.02 12.75 0.46
C VAL A 602 -31.15 13.33 1.59
N CYS A 603 -30.09 14.12 1.24
CA CYS A 603 -29.27 14.85 2.21
C CYS A 603 -29.75 16.29 2.21
N LEU A 604 -29.99 16.85 3.40
CA LEU A 604 -30.37 18.25 3.51
C LEU A 604 -29.13 19.04 3.94
N ASP A 605 -28.52 19.78 3.01
CA ASP A 605 -27.30 20.54 3.32
C ASP A 605 -27.56 21.78 4.15
N THR A 606 -26.60 22.09 5.03
CA THR A 606 -26.62 23.24 5.93
C THR A 606 -26.28 24.54 5.16
N PRO A 607 -27.22 25.50 5.00
CA PRO A 607 -26.89 26.73 4.24
C PRO A 607 -25.89 27.67 4.90
N LEU A 608 -25.84 27.68 6.27
CA LEU A 608 -24.89 28.55 7.00
C LEU A 608 -23.45 28.27 6.56
N CYS A 609 -23.06 27.00 6.61
CA CYS A 609 -21.75 26.49 6.22
C CYS A 609 -22.05 25.09 5.73
N ASN A 610 -21.84 24.86 4.43
CA ASN A 610 -22.14 23.56 3.82
C ASN A 610 -21.26 22.43 4.31
N GLY A 611 -21.67 21.21 3.98
CA GLY A 611 -20.83 20.04 4.14
C GLY A 611 -19.82 20.15 3.01
N HIS A 612 -18.54 19.92 3.28
CA HIS A 612 -17.53 20.06 2.23
C HIS A 612 -17.04 18.64 1.93
N THR A 613 -16.22 18.09 2.83
CA THR A 613 -15.81 16.69 2.73
C THR A 613 -17.09 15.84 2.84
N THR A 614 -17.99 16.23 3.77
CA THR A 614 -19.25 15.55 4.07
C THR A 614 -20.20 15.48 2.86
N GLY A 615 -20.19 16.52 2.05
CA GLY A 615 -20.98 16.57 0.82
C GLY A 615 -20.47 15.56 -0.18
N MET A 616 -19.12 15.47 -0.34
CA MET A 616 -18.47 14.48 -1.23
C MET A 616 -18.84 13.07 -0.73
N ASP A 617 -18.80 12.84 0.61
CA ASP A 617 -19.14 11.55 1.22
C ASP A 617 -20.57 11.09 0.85
N VAL A 618 -21.54 11.99 1.01
CA VAL A 618 -22.93 11.68 0.74
C VAL A 618 -23.21 11.44 -0.75
N LEU A 619 -22.55 12.22 -1.62
CA LEU A 619 -22.73 12.05 -3.07
C LEU A 619 -22.10 10.74 -3.57
N TRP A 620 -21.00 10.29 -2.91
CA TRP A 620 -20.38 9.01 -3.29
C TRP A 620 -21.32 7.84 -3.01
N ALA A 621 -22.20 7.99 -2.01
CA ALA A 621 -23.21 6.99 -1.67
C ALA A 621 -24.39 7.03 -2.66
N GLY A 622 -24.42 8.04 -3.52
CA GLY A 622 -25.49 8.22 -4.51
C GLY A 622 -26.70 8.95 -3.95
N THR A 623 -26.48 9.70 -2.87
CA THR A 623 -27.56 10.42 -2.19
C THR A 623 -27.67 11.87 -2.71
N PRO A 624 -28.84 12.22 -3.31
CA PRO A 624 -29.07 13.61 -3.72
C PRO A 624 -28.97 14.51 -2.49
N MET A 625 -28.32 15.65 -2.68
CA MET A 625 -28.15 16.62 -1.63
C MET A 625 -28.85 17.92 -2.06
N VAL A 626 -29.70 18.46 -1.20
CA VAL A 626 -30.41 19.72 -1.47
C VAL A 626 -29.57 20.83 -0.82
N THR A 627 -29.27 21.91 -1.57
CA THR A 627 -28.50 23.01 -1.01
C THR A 627 -29.06 24.36 -1.37
N MET A 628 -28.76 25.37 -0.55
CA MET A 628 -29.11 26.75 -0.81
C MET A 628 -27.79 27.54 -0.71
N PRO A 629 -27.09 27.81 -1.83
CA PRO A 629 -25.81 28.55 -1.74
C PRO A 629 -25.99 29.99 -1.23
N GLY A 630 -25.08 30.41 -0.36
CA GLY A 630 -25.10 31.75 0.21
C GLY A 630 -24.14 32.65 -0.51
N GLU A 631 -23.43 33.49 0.24
CA GLU A 631 -22.46 34.41 -0.36
C GLU A 631 -21.01 34.01 -0.04
N THR A 632 -20.75 33.51 1.18
CA THR A 632 -19.40 33.08 1.57
C THR A 632 -18.97 31.84 0.78
N LEU A 633 -17.65 31.64 0.65
CA LEU A 633 -17.07 30.46 -0.01
C LEU A 633 -17.67 29.20 0.64
N ALA A 634 -17.64 29.13 2.00
CA ALA A 634 -18.11 27.98 2.80
C ALA A 634 -19.61 27.62 2.59
N SER A 635 -20.45 28.60 2.26
CA SER A 635 -21.88 28.42 2.02
C SER A 635 -22.21 28.08 0.57
N ARG A 636 -21.19 28.01 -0.32
CA ARG A 636 -21.38 27.79 -1.76
C ARG A 636 -20.73 26.50 -2.33
N VAL A 637 -19.95 25.79 -1.50
CA VAL A 637 -19.22 24.58 -1.91
C VAL A 637 -20.15 23.48 -2.42
N ALA A 638 -21.22 23.17 -1.66
CA ALA A 638 -22.19 22.13 -2.03
C ALA A 638 -22.84 22.40 -3.42
N ALA A 639 -23.24 23.65 -3.71
CA ALA A 639 -23.81 23.98 -5.04
C ALA A 639 -22.75 23.82 -6.13
N SER A 640 -21.47 24.09 -5.82
CA SER A 640 -20.37 23.91 -6.78
C SER A 640 -20.19 22.40 -7.07
N GLN A 641 -20.28 21.55 -6.02
CA GLN A 641 -20.15 20.09 -6.15
C GLN A 641 -21.30 19.57 -7.02
N LEU A 642 -22.55 20.04 -6.75
CA LEU A 642 -23.74 19.66 -7.50
C LEU A 642 -23.74 20.13 -8.93
N THR A 643 -23.17 21.32 -9.20
CA THR A 643 -23.07 21.86 -10.56
C THR A 643 -22.11 20.98 -11.37
N CYS A 644 -20.98 20.58 -10.75
CA CYS A 644 -20.01 19.70 -11.39
C CYS A 644 -20.64 18.35 -11.68
N LEU A 645 -21.39 17.82 -10.70
CA LEU A 645 -22.08 16.55 -10.81
C LEU A 645 -23.10 16.57 -11.96
N GLY A 646 -23.71 17.72 -12.17
CA GLY A 646 -24.72 17.95 -13.20
C GLY A 646 -26.13 17.85 -12.65
N CYS A 647 -26.35 18.27 -11.38
CA CYS A 647 -27.66 18.24 -10.73
C CYS A 647 -28.09 19.64 -10.31
N LEU A 648 -28.33 20.50 -11.31
CA LEU A 648 -28.75 21.89 -11.10
C LEU A 648 -30.09 22.03 -10.37
N GLU A 649 -30.99 21.04 -10.54
CA GLU A 649 -32.32 20.99 -9.92
C GLU A 649 -32.29 20.86 -8.38
N LEU A 650 -31.12 20.56 -7.80
CA LEU A 650 -30.94 20.39 -6.35
C LEU A 650 -30.45 21.64 -5.65
N ILE A 651 -30.21 22.71 -6.44
CA ILE A 651 -29.71 24.00 -5.97
C ILE A 651 -30.88 24.97 -5.82
N ALA A 652 -31.11 25.43 -4.58
CA ALA A 652 -32.18 26.35 -4.23
C ALA A 652 -31.72 27.82 -4.19
N LYS A 653 -32.53 28.73 -4.76
CA LYS A 653 -32.26 30.16 -4.78
C LYS A 653 -32.68 30.89 -3.51
N ASN A 654 -33.61 30.29 -2.74
CA ASN A 654 -34.14 30.85 -1.49
C ASN A 654 -34.71 29.72 -0.61
N ARG A 655 -35.10 30.02 0.64
CA ARG A 655 -35.63 29.03 1.60
C ARG A 655 -36.86 28.28 1.12
N GLN A 656 -37.82 29.00 0.49
CA GLN A 656 -39.03 28.36 -0.05
C GLN A 656 -38.69 27.31 -1.12
N GLU A 657 -37.75 27.63 -2.04
CA GLU A 657 -37.32 26.68 -3.06
C GLU A 657 -36.59 25.47 -2.43
N TYR A 658 -35.79 25.69 -1.37
CA TYR A 658 -35.09 24.61 -0.66
C TYR A 658 -36.14 23.66 -0.10
N GLU A 659 -37.14 24.19 0.61
CA GLU A 659 -38.24 23.36 1.14
C GLU A 659 -39.01 22.64 0.00
N ASP A 660 -39.33 23.35 -1.07
CA ASP A 660 -40.09 22.80 -2.19
C ASP A 660 -39.36 21.63 -2.87
N ILE A 661 -38.03 21.78 -3.12
CA ILE A 661 -37.18 20.74 -3.71
C ILE A 661 -37.18 19.52 -2.78
N ALA A 662 -36.87 19.73 -1.47
CA ALA A 662 -36.82 18.65 -0.48
C ALA A 662 -38.17 17.91 -0.36
N VAL A 663 -39.29 18.66 -0.37
CA VAL A 663 -40.64 18.07 -0.28
C VAL A 663 -40.98 17.30 -1.57
N LYS A 664 -40.61 17.85 -2.75
CA LYS A 664 -40.85 17.15 -4.03
C LYS A 664 -40.10 15.80 -4.02
N LEU A 665 -38.84 15.80 -3.61
CA LEU A 665 -38.05 14.57 -3.51
C LEU A 665 -38.65 13.54 -2.53
N GLY A 666 -39.24 14.02 -1.44
CA GLY A 666 -39.82 13.10 -0.46
C GLY A 666 -41.24 12.64 -0.76
N THR A 667 -41.89 13.22 -1.79
CA THR A 667 -43.29 12.89 -2.11
C THR A 667 -43.51 12.41 -3.51
N ASP A 668 -42.74 12.92 -4.49
CA ASP A 668 -42.89 12.47 -5.88
C ASP A 668 -41.88 11.33 -6.01
N LEU A 669 -42.31 10.07 -5.71
CA LEU A 669 -41.36 8.93 -5.69
C LEU A 669 -40.68 8.62 -7.02
N GLU A 670 -41.37 8.89 -8.16
CA GLU A 670 -40.80 8.69 -9.49
C GLU A 670 -39.71 9.70 -9.73
N TYR A 671 -39.93 10.95 -9.29
CA TYR A 671 -38.92 12.01 -9.39
C TYR A 671 -37.72 11.66 -8.53
N LEU A 672 -37.96 11.16 -7.30
CA LEU A 672 -36.89 10.74 -6.38
C LEU A 672 -36.02 9.65 -7.06
N LYS A 673 -36.67 8.67 -7.69
CA LYS A 673 -35.98 7.58 -8.38
C LYS A 673 -35.07 8.12 -9.49
N LYS A 674 -35.59 9.07 -10.31
CA LYS A 674 -34.88 9.72 -11.40
C LYS A 674 -33.63 10.46 -10.88
N VAL A 675 -33.80 11.30 -9.84
CA VAL A 675 -32.71 12.06 -9.21
C VAL A 675 -31.65 11.13 -8.56
N ARG A 676 -32.09 10.12 -7.78
CA ARG A 676 -31.13 9.18 -7.15
C ARG A 676 -30.33 8.43 -8.24
N GLY A 677 -31.00 8.07 -9.35
CA GLY A 677 -30.37 7.43 -10.50
C GLY A 677 -29.33 8.34 -11.16
N LYS A 678 -29.67 9.62 -11.31
CA LYS A 678 -28.78 10.65 -11.87
C LYS A 678 -27.51 10.80 -11.02
N VAL A 679 -27.65 10.89 -9.68
CA VAL A 679 -26.53 11.01 -8.74
C VAL A 679 -25.67 9.74 -8.83
N TRP A 680 -26.32 8.55 -8.78
CA TRP A 680 -25.66 7.24 -8.83
C TRP A 680 -24.74 7.10 -10.06
N LYS A 681 -25.23 7.48 -11.25
CA LYS A 681 -24.47 7.42 -12.50
C LYS A 681 -23.42 8.51 -12.59
N GLN A 682 -23.82 9.78 -12.34
CA GLN A 682 -22.96 10.97 -12.44
C GLN A 682 -21.78 11.04 -11.49
N ARG A 683 -21.80 10.34 -10.35
CA ARG A 683 -20.62 10.38 -9.48
C ARG A 683 -19.42 9.72 -10.21
N ILE A 684 -19.71 8.87 -11.23
CA ILE A 684 -18.72 8.18 -12.08
C ILE A 684 -18.48 8.94 -13.39
N SER A 685 -19.54 9.26 -14.14
CA SER A 685 -19.41 9.89 -15.44
C SER A 685 -19.04 11.39 -15.42
N SER A 686 -19.36 12.10 -14.33
CA SER A 686 -19.04 13.53 -14.23
C SER A 686 -17.56 13.71 -13.77
N PRO A 687 -16.98 14.93 -13.76
CA PRO A 687 -15.59 15.08 -13.26
C PRO A 687 -15.44 15.05 -11.74
N LEU A 688 -16.56 15.06 -10.97
CA LEU A 688 -16.55 15.20 -9.50
C LEU A 688 -15.51 14.40 -8.70
N PHE A 689 -15.44 13.07 -8.93
CA PHE A 689 -14.53 12.19 -8.21
C PHE A 689 -13.37 11.72 -9.10
N ASN A 690 -13.19 12.39 -10.27
CA ASN A 690 -12.14 12.02 -11.23
C ASN A 690 -10.84 12.74 -10.88
N THR A 691 -10.02 12.09 -10.02
CA THR A 691 -8.75 12.64 -9.53
C THR A 691 -7.72 12.89 -10.61
N LYS A 692 -7.67 12.02 -11.65
CA LYS A 692 -6.75 12.23 -12.77
C LYS A 692 -7.10 13.50 -13.53
N GLN A 693 -8.39 13.65 -13.92
CA GLN A 693 -8.86 14.84 -14.62
C GLN A 693 -8.61 16.09 -13.76
N TYR A 694 -8.90 16.01 -12.46
CA TYR A 694 -8.68 17.10 -11.51
C TYR A 694 -7.20 17.53 -11.51
N THR A 695 -6.27 16.57 -11.36
CA THR A 695 -4.82 16.84 -11.34
C THR A 695 -4.40 17.52 -12.64
N MET A 696 -4.93 17.03 -13.79
CA MET A 696 -4.61 17.62 -15.09
C MET A 696 -5.09 19.05 -15.25
N GLU A 697 -6.25 19.35 -14.67
CA GLU A 697 -6.81 20.71 -14.70
C GLU A 697 -6.05 21.64 -13.77
N LEU A 698 -5.62 21.10 -12.61
CA LEU A 698 -4.79 21.82 -11.64
C LEU A 698 -3.45 22.18 -12.31
N GLU A 699 -2.87 21.23 -13.09
CA GLU A 699 -1.63 21.44 -13.83
C GLU A 699 -1.77 22.55 -14.87
N ARG A 700 -2.91 22.58 -15.59
CA ARG A 700 -3.21 23.61 -16.58
C ARG A 700 -3.26 24.98 -15.89
N LEU A 701 -3.90 25.05 -14.70
CA LEU A 701 -4.01 26.27 -13.91
C LEU A 701 -2.64 26.75 -13.42
N TYR A 702 -1.78 25.81 -12.96
CA TYR A 702 -0.42 26.09 -12.50
C TYR A 702 0.43 26.73 -13.60
N LEU A 703 0.36 26.18 -14.83
CA LEU A 703 1.12 26.69 -15.99
C LEU A 703 0.65 28.09 -16.37
N GLN A 704 -0.66 28.37 -16.24
CA GLN A 704 -1.23 29.70 -16.47
C GLN A 704 -0.65 30.70 -15.47
N MET A 705 -0.61 30.33 -14.17
CA MET A 705 -0.02 31.17 -13.10
C MET A 705 1.46 31.42 -13.40
N TRP A 706 2.20 30.35 -13.77
CA TRP A 706 3.61 30.46 -14.09
C TRP A 706 3.91 31.36 -15.28
N GLU A 707 3.27 31.11 -16.44
CA GLU A 707 3.46 31.90 -17.67
C GLU A 707 3.16 33.38 -17.46
N HIS A 708 2.19 33.68 -16.59
CA HIS A 708 1.81 35.05 -16.23
C HIS A 708 2.95 35.73 -15.46
N TYR A 709 3.51 35.04 -14.44
CA TYR A 709 4.64 35.53 -13.64
C TYR A 709 5.92 35.65 -14.48
N ALA A 710 6.25 34.59 -15.27
CA ALA A 710 7.45 34.53 -16.13
C ALA A 710 7.51 35.70 -17.12
N ALA A 711 6.34 36.16 -17.61
CA ALA A 711 6.20 37.29 -18.53
C ALA A 711 6.37 38.64 -17.79
N GLY A 712 6.64 38.60 -16.48
CA GLY A 712 6.89 39.77 -15.64
C GLY A 712 5.66 40.46 -15.09
N ASN A 713 4.54 39.73 -14.96
CA ASN A 713 3.29 40.29 -14.44
C ASN A 713 3.03 39.90 -13.01
N LYS A 714 2.42 40.83 -12.25
CA LYS A 714 1.98 40.60 -10.87
C LYS A 714 0.70 39.73 -10.96
N PRO A 715 0.27 39.02 -9.89
CA PRO A 715 -0.92 38.17 -10.03
C PRO A 715 -2.20 38.90 -10.44
N ASP A 716 -3.01 38.23 -11.27
CA ASP A 716 -4.30 38.71 -11.74
C ASP A 716 -5.25 37.52 -11.80
N HIS A 717 -6.57 37.77 -11.81
CA HIS A 717 -7.58 36.71 -11.85
C HIS A 717 -7.40 35.79 -13.07
N MET A 718 -7.35 34.46 -12.81
CA MET A 718 -7.23 33.41 -13.83
C MET A 718 -8.63 32.81 -13.89
N ILE A 719 -9.54 33.48 -14.63
CA ILE A 719 -10.96 33.15 -14.68
C ILE A 719 -11.56 32.56 -15.99
N LYS A 720 -10.72 32.08 -16.92
CA LYS A 720 -11.21 31.48 -18.18
C LYS A 720 -10.66 30.07 -18.41
N TYR B 1 -15.00 8.93 16.32
CA TYR B 1 -16.07 8.00 16.68
C TYR B 1 -15.84 7.43 18.08
N PRO B 2 -16.91 7.05 18.83
CA PRO B 2 -16.68 6.51 20.19
C PRO B 2 -15.90 5.19 20.12
N GLY B 3 -14.76 5.19 20.80
CA GLY B 3 -13.83 4.05 20.80
C GLY B 3 -12.66 4.23 19.87
N GLY B 4 -12.61 5.39 19.20
CA GLY B 4 -11.56 5.73 18.25
C GLY B 4 -11.45 7.22 18.12
N SER B 5 -11.14 7.68 16.90
CA SER B 5 -11.04 9.10 16.63
C SER B 5 -11.54 9.45 15.24
N THR B 6 -12.19 10.61 15.14
CA THR B 6 -12.66 11.15 13.86
C THR B 6 -12.01 12.53 13.70
N PRO B 7 -10.91 12.61 12.93
CA PRO B 7 -10.26 13.91 12.72
C PRO B 7 -11.16 14.82 11.90
N VAL B 8 -11.12 16.12 12.21
CA VAL B 8 -11.96 17.12 11.56
C VAL B 8 -11.09 18.34 11.25
N SER B 9 -11.58 19.23 10.39
CA SER B 9 -10.88 20.49 10.13
C SER B 9 -11.19 21.38 11.36
N SER B 10 -10.14 21.97 11.96
CA SER B 10 -10.36 22.79 13.14
C SER B 10 -9.45 24.01 13.17
N ALA B 11 -9.83 25.02 13.93
CA ALA B 11 -9.10 26.28 14.03
C ALA B 11 -7.72 26.10 14.68
N ASN B 12 -6.71 26.91 14.28
CA ASN B 12 -5.41 26.86 14.96
C ASN B 12 -5.53 27.72 16.24
N MET B 13 -4.65 27.48 17.23
CA MET B 13 -4.72 28.22 18.49
C MET B 13 -4.33 29.68 18.31
N MET B 14 -5.00 30.59 19.06
CA MET B 14 -4.74 32.03 19.02
C MET B 14 -4.78 32.68 20.41
N THR C 7 49.70 -40.48 23.93
CA THR C 7 49.07 -41.77 23.68
C THR C 7 47.67 -41.90 24.29
N HIS C 8 47.44 -41.26 25.47
CA HIS C 8 46.15 -41.25 26.15
C HIS C 8 45.13 -40.40 25.39
N ALA C 9 45.60 -39.31 24.75
CA ALA C 9 44.78 -38.41 23.93
C ALA C 9 44.34 -39.11 22.64
N ASP C 10 45.22 -39.95 22.05
CA ASP C 10 44.96 -40.76 20.85
C ASP C 10 43.79 -41.73 21.09
N SER C 11 43.79 -42.43 22.25
N SER C 11 43.79 -42.43 22.25
CA SER C 11 42.76 -43.39 22.64
CA SER C 11 42.76 -43.39 22.66
C SER C 11 41.41 -42.69 22.92
C SER C 11 41.43 -42.69 22.92
N LEU C 12 41.46 -41.49 23.53
CA LEU C 12 40.26 -40.68 23.83
C LEU C 12 39.62 -40.18 22.53
N ASN C 13 40.45 -39.84 21.52
CA ASN C 13 40.01 -39.40 20.18
C ASN C 13 39.41 -40.60 19.44
N ASN C 14 39.97 -41.82 19.66
CA ASN C 14 39.50 -43.07 19.06
C ASN C 14 38.14 -43.46 19.66
N LEU C 15 37.98 -43.31 20.99
CA LEU C 15 36.74 -43.59 21.73
C LEU C 15 35.61 -42.65 21.30
N ALA C 16 35.94 -41.37 21.07
CA ALA C 16 35.01 -40.32 20.63
C ALA C 16 34.49 -40.62 19.22
N ASN C 17 35.37 -41.15 18.33
CA ASN C 17 35.03 -41.54 16.96
C ASN C 17 34.03 -42.69 16.94
N ILE C 18 34.12 -43.63 17.92
CA ILE C 18 33.23 -44.78 18.08
C ILE C 18 31.82 -44.31 18.44
N LYS C 19 31.70 -43.47 19.49
CA LYS C 19 30.44 -42.89 19.99
C LYS C 19 29.77 -41.97 18.95
N ARG C 20 30.59 -41.35 18.07
CA ARG C 20 30.15 -40.48 16.98
C ARG C 20 29.41 -41.30 15.92
N GLU C 21 29.95 -42.50 15.57
CA GLU C 21 29.38 -43.42 14.60
C GLU C 21 28.10 -44.09 15.13
N GLN C 22 28.01 -44.29 16.46
CA GLN C 22 26.88 -44.88 17.16
C GLN C 22 25.64 -43.97 17.12
N GLY C 23 25.89 -42.67 17.00
CA GLY C 23 24.84 -41.65 16.95
C GLY C 23 24.85 -40.73 18.16
N ASN C 24 25.61 -41.11 19.20
CA ASN C 24 25.73 -40.34 20.43
C ASN C 24 26.73 -39.18 20.21
N ILE C 25 26.20 -38.05 19.74
CA ILE C 25 26.95 -36.84 19.41
C ILE C 25 27.47 -36.13 20.68
N GLU C 26 26.64 -36.07 21.75
CA GLU C 26 27.01 -35.42 23.01
C GLU C 26 28.16 -36.12 23.75
N GLU C 27 28.19 -37.46 23.72
CA GLU C 27 29.27 -38.24 24.34
C GLU C 27 30.56 -38.11 23.52
N ALA C 28 30.44 -37.97 22.18
CA ALA C 28 31.56 -37.78 21.26
C ALA C 28 32.25 -36.45 21.57
N VAL C 29 31.46 -35.35 21.73
CA VAL C 29 31.92 -33.99 22.07
C VAL C 29 32.73 -34.03 23.38
N ARG C 30 32.14 -34.61 24.44
CA ARG C 30 32.75 -34.76 25.78
C ARG C 30 34.11 -35.48 25.71
N LEU C 31 34.21 -36.54 24.88
CA LEU C 31 35.44 -37.31 24.72
C LEU C 31 36.52 -36.59 23.91
N TYR C 32 36.11 -35.80 22.87
CA TYR C 32 37.03 -34.99 22.06
C TYR C 32 37.66 -33.91 22.95
N ARG C 33 36.84 -33.28 23.83
CA ARG C 33 37.25 -32.24 24.78
C ARG C 33 38.24 -32.80 25.81
N LYS C 34 38.02 -34.06 26.25
CA LYS C 34 38.90 -34.76 27.19
C LYS C 34 40.28 -35.03 26.54
N ALA C 35 40.29 -35.37 25.23
CA ALA C 35 41.51 -35.60 24.44
C ALA C 35 42.31 -34.30 24.35
N LEU C 36 41.61 -33.16 24.20
CA LEU C 36 42.21 -31.84 24.14
C LEU C 36 42.71 -31.40 25.52
N GLU C 37 42.00 -31.80 26.59
CA GLU C 37 42.38 -31.51 27.98
C GLU C 37 43.76 -32.14 28.28
N VAL C 38 43.97 -33.39 27.84
CA VAL C 38 45.20 -34.18 27.99
C VAL C 38 46.33 -33.63 27.11
N PHE C 39 46.05 -33.44 25.80
CA PHE C 39 47.02 -32.94 24.82
C PHE C 39 46.38 -31.80 24.00
N PRO C 40 46.57 -30.52 24.43
CA PRO C 40 45.92 -29.39 23.73
C PRO C 40 46.29 -29.14 22.27
N GLU C 41 47.52 -29.51 21.86
CA GLU C 41 48.01 -29.32 20.49
C GLU C 41 47.72 -30.55 19.61
N PHE C 42 46.46 -31.02 19.63
CA PHE C 42 46.01 -32.20 18.88
C PHE C 42 45.13 -31.76 17.70
N ALA C 43 45.76 -31.59 16.52
CA ALA C 43 45.12 -31.15 15.28
C ALA C 43 43.93 -32.01 14.83
N ALA C 44 44.08 -33.36 14.91
CA ALA C 44 43.02 -34.30 14.52
C ALA C 44 41.79 -34.20 15.43
N ALA C 45 41.99 -34.08 16.77
CA ALA C 45 40.89 -33.95 17.73
C ALA C 45 40.13 -32.64 17.51
N HIS C 46 40.86 -31.54 17.20
CA HIS C 46 40.26 -30.24 16.91
C HIS C 46 39.45 -30.30 15.63
N SER C 47 40.00 -30.92 14.58
CA SER C 47 39.35 -31.07 13.27
C SER C 47 38.08 -31.95 13.37
N ASN C 48 38.14 -33.04 14.17
CA ASN C 48 37.01 -33.95 14.37
C ASN C 48 35.89 -33.29 15.18
N LEU C 49 36.25 -32.57 16.26
CA LEU C 49 35.30 -31.84 17.09
C LEU C 49 34.63 -30.72 16.27
N ALA C 50 35.40 -30.04 15.40
CA ALA C 50 34.89 -28.97 14.53
C ALA C 50 33.83 -29.50 13.53
N SER C 51 34.11 -30.66 12.91
CA SER C 51 33.20 -31.33 11.96
C SER C 51 31.88 -31.71 12.66
N VAL C 52 31.98 -32.23 13.90
CA VAL C 52 30.88 -32.64 14.75
C VAL C 52 30.01 -31.42 15.11
N LEU C 53 30.65 -30.30 15.51
CA LEU C 53 29.96 -29.06 15.85
C LEU C 53 29.29 -28.45 14.61
N GLN C 54 29.98 -28.48 13.44
CA GLN C 54 29.46 -27.98 12.16
C GLN C 54 28.16 -28.73 11.81
N GLN C 55 28.15 -30.07 11.98
CA GLN C 55 27.00 -30.94 11.70
C GLN C 55 25.83 -30.66 12.64
N GLN C 56 26.12 -30.20 13.88
CA GLN C 56 25.12 -29.85 14.89
C GLN C 56 24.53 -28.45 14.63
N GLY C 57 25.13 -27.71 13.69
CA GLY C 57 24.74 -26.35 13.36
C GLY C 57 25.39 -25.31 14.25
N LYS C 58 26.41 -25.74 15.04
CA LYS C 58 27.17 -24.88 15.96
C LYS C 58 28.41 -24.37 15.19
N LEU C 59 28.15 -23.51 14.21
CA LEU C 59 29.13 -22.96 13.27
C LEU C 59 30.23 -22.10 13.88
N GLN C 60 29.88 -21.16 14.77
CA GLN C 60 30.85 -20.29 15.45
C GLN C 60 31.79 -21.13 16.32
N GLU C 61 31.24 -22.13 17.02
CA GLU C 61 32.02 -23.03 17.85
C GLU C 61 32.93 -23.93 17.00
N ALA C 62 32.42 -24.41 15.85
CA ALA C 62 33.18 -25.24 14.90
C ALA C 62 34.38 -24.45 14.37
N LEU C 63 34.16 -23.15 14.06
CA LEU C 63 35.17 -22.22 13.55
C LEU C 63 36.38 -22.08 14.49
N MET C 64 36.15 -22.04 15.83
CA MET C 64 37.21 -21.96 16.85
C MET C 64 38.17 -23.16 16.71
N HIS C 65 37.61 -24.37 16.57
CA HIS C 65 38.37 -25.61 16.43
C HIS C 65 39.09 -25.74 15.10
N TYR C 66 38.49 -25.25 13.99
CA TYR C 66 39.17 -25.25 12.70
C TYR C 66 40.39 -24.32 12.74
N LYS C 67 40.27 -23.18 13.45
CA LYS C 67 41.37 -22.22 13.58
C LYS C 67 42.56 -22.85 14.33
N GLU C 68 42.26 -23.70 15.33
CA GLU C 68 43.28 -24.42 16.08
C GLU C 68 44.01 -25.44 15.18
N ALA C 69 43.25 -26.27 14.43
CA ALA C 69 43.80 -27.30 13.53
C ALA C 69 44.77 -26.72 12.50
N ILE C 70 44.36 -25.61 11.83
CA ILE C 70 45.16 -24.95 10.80
C ILE C 70 46.48 -24.36 11.31
N ARG C 71 46.49 -23.85 12.56
CA ARG C 71 47.69 -23.31 13.20
C ARG C 71 48.65 -24.46 13.52
N ILE C 72 48.17 -25.50 14.24
CA ILE C 72 48.94 -26.68 14.67
C ILE C 72 49.57 -27.38 13.45
N SER C 73 48.75 -27.67 12.41
CA SER C 73 49.22 -28.32 11.18
CA SER C 73 49.22 -28.32 11.18
C SER C 73 49.06 -27.38 9.98
N PRO C 74 50.14 -26.60 9.61
CA PRO C 74 50.01 -25.67 8.48
C PRO C 74 49.87 -26.32 7.10
N THR C 75 50.11 -27.63 6.99
CA THR C 75 49.98 -28.38 5.74
C THR C 75 48.62 -29.13 5.69
N PHE C 76 47.75 -28.89 6.71
CA PHE C 76 46.42 -29.50 6.85
C PHE C 76 45.43 -28.85 5.87
N ALA C 77 45.58 -29.15 4.56
CA ALA C 77 44.69 -28.61 3.52
C ALA C 77 43.23 -28.96 3.79
N ASP C 78 42.97 -30.19 4.30
CA ASP C 78 41.62 -30.70 4.62
C ASP C 78 40.90 -29.82 5.63
N ALA C 79 41.63 -29.30 6.63
CA ALA C 79 41.06 -28.41 7.65
C ALA C 79 40.70 -27.06 7.04
N TYR C 80 41.54 -26.53 6.12
CA TYR C 80 41.26 -25.27 5.40
C TYR C 80 39.98 -25.41 4.57
N SER C 81 39.85 -26.52 3.81
CA SER C 81 38.70 -26.84 2.97
C SER C 81 37.43 -26.96 3.83
N ASN C 82 37.49 -27.72 4.93
CA ASN C 82 36.36 -27.88 5.85
C ASN C 82 35.99 -26.59 6.55
N MET C 83 37.00 -25.74 6.91
CA MET C 83 36.74 -24.43 7.50
C MET C 83 36.01 -23.56 6.46
N GLY C 84 36.40 -23.68 5.19
CA GLY C 84 35.76 -22.97 4.09
C GLY C 84 34.29 -23.32 3.99
N ASN C 85 33.95 -24.61 4.12
CA ASN C 85 32.56 -25.11 4.13
C ASN C 85 31.74 -24.50 5.27
N THR C 86 32.34 -24.35 6.47
CA THR C 86 31.70 -23.73 7.63
C THR C 86 31.43 -22.24 7.37
N LEU C 87 32.42 -21.52 6.78
CA LEU C 87 32.27 -20.11 6.45
C LEU C 87 31.20 -19.85 5.40
N LYS C 88 31.12 -20.76 4.40
CA LYS C 88 30.11 -20.69 3.35
C LYS C 88 28.72 -20.80 3.99
N GLU C 89 28.55 -21.72 4.95
CA GLU C 89 27.28 -21.92 5.67
C GLU C 89 26.94 -20.70 6.54
N MET C 90 27.97 -19.97 7.01
CA MET C 90 27.84 -18.76 7.83
C MET C 90 27.60 -17.50 6.98
N GLN C 91 27.54 -17.67 5.64
CA GLN C 91 27.35 -16.61 4.64
C GLN C 91 28.57 -15.69 4.49
N ASP C 92 29.76 -16.18 4.90
CA ASP C 92 31.02 -15.43 4.71
C ASP C 92 31.63 -16.04 3.44
N VAL C 93 31.18 -15.53 2.27
CA VAL C 93 31.60 -15.98 0.94
C VAL C 93 33.09 -15.69 0.66
N GLN C 94 33.55 -14.47 1.00
CA GLN C 94 34.96 -14.08 0.82
C GLN C 94 35.88 -14.93 1.68
N GLY C 95 35.48 -15.17 2.93
CA GLY C 95 36.23 -15.98 3.89
C GLY C 95 36.37 -17.41 3.40
N ALA C 96 35.26 -17.99 2.90
CA ALA C 96 35.22 -19.36 2.37
C ALA C 96 36.15 -19.49 1.18
N LEU C 97 36.09 -18.51 0.24
CA LEU C 97 36.96 -18.48 -0.94
C LEU C 97 38.42 -18.45 -0.51
N GLN C 98 38.76 -17.62 0.49
CA GLN C 98 40.12 -17.52 1.03
C GLN C 98 40.58 -18.90 1.52
N CYS C 99 39.72 -19.62 2.26
CA CYS C 99 40.02 -20.94 2.79
C CYS C 99 40.25 -21.97 1.70
N TYR C 100 39.40 -21.98 0.66
CA TYR C 100 39.57 -22.94 -0.44
C TYR C 100 40.83 -22.61 -1.23
N THR C 101 41.12 -21.30 -1.38
CA THR C 101 42.30 -20.83 -2.10
C THR C 101 43.57 -21.31 -1.40
N ARG C 102 43.60 -21.22 -0.07
CA ARG C 102 44.73 -21.67 0.74
C ARG C 102 44.87 -23.19 0.65
N ALA C 103 43.76 -23.95 0.72
CA ALA C 103 43.77 -25.41 0.59
C ALA C 103 44.42 -25.87 -0.73
N ILE C 104 44.10 -25.20 -1.86
CA ILE C 104 44.63 -25.49 -3.20
C ILE C 104 46.11 -25.11 -3.28
N GLN C 105 46.52 -24.04 -2.58
CA GLN C 105 47.93 -23.60 -2.57
C GLN C 105 48.78 -24.62 -1.77
N ILE C 106 48.24 -25.12 -0.64
CA ILE C 106 48.90 -26.12 0.22
C ILE C 106 48.99 -27.47 -0.51
N ASN C 107 47.89 -27.90 -1.15
CA ASN C 107 47.83 -29.16 -1.91
C ASN C 107 47.16 -28.91 -3.27
N PRO C 108 47.95 -28.66 -4.35
CA PRO C 108 47.35 -28.40 -5.68
C PRO C 108 46.60 -29.58 -6.28
N ALA C 109 46.79 -30.78 -5.70
CA ALA C 109 46.17 -32.03 -6.11
C ALA C 109 44.90 -32.36 -5.33
N PHE C 110 44.42 -31.41 -4.49
CA PHE C 110 43.26 -31.62 -3.63
C PHE C 110 41.99 -31.31 -4.41
N ALA C 111 41.42 -32.36 -5.04
CA ALA C 111 40.22 -32.33 -5.90
C ALA C 111 39.02 -31.68 -5.19
N ASP C 112 38.76 -32.05 -3.91
CA ASP C 112 37.64 -31.50 -3.11
C ASP C 112 37.67 -29.97 -3.01
N ALA C 113 38.85 -29.39 -2.75
CA ALA C 113 39.03 -27.94 -2.60
C ALA C 113 38.73 -27.20 -3.91
N HIS C 114 39.09 -27.80 -5.06
CA HIS C 114 38.81 -27.22 -6.39
C HIS C 114 37.31 -27.22 -6.64
N SER C 115 36.64 -28.31 -6.23
CA SER C 115 35.19 -28.50 -6.35
C SER C 115 34.45 -27.49 -5.46
N ASN C 116 34.92 -27.29 -4.22
CA ASN C 116 34.33 -26.34 -3.29
C ASN C 116 34.54 -24.91 -3.80
N LEU C 117 35.71 -24.61 -4.42
CA LEU C 117 35.97 -23.29 -5.04
C LEU C 117 35.03 -23.07 -6.22
N ALA C 118 34.85 -24.12 -7.06
CA ALA C 118 33.94 -24.05 -8.20
C ALA C 118 32.51 -23.72 -7.74
N SER C 119 32.08 -24.32 -6.59
CA SER C 119 30.76 -24.05 -6.00
C SER C 119 30.55 -22.56 -5.62
N ILE C 120 31.62 -21.85 -5.18
CA ILE C 120 31.60 -20.42 -4.84
C ILE C 120 31.43 -19.62 -6.13
N HIS C 121 32.17 -19.98 -7.19
CA HIS C 121 32.04 -19.30 -8.48
C HIS C 121 30.63 -19.52 -9.04
N LYS C 122 30.09 -20.74 -8.89
CA LYS C 122 28.73 -21.10 -9.34
C LYS C 122 27.67 -20.25 -8.61
N ASP C 123 27.70 -20.24 -7.29
CA ASP C 123 26.74 -19.51 -6.45
C ASP C 123 26.83 -17.99 -6.61
N SER C 124 28.00 -17.50 -7.05
CA SER C 124 28.25 -16.08 -7.32
C SER C 124 27.92 -15.71 -8.79
N GLY C 125 27.38 -16.68 -9.54
CA GLY C 125 26.96 -16.50 -10.94
C GLY C 125 28.04 -16.60 -12.01
N ASN C 126 29.31 -16.82 -11.62
CA ASN C 126 30.46 -16.94 -12.54
C ASN C 126 30.60 -18.38 -13.03
N ILE C 127 29.69 -18.80 -13.91
CA ILE C 127 29.64 -20.15 -14.45
C ILE C 127 30.91 -20.57 -15.21
N PRO C 128 31.52 -19.75 -16.11
CA PRO C 128 32.75 -20.21 -16.79
C PRO C 128 33.89 -20.54 -15.82
N GLU C 129 34.02 -19.80 -14.71
CA GLU C 129 35.04 -20.09 -13.69
C GLU C 129 34.68 -21.32 -12.87
N ALA C 130 33.36 -21.51 -12.60
CA ALA C 130 32.83 -22.69 -11.89
C ALA C 130 33.16 -23.94 -12.74
N ILE C 131 32.85 -23.90 -14.06
CA ILE C 131 33.15 -24.96 -15.03
C ILE C 131 34.65 -25.29 -15.02
N ALA C 132 35.53 -24.26 -15.04
CA ALA C 132 36.97 -24.47 -15.07
C ALA C 132 37.51 -25.18 -13.83
N SER C 133 37.03 -24.78 -12.65
CA SER C 133 37.43 -25.37 -11.38
C SER C 133 36.88 -26.82 -11.20
N TYR C 134 35.64 -27.09 -11.67
CA TYR C 134 35.05 -28.46 -11.63
C TYR C 134 35.83 -29.41 -12.53
N ARG C 135 36.27 -28.90 -13.71
CA ARG C 135 37.06 -29.70 -14.66
C ARG C 135 38.42 -30.05 -14.06
N THR C 136 39.06 -29.09 -13.34
CA THR C 136 40.33 -29.37 -12.62
C THR C 136 40.08 -30.49 -11.58
N ALA C 137 38.97 -30.39 -10.79
CA ALA C 137 38.60 -31.38 -9.76
C ALA C 137 38.46 -32.79 -10.36
N LEU C 138 37.79 -32.89 -11.53
CA LEU C 138 37.57 -34.13 -12.26
C LEU C 138 38.85 -34.65 -12.95
N LYS C 139 39.76 -33.74 -13.34
CA LYS C 139 41.06 -34.10 -13.93
C LYS C 139 41.88 -34.82 -12.83
N LEU C 140 41.85 -34.25 -11.61
CA LEU C 140 42.51 -34.77 -10.41
C LEU C 140 41.87 -36.04 -9.85
N LYS C 141 40.54 -36.08 -9.81
CA LYS C 141 39.76 -37.23 -9.32
C LYS C 141 38.62 -37.56 -10.30
N PRO C 142 38.89 -38.45 -11.30
CA PRO C 142 37.86 -38.80 -12.31
C PRO C 142 36.52 -39.30 -11.76
N ASP C 143 36.56 -40.07 -10.66
CA ASP C 143 35.37 -40.59 -9.99
C ASP C 143 35.05 -39.62 -8.86
N PHE C 144 34.25 -38.59 -9.19
CA PHE C 144 33.90 -37.55 -8.22
C PHE C 144 32.44 -37.12 -8.47
N PRO C 145 31.46 -37.87 -7.91
CA PRO C 145 30.06 -37.55 -8.16
C PRO C 145 29.61 -36.11 -7.93
N ASP C 146 30.04 -35.46 -6.82
CA ASP C 146 29.66 -34.07 -6.54
C ASP C 146 30.10 -33.10 -7.63
N ALA C 147 31.36 -33.21 -8.06
CA ALA C 147 31.92 -32.35 -9.09
C ALA C 147 31.28 -32.64 -10.46
N TYR C 148 31.09 -33.93 -10.82
CA TYR C 148 30.48 -34.27 -12.11
C TYR C 148 29.07 -33.70 -12.23
N CYS C 149 28.24 -33.90 -11.19
CA CYS C 149 26.85 -33.45 -11.19
C CYS C 149 26.70 -31.94 -11.13
N ASN C 150 27.58 -31.28 -10.37
CA ASN C 150 27.57 -29.83 -10.27
C ASN C 150 28.04 -29.23 -11.58
N LEU C 151 29.03 -29.86 -12.25
CA LEU C 151 29.49 -29.42 -13.56
C LEU C 151 28.34 -29.59 -14.59
N ALA C 152 27.58 -30.72 -14.52
CA ALA C 152 26.47 -30.99 -15.44
C ALA C 152 25.40 -29.88 -15.34
N HIS C 153 25.16 -29.39 -14.12
CA HIS C 153 24.21 -28.31 -13.90
C HIS C 153 24.75 -26.98 -14.47
N CYS C 154 26.06 -26.68 -14.29
CA CYS C 154 26.69 -25.47 -14.89
C CYS C 154 26.49 -25.52 -16.41
N LEU C 155 26.76 -26.70 -17.00
CA LEU C 155 26.63 -26.91 -18.45
C LEU C 155 25.21 -26.73 -18.91
N GLN C 156 24.23 -27.15 -18.08
CA GLN C 156 22.80 -26.99 -18.36
C GLN C 156 22.42 -25.48 -18.38
N ILE C 157 22.92 -24.71 -17.41
CA ILE C 157 22.66 -23.26 -17.26
C ILE C 157 23.10 -22.48 -18.50
N VAL C 158 24.25 -22.83 -19.07
CA VAL C 158 24.81 -22.12 -20.23
C VAL C 158 24.47 -22.75 -21.59
N CYS C 159 23.63 -23.82 -21.58
CA CYS C 159 23.27 -24.57 -22.78
C CYS C 159 24.47 -25.14 -23.52
N ASP C 160 25.45 -25.67 -22.76
CA ASP C 160 26.59 -26.37 -23.32
C ASP C 160 26.10 -27.82 -23.41
N TRP C 161 25.84 -28.28 -24.63
CA TRP C 161 25.34 -29.65 -24.87
C TRP C 161 26.38 -30.59 -25.49
N THR C 162 27.69 -30.36 -25.22
CA THR C 162 28.76 -31.25 -25.71
C THR C 162 28.57 -32.64 -25.05
N ASP C 163 28.48 -33.71 -25.87
CA ASP C 163 28.32 -35.11 -25.43
C ASP C 163 27.14 -35.24 -24.43
N TYR C 164 26.02 -34.56 -24.76
CA TYR C 164 24.83 -34.46 -23.92
C TYR C 164 24.23 -35.80 -23.52
N ASP C 165 23.97 -36.69 -24.51
CA ASP C 165 23.37 -38.01 -24.29
C ASP C 165 24.21 -38.87 -23.34
N GLU C 166 25.55 -38.86 -23.52
CA GLU C 166 26.50 -39.60 -22.68
C GLU C 166 26.52 -38.95 -21.28
N ARG C 167 26.43 -37.61 -21.22
CA ARG C 167 26.40 -36.89 -19.94
C ARG C 167 25.17 -37.33 -19.14
N MET C 168 24.00 -37.38 -19.83
CA MET C 168 22.74 -37.77 -19.21
C MET C 168 22.80 -39.21 -18.71
N LYS C 169 23.42 -40.12 -19.50
CA LYS C 169 23.57 -41.54 -19.10
C LYS C 169 24.44 -41.66 -17.83
N LYS C 170 25.53 -40.87 -17.77
CA LYS C 170 26.45 -40.87 -16.62
C LYS C 170 25.79 -40.34 -15.35
N LEU C 171 24.94 -39.29 -15.45
CA LEU C 171 24.21 -38.73 -14.31
C LEU C 171 23.28 -39.78 -13.70
N VAL C 172 22.52 -40.49 -14.56
CA VAL C 172 21.61 -41.57 -14.17
C VAL C 172 22.41 -42.67 -13.45
N SER C 173 23.58 -43.07 -14.03
CA SER C 173 24.46 -44.10 -13.48
CA SER C 173 24.45 -44.10 -13.48
C SER C 173 25.00 -43.70 -12.12
N ILE C 174 25.38 -42.41 -11.95
CA ILE C 174 25.90 -41.87 -10.68
C ILE C 174 24.80 -41.95 -9.61
N VAL C 175 23.58 -41.46 -9.93
CA VAL C 175 22.42 -41.48 -9.02
C VAL C 175 22.09 -42.92 -8.60
N ALA C 176 22.03 -43.87 -9.58
CA ALA C 176 21.76 -45.30 -9.34
C ALA C 176 22.74 -45.91 -8.31
N ASP C 177 24.05 -45.61 -8.45
CA ASP C 177 25.13 -46.09 -7.58
C ASP C 177 25.03 -45.48 -6.18
N GLN C 178 24.74 -44.18 -6.09
CA GLN C 178 24.62 -43.49 -4.80
C GLN C 178 23.42 -43.98 -4.00
N LEU C 179 22.27 -44.19 -4.65
CA LEU C 179 21.05 -44.70 -4.03
C LEU C 179 21.27 -46.13 -3.51
N GLU C 180 21.97 -46.96 -4.30
CA GLU C 180 22.32 -48.34 -4.00
C GLU C 180 23.28 -48.43 -2.80
N LYS C 181 24.27 -47.51 -2.73
CA LYS C 181 25.29 -47.48 -1.67
C LYS C 181 24.91 -46.63 -0.44
N ASN C 182 23.63 -46.21 -0.35
CA ASN C 182 23.05 -45.39 0.73
C ASN C 182 23.81 -44.09 0.99
N ARG C 183 24.17 -43.38 -0.09
CA ARG C 183 24.87 -42.11 -0.03
C ARG C 183 23.96 -41.02 -0.60
N LEU C 184 24.04 -39.79 -0.05
CA LEU C 184 23.20 -38.68 -0.50
C LEU C 184 23.48 -38.38 -1.99
N PRO C 185 22.46 -38.50 -2.88
CA PRO C 185 22.72 -38.27 -4.31
C PRO C 185 23.27 -36.88 -4.61
N SER C 186 24.21 -36.82 -5.58
CA SER C 186 24.89 -35.58 -6.01
C SER C 186 24.02 -34.68 -6.89
N VAL C 187 22.87 -35.20 -7.38
CA VAL C 187 21.92 -34.42 -8.17
C VAL C 187 20.92 -33.87 -7.16
N HIS C 188 20.78 -32.54 -7.12
CA HIS C 188 19.85 -31.89 -6.21
C HIS C 188 18.39 -32.21 -6.62
N PRO C 189 17.45 -32.51 -5.67
CA PRO C 189 16.06 -32.81 -6.07
C PRO C 189 15.39 -31.71 -6.90
N HIS C 190 15.74 -30.43 -6.67
CA HIS C 190 15.19 -29.32 -7.44
C HIS C 190 15.66 -29.32 -8.91
N HIS C 191 16.77 -30.03 -9.20
CA HIS C 191 17.34 -30.15 -10.55
C HIS C 191 16.97 -31.48 -11.23
N SER C 192 16.46 -32.47 -10.46
CA SER C 192 16.16 -33.82 -10.94
C SER C 192 15.19 -33.93 -12.14
N MET C 193 14.29 -32.95 -12.29
CA MET C 193 13.36 -32.96 -13.42
C MET C 193 14.04 -32.61 -14.77
N LEU C 194 15.27 -32.02 -14.72
CA LEU C 194 16.01 -31.64 -15.93
C LEU C 194 16.73 -32.81 -16.61
N TYR C 195 16.85 -33.94 -15.91
CA TYR C 195 17.58 -35.10 -16.40
C TYR C 195 16.67 -36.30 -16.59
N PRO C 196 16.99 -37.26 -17.49
CA PRO C 196 16.07 -38.38 -17.74
C PRO C 196 16.13 -39.50 -16.70
N LEU C 197 15.96 -39.12 -15.44
CA LEU C 197 15.93 -40.05 -14.31
C LEU C 197 14.52 -40.65 -14.27
N SER C 198 14.39 -41.84 -13.69
CA SER C 198 13.06 -42.44 -13.56
C SER C 198 12.29 -41.67 -12.46
N HIS C 199 10.96 -41.78 -12.44
CA HIS C 199 10.14 -41.14 -11.40
C HIS C 199 10.52 -41.70 -10.03
N GLY C 200 10.84 -42.99 -9.99
CA GLY C 200 11.31 -43.71 -8.81
C GLY C 200 12.58 -43.12 -8.26
N PHE C 201 13.55 -42.81 -9.15
CA PHE C 201 14.82 -42.18 -8.79
C PHE C 201 14.61 -40.75 -8.31
N ARG C 202 13.76 -39.98 -9.01
CA ARG C 202 13.47 -38.59 -8.62
C ARG C 202 12.83 -38.53 -7.23
N LYS C 203 11.91 -39.47 -6.94
CA LYS C 203 11.26 -39.58 -5.62
C LYS C 203 12.28 -40.00 -4.54
N ALA C 204 13.17 -40.97 -4.85
CA ALA C 204 14.20 -41.46 -3.92
C ALA C 204 15.23 -40.37 -3.55
N ILE C 205 15.62 -39.52 -4.53
CA ILE C 205 16.54 -38.39 -4.27
C ILE C 205 15.86 -37.46 -3.25
N ALA C 206 14.58 -37.10 -3.50
CA ALA C 206 13.78 -36.24 -2.64
C ALA C 206 13.70 -36.82 -1.22
N GLU C 207 13.40 -38.14 -1.11
CA GLU C 207 13.31 -38.89 0.14
CA GLU C 207 13.31 -38.88 0.15
C GLU C 207 14.61 -38.77 0.95
N ARG C 208 15.79 -38.84 0.28
CA ARG C 208 17.11 -38.74 0.94
C ARG C 208 17.31 -37.35 1.54
N HIS C 209 16.77 -36.31 0.89
CA HIS C 209 16.82 -34.93 1.37
C HIS C 209 15.90 -34.73 2.56
N GLY C 210 14.74 -35.38 2.52
CA GLY C 210 13.76 -35.37 3.60
C GLY C 210 14.34 -36.05 4.83
N ASN C 211 15.09 -37.16 4.62
CA ASN C 211 15.78 -37.93 5.66
C ASN C 211 16.87 -37.12 6.37
N LEU C 212 17.54 -36.18 5.65
CA LEU C 212 18.55 -35.28 6.23
C LEU C 212 17.88 -34.39 7.30
N CYS C 213 16.65 -33.89 7.00
CA CYS C 213 15.87 -33.05 7.91
C CYS C 213 15.49 -33.82 9.18
N LEU C 214 15.04 -35.08 9.02
CA LEU C 214 14.68 -35.97 10.14
C LEU C 214 15.89 -36.24 11.03
N ASP C 215 17.07 -36.50 10.42
CA ASP C 215 18.33 -36.74 11.12
C ASP C 215 18.76 -35.53 11.95
N LYS C 216 18.56 -34.31 11.39
CA LYS C 216 18.88 -33.05 12.06
C LYS C 216 17.94 -32.75 13.24
N ILE C 217 16.67 -33.22 13.16
CA ILE C 217 15.70 -32.99 14.25
C ILE C 217 15.70 -34.07 15.34
N ASN C 218 16.12 -35.30 14.99
CA ASN C 218 16.18 -36.43 15.94
C ASN C 218 17.17 -36.17 17.10
N VAL C 219 18.20 -35.33 16.85
CA VAL C 219 19.21 -34.95 17.85
C VAL C 219 18.63 -34.01 18.92
N LEU C 220 17.51 -33.33 18.62
CA LEU C 220 16.83 -32.43 19.56
C LEU C 220 16.08 -33.27 20.62
N HIS C 221 15.84 -34.57 20.33
CA HIS C 221 15.14 -35.55 21.16
C HIS C 221 13.76 -35.07 21.63
N LYS C 222 13.06 -34.39 20.73
CA LYS C 222 11.74 -33.82 20.99
C LYS C 222 10.65 -34.88 20.85
N PRO C 223 9.71 -34.92 21.82
CA PRO C 223 8.60 -35.88 21.72
C PRO C 223 7.58 -35.47 20.63
N PRO C 224 6.69 -36.39 20.16
CA PRO C 224 5.68 -35.95 19.18
C PRO C 224 4.69 -34.98 19.82
N TYR C 225 4.29 -33.95 19.06
CA TYR C 225 3.38 -32.92 19.54
C TYR C 225 1.94 -33.42 19.65
N GLU C 226 1.20 -32.90 20.65
CA GLU C 226 -0.23 -33.16 20.82
C GLU C 226 -0.93 -32.19 19.86
N HIS C 227 -1.70 -32.72 18.92
CA HIS C 227 -2.35 -31.89 17.91
C HIS C 227 -3.81 -31.58 18.24
N PRO C 228 -4.39 -30.44 17.76
CA PRO C 228 -5.82 -30.19 18.01
C PRO C 228 -6.68 -31.25 17.31
N LYS C 229 -7.79 -31.65 17.94
CA LYS C 229 -8.69 -32.67 17.39
C LYS C 229 -10.03 -32.07 16.94
N ASP C 230 -10.20 -30.75 17.11
CA ASP C 230 -11.40 -30.00 16.78
C ASP C 230 -11.04 -28.54 16.57
N LEU C 231 -12.04 -27.70 16.25
CA LEU C 231 -11.86 -26.27 16.03
C LEU C 231 -12.43 -25.41 17.19
N LYS C 232 -12.72 -26.05 18.35
CA LYS C 232 -13.30 -25.41 19.54
C LYS C 232 -12.45 -24.29 20.14
N LEU C 233 -11.13 -24.54 20.33
CA LEU C 233 -10.20 -23.54 20.88
C LEU C 233 -9.89 -22.40 19.91
N SER C 234 -10.22 -22.59 18.62
CA SER C 234 -10.01 -21.57 17.59
C SER C 234 -11.34 -20.96 17.13
N ASP C 235 -12.42 -21.12 17.94
CA ASP C 235 -13.77 -20.59 17.70
C ASP C 235 -14.36 -20.99 16.32
N GLY C 236 -14.22 -22.27 15.99
CA GLY C 236 -14.72 -22.85 14.75
C GLY C 236 -13.91 -22.52 13.51
N ARG C 237 -12.75 -21.84 13.68
CA ARG C 237 -11.89 -21.45 12.57
C ARG C 237 -10.76 -22.44 12.36
N LEU C 238 -10.41 -22.69 11.09
CA LEU C 238 -9.28 -23.54 10.75
C LEU C 238 -8.02 -22.69 10.72
N ARG C 239 -7.03 -23.04 11.56
CA ARG C 239 -5.77 -22.30 11.63
C ARG C 239 -4.81 -22.83 10.56
N VAL C 240 -4.53 -22.00 9.55
CA VAL C 240 -3.66 -22.36 8.43
C VAL C 240 -2.38 -21.56 8.56
N GLY C 241 -1.25 -22.26 8.54
CA GLY C 241 0.07 -21.65 8.63
C GLY C 241 0.82 -21.75 7.31
N TYR C 242 1.12 -20.60 6.69
CA TYR C 242 1.90 -20.54 5.45
C TYR C 242 3.37 -20.30 5.82
N VAL C 243 4.25 -21.28 5.52
CA VAL C 243 5.67 -21.22 5.83
C VAL C 243 6.45 -20.96 4.55
N SER C 244 7.14 -19.81 4.48
CA SER C 244 7.91 -19.45 3.29
C SER C 244 9.09 -18.55 3.56
N SER C 245 10.18 -18.75 2.81
CA SER C 245 11.35 -17.86 2.87
C SER C 245 11.17 -16.76 1.81
N ASP C 246 10.05 -16.80 1.08
CA ASP C 246 9.83 -15.93 -0.05
C ASP C 246 8.75 -14.86 0.09
N PHE C 247 8.47 -14.41 1.34
CA PHE C 247 7.52 -13.32 1.57
C PHE C 247 8.31 -12.03 1.38
N GLY C 248 8.31 -11.54 0.16
CA GLY C 248 9.08 -10.39 -0.28
C GLY C 248 9.24 -10.40 -1.78
N ASN C 249 10.30 -9.76 -2.31
CA ASN C 249 10.49 -9.71 -3.77
C ASN C 249 11.02 -11.04 -4.29
N HIS C 250 10.07 -11.92 -4.67
CA HIS C 250 10.36 -13.26 -5.15
C HIS C 250 9.17 -13.78 -5.93
N PRO C 251 9.38 -14.65 -6.97
CA PRO C 251 8.22 -15.20 -7.72
C PRO C 251 7.07 -15.73 -6.85
N THR C 252 7.36 -16.34 -5.67
CA THR C 252 6.31 -16.88 -4.78
C THR C 252 5.30 -15.77 -4.39
N SER C 253 5.78 -14.60 -3.94
CA SER C 253 4.89 -13.50 -3.58
C SER C 253 4.22 -12.91 -4.80
N HIS C 254 4.90 -12.91 -5.98
CA HIS C 254 4.30 -12.43 -7.24
C HIS C 254 3.12 -13.31 -7.65
N LEU C 255 3.07 -14.54 -7.11
CA LEU C 255 1.96 -15.44 -7.40
C LEU C 255 0.84 -15.38 -6.37
N MET C 256 1.19 -15.41 -5.06
CA MET C 256 0.20 -15.56 -4.00
C MET C 256 0.03 -14.46 -2.98
N GLN C 257 0.67 -13.28 -3.18
CA GLN C 257 0.56 -12.23 -2.17
C GLN C 257 -0.86 -11.82 -1.78
N SER C 258 -1.86 -11.98 -2.67
CA SER C 258 -3.22 -11.60 -2.35
C SER C 258 -4.00 -12.65 -1.56
N ILE C 259 -3.55 -13.93 -1.61
CA ILE C 259 -4.26 -15.04 -0.97
C ILE C 259 -4.51 -14.89 0.55
N PRO C 260 -3.49 -14.60 1.39
CA PRO C 260 -3.76 -14.45 2.84
C PRO C 260 -4.90 -13.48 3.18
N GLY C 261 -4.93 -12.32 2.52
CA GLY C 261 -5.96 -11.31 2.73
C GLY C 261 -7.34 -11.65 2.19
N MET C 262 -7.43 -12.66 1.31
CA MET C 262 -8.68 -13.10 0.70
C MET C 262 -9.32 -14.25 1.47
N HIS C 263 -8.60 -14.78 2.49
CA HIS C 263 -9.18 -15.86 3.29
C HIS C 263 -10.38 -15.36 4.08
N ASN C 264 -11.42 -16.21 4.23
CA ASN C 264 -12.65 -15.90 4.95
C ASN C 264 -12.36 -15.92 6.47
N PRO C 265 -12.38 -14.74 7.15
CA PRO C 265 -12.08 -14.72 8.59
C PRO C 265 -13.08 -15.44 9.50
N ASP C 266 -14.30 -15.71 9.01
CA ASP C 266 -15.30 -16.43 9.79
C ASP C 266 -14.94 -17.93 9.93
N LYS C 267 -14.21 -18.48 8.95
CA LYS C 267 -13.88 -19.91 8.97
C LYS C 267 -12.39 -20.21 9.00
N PHE C 268 -11.54 -19.19 8.78
CA PHE C 268 -10.10 -19.38 8.70
C PHE C 268 -9.35 -18.32 9.49
N GLU C 269 -8.24 -18.73 10.10
CA GLU C 269 -7.33 -17.85 10.82
C GLU C 269 -5.97 -18.09 10.18
N VAL C 270 -5.43 -17.06 9.50
CA VAL C 270 -4.20 -17.18 8.72
C VAL C 270 -2.97 -16.74 9.48
N PHE C 271 -1.96 -17.63 9.52
CA PHE C 271 -0.68 -17.36 10.14
C PHE C 271 0.39 -17.49 9.06
N CYS C 272 1.16 -16.43 8.83
CA CYS C 272 2.25 -16.49 7.85
C CYS C 272 3.56 -16.54 8.63
N TYR C 273 4.34 -17.60 8.40
CA TYR C 273 5.63 -17.83 9.04
C TYR C 273 6.73 -17.52 8.06
N ALA C 274 7.35 -16.33 8.21
CA ALA C 274 8.43 -15.91 7.32
C ALA C 274 9.77 -16.53 7.73
N LEU C 275 10.47 -17.15 6.76
CA LEU C 275 11.79 -17.74 7.00
C LEU C 275 12.91 -16.76 6.63
N SER C 276 12.54 -15.62 6.03
CA SER C 276 13.49 -14.60 5.61
C SER C 276 13.25 -13.29 6.35
N PRO C 277 14.30 -12.45 6.55
CA PRO C 277 14.06 -11.14 7.15
C PRO C 277 13.29 -10.23 6.18
N ASP C 278 12.72 -9.14 6.70
CA ASP C 278 11.96 -8.16 5.92
C ASP C 278 12.89 -7.48 4.92
N ASP C 279 12.60 -7.61 3.60
CA ASP C 279 13.42 -7.01 2.54
C ASP C 279 13.05 -5.54 2.18
N GLY C 280 12.08 -4.97 2.89
CA GLY C 280 11.62 -3.60 2.69
C GLY C 280 10.68 -3.39 1.51
N THR C 281 10.30 -4.47 0.79
CA THR C 281 9.42 -4.36 -0.39
C THR C 281 7.94 -4.37 -0.03
N ASN C 282 7.10 -3.89 -0.97
CA ASN C 282 5.64 -3.86 -0.82
C ASN C 282 5.03 -5.26 -0.74
N PHE C 283 5.74 -6.29 -1.29
CA PHE C 283 5.26 -7.67 -1.23
C PHE C 283 5.24 -8.13 0.22
N ARG C 284 6.31 -7.82 0.95
CA ARG C 284 6.41 -8.18 2.37
C ARG C 284 5.39 -7.34 3.17
N VAL C 285 5.28 -6.03 2.86
CA VAL C 285 4.30 -5.14 3.51
C VAL C 285 2.88 -5.74 3.42
N LYS C 286 2.46 -6.13 2.20
CA LYS C 286 1.12 -6.65 1.93
C LYS C 286 0.78 -7.89 2.77
N VAL C 287 1.66 -8.90 2.74
CA VAL C 287 1.45 -10.14 3.49
C VAL C 287 1.43 -9.85 5.02
N MET C 288 2.33 -8.98 5.52
CA MET C 288 2.34 -8.60 6.94
C MET C 288 1.05 -7.87 7.34
N ALA C 289 0.52 -7.01 6.47
CA ALA C 289 -0.70 -6.24 6.72
C ALA C 289 -1.98 -7.05 6.64
N GLU C 290 -2.02 -8.06 5.74
CA GLU C 290 -3.22 -8.83 5.44
C GLU C 290 -3.39 -10.18 6.14
N ALA C 291 -2.28 -10.82 6.56
CA ALA C 291 -2.41 -12.09 7.30
C ALA C 291 -2.98 -11.74 8.70
N ASN C 292 -3.73 -12.66 9.31
CA ASN C 292 -4.27 -12.40 10.66
C ASN C 292 -3.11 -12.33 11.65
N HIS C 293 -2.05 -13.12 11.38
CA HIS C 293 -0.83 -13.17 12.18
C HIS C 293 0.38 -13.32 11.26
N PHE C 294 1.44 -12.58 11.56
CA PHE C 294 2.69 -12.65 10.82
C PHE C 294 3.82 -12.87 11.83
N ILE C 295 4.54 -13.99 11.68
CA ILE C 295 5.61 -14.41 12.60
C ILE C 295 6.93 -14.46 11.85
N ASP C 296 7.93 -13.70 12.31
CA ASP C 296 9.25 -13.68 11.69
C ASP C 296 10.14 -14.78 12.31
N LEU C 297 10.16 -15.97 11.68
CA LEU C 297 10.97 -17.11 12.14
C LEU C 297 12.46 -16.93 11.79
N SER C 298 12.81 -15.93 10.95
CA SER C 298 14.24 -15.66 10.65
C SER C 298 14.96 -15.22 11.94
N GLN C 299 14.21 -14.70 12.93
CA GLN C 299 14.72 -14.25 14.24
C GLN C 299 14.79 -15.42 15.25
N ILE C 300 14.30 -16.61 14.86
CA ILE C 300 14.30 -17.83 15.68
C ILE C 300 15.11 -18.91 14.90
N PRO C 301 16.47 -18.88 14.94
CA PRO C 301 17.25 -19.88 14.18
C PRO C 301 17.10 -21.33 14.62
N CYS C 302 16.76 -21.59 15.91
CA CYS C 302 16.58 -22.96 16.41
C CYS C 302 15.28 -23.56 15.85
N ASN C 303 15.40 -24.71 15.16
CA ASN C 303 14.22 -25.38 14.58
C ASN C 303 13.27 -25.95 15.63
N GLY C 304 13.80 -26.31 16.80
CA GLY C 304 13.02 -26.77 17.94
C GLY C 304 12.13 -25.69 18.50
N LYS C 305 12.72 -24.49 18.76
CA LYS C 305 11.99 -23.32 19.27
C LYS C 305 11.00 -22.77 18.24
N ALA C 306 11.37 -22.80 16.93
CA ALA C 306 10.47 -22.33 15.88
C ALA C 306 9.27 -23.27 15.69
N ALA C 307 9.47 -24.61 15.80
CA ALA C 307 8.37 -25.59 15.71
C ALA C 307 7.46 -25.48 16.95
N ASP C 308 8.06 -25.19 18.14
CA ASP C 308 7.31 -24.99 19.39
C ASP C 308 6.39 -23.78 19.21
N ARG C 309 6.88 -22.72 18.54
CA ARG C 309 6.13 -21.51 18.24
C ARG C 309 4.92 -21.81 17.35
N ILE C 310 5.13 -22.61 16.28
CA ILE C 310 4.07 -23.01 15.36
C ILE C 310 2.99 -23.80 16.11
N HIS C 311 3.43 -24.80 16.92
CA HIS C 311 2.54 -25.64 17.72
C HIS C 311 1.74 -24.83 18.75
N GLN C 312 2.39 -23.84 19.40
CA GLN C 312 1.76 -22.95 20.39
C GLN C 312 0.60 -22.17 19.72
N ASP C 313 0.78 -21.77 18.46
CA ASP C 313 -0.26 -21.04 17.69
C ASP C 313 -1.50 -21.91 17.36
N GLY C 314 -1.38 -23.24 17.50
CA GLY C 314 -2.46 -24.19 17.29
C GLY C 314 -2.80 -24.50 15.85
N ILE C 315 -1.80 -24.42 14.96
CA ILE C 315 -1.95 -24.66 13.51
C ILE C 315 -2.57 -26.04 13.21
N HIS C 316 -3.63 -26.05 12.39
CA HIS C 316 -4.28 -27.29 11.97
C HIS C 316 -3.63 -27.79 10.68
N ILE C 317 -3.40 -26.86 9.71
CA ILE C 317 -2.78 -27.19 8.43
C ILE C 317 -1.53 -26.32 8.22
N LEU C 318 -0.34 -26.95 8.16
CA LEU C 318 0.90 -26.23 7.94
C LEU C 318 1.30 -26.41 6.48
N VAL C 319 1.53 -25.29 5.78
CA VAL C 319 1.78 -25.27 4.35
C VAL C 319 3.25 -25.00 4.00
N ASN C 320 3.88 -25.99 3.36
CA ASN C 320 5.26 -25.92 2.92
C ASN C 320 5.35 -25.27 1.55
N MET C 321 5.79 -24.01 1.50
CA MET C 321 5.90 -23.28 0.24
C MET C 321 7.32 -23.30 -0.35
N ASN C 322 8.27 -23.98 0.30
CA ASN C 322 9.65 -24.04 -0.18
C ASN C 322 10.05 -25.37 -0.80
N GLY C 323 9.78 -26.48 -0.10
CA GLY C 323 10.33 -27.76 -0.52
C GLY C 323 11.85 -27.63 -0.49
N TYR C 324 12.55 -28.15 -1.51
CA TYR C 324 14.00 -28.05 -1.57
C TYR C 324 14.50 -26.85 -2.36
N THR C 325 14.14 -25.66 -1.87
CA THR C 325 14.54 -24.37 -2.44
C THR C 325 15.22 -23.50 -1.41
N LYS C 326 16.00 -22.51 -1.87
CA LYS C 326 16.76 -21.56 -1.05
C LYS C 326 15.93 -20.96 0.10
N GLY C 327 16.50 -21.02 1.30
CA GLY C 327 15.88 -20.50 2.51
C GLY C 327 14.95 -21.45 3.23
N ALA C 328 14.78 -22.68 2.69
CA ALA C 328 13.92 -23.70 3.30
C ALA C 328 14.40 -24.11 4.69
N ARG C 329 13.44 -24.45 5.55
CA ARG C 329 13.68 -25.01 6.87
C ARG C 329 12.71 -26.18 7.04
N ASN C 330 12.92 -27.23 6.23
CA ASN C 330 12.08 -28.44 6.22
C ASN C 330 12.12 -29.22 7.52
N GLU C 331 13.11 -28.92 8.38
CA GLU C 331 13.26 -29.47 9.73
C GLU C 331 12.02 -29.11 10.56
N LEU C 332 11.40 -27.93 10.30
CA LEU C 332 10.17 -27.48 10.97
C LEU C 332 9.03 -28.45 10.71
N PHE C 333 8.91 -28.93 9.44
CA PHE C 333 7.90 -29.90 9.02
C PHE C 333 8.24 -31.30 9.51
N ALA C 334 9.55 -31.65 9.57
CA ALA C 334 10.03 -32.95 10.09
C ALA C 334 9.67 -33.12 11.56
N LEU C 335 9.55 -31.99 12.31
CA LEU C 335 9.16 -32.00 13.71
C LEU C 335 7.65 -32.20 13.89
N ARG C 336 6.87 -32.14 12.78
CA ARG C 336 5.42 -32.34 12.74
C ARG C 336 4.62 -31.50 13.81
N PRO C 337 4.75 -30.14 13.82
CA PRO C 337 3.99 -29.34 14.81
C PRO C 337 2.50 -29.22 14.51
N ALA C 338 2.09 -29.64 13.30
CA ALA C 338 0.68 -29.59 12.86
C ALA C 338 0.18 -30.98 12.47
N PRO C 339 -1.13 -31.29 12.66
CA PRO C 339 -1.64 -32.62 12.28
C PRO C 339 -1.71 -32.87 10.76
N ILE C 340 -1.83 -31.80 9.94
CA ILE C 340 -1.89 -31.90 8.48
C ILE C 340 -0.82 -30.97 7.90
N GLN C 341 0.06 -31.53 7.07
CA GLN C 341 1.13 -30.76 6.45
C GLN C 341 1.09 -30.94 4.94
N ALA C 342 0.94 -29.84 4.20
CA ALA C 342 0.79 -29.88 2.75
C ALA C 342 1.83 -29.09 1.99
N MET C 343 2.28 -29.63 0.84
CA MET C 343 3.20 -28.99 -0.09
C MET C 343 2.35 -28.11 -0.99
N TRP C 344 2.75 -26.83 -1.20
CA TRP C 344 1.97 -25.93 -2.04
C TRP C 344 2.78 -24.87 -2.77
N LEU C 345 2.62 -24.87 -4.12
CA LEU C 345 3.03 -23.87 -5.09
C LEU C 345 4.50 -23.58 -5.32
N GLY C 346 5.29 -23.44 -4.26
CA GLY C 346 6.69 -23.07 -4.41
C GLY C 346 7.62 -24.14 -4.97
N TYR C 347 7.33 -25.41 -4.67
CA TYR C 347 8.18 -26.51 -5.10
C TYR C 347 7.49 -27.41 -6.14
N PRO C 348 8.04 -27.46 -7.37
CA PRO C 348 7.39 -28.25 -8.43
C PRO C 348 7.83 -29.72 -8.47
N GLY C 349 7.58 -30.43 -7.38
CA GLY C 349 7.91 -31.85 -7.29
C GLY C 349 7.56 -32.43 -5.95
N THR C 350 7.82 -33.73 -5.78
CA THR C 350 7.55 -34.38 -4.50
C THR C 350 8.61 -34.05 -3.47
N SER C 351 8.22 -33.98 -2.18
CA SER C 351 9.19 -33.81 -1.11
C SER C 351 9.85 -35.18 -0.84
N GLY C 352 9.14 -36.25 -1.23
CA GLY C 352 9.58 -37.63 -0.98
C GLY C 352 9.60 -37.97 0.50
N ALA C 353 9.14 -37.03 1.36
CA ALA C 353 9.19 -37.16 2.82
C ALA C 353 7.90 -37.60 3.47
N LEU C 354 8.01 -38.51 4.46
CA LEU C 354 6.89 -39.04 5.22
C LEU C 354 6.18 -37.99 6.08
N PHE C 355 6.90 -36.91 6.47
CA PHE C 355 6.34 -35.82 7.27
C PHE C 355 5.40 -34.89 6.48
N MET C 356 5.41 -34.97 5.12
CA MET C 356 4.49 -34.20 4.28
C MET C 356 3.31 -35.09 3.92
N ASP C 357 2.09 -34.66 4.28
CA ASP C 357 0.88 -35.46 4.06
C ASP C 357 0.31 -35.35 2.67
N TYR C 358 0.23 -34.10 2.16
CA TYR C 358 -0.38 -33.80 0.87
C TYR C 358 0.49 -32.94 -0.02
N ILE C 359 0.20 -32.99 -1.31
CA ILE C 359 0.72 -32.10 -2.33
C ILE C 359 -0.51 -31.46 -2.98
N ILE C 360 -0.59 -30.13 -2.95
CA ILE C 360 -1.71 -29.42 -3.56
C ILE C 360 -1.39 -29.29 -5.03
N THR C 361 -2.19 -29.94 -5.86
CA THR C 361 -1.99 -30.02 -7.31
C THR C 361 -3.37 -30.02 -7.99
N ASP C 362 -3.46 -30.63 -9.17
CA ASP C 362 -4.72 -30.74 -9.91
C ASP C 362 -4.63 -31.95 -10.84
N GLN C 363 -5.78 -32.35 -11.41
CA GLN C 363 -5.91 -33.51 -12.31
C GLN C 363 -5.05 -33.39 -13.56
N GLU C 364 -4.89 -32.18 -14.10
CA GLU C 364 -4.07 -31.96 -15.32
C GLU C 364 -2.58 -32.09 -15.04
N THR C 365 -2.10 -31.46 -13.95
CA THR C 365 -0.70 -31.47 -13.53
C THR C 365 -0.32 -32.86 -13.05
N SER C 366 -1.15 -33.46 -12.19
CA SER C 366 -0.81 -34.72 -11.57
C SER C 366 -1.93 -35.74 -11.68
N PRO C 367 -2.17 -36.34 -12.89
CA PRO C 367 -3.24 -37.35 -13.01
C PRO C 367 -3.10 -38.49 -12.01
N ALA C 368 -4.24 -39.04 -11.54
CA ALA C 368 -4.28 -40.13 -10.55
C ALA C 368 -3.38 -41.31 -10.90
N GLU C 369 -3.19 -41.57 -12.22
CA GLU C 369 -2.35 -42.64 -12.77
C GLU C 369 -0.90 -42.52 -12.32
N VAL C 370 -0.39 -41.27 -12.21
CA VAL C 370 0.98 -40.97 -11.81
C VAL C 370 1.18 -40.70 -10.30
N ALA C 371 0.23 -41.14 -9.44
CA ALA C 371 0.31 -40.96 -7.99
C ALA C 371 1.62 -41.51 -7.40
N GLU C 372 2.19 -42.57 -8.04
CA GLU C 372 3.44 -43.26 -7.71
C GLU C 372 4.68 -42.34 -7.70
N GLN C 373 4.65 -41.25 -8.51
CA GLN C 373 5.74 -40.28 -8.59
C GLN C 373 5.88 -39.45 -7.29
N TYR C 374 4.83 -39.43 -6.46
CA TYR C 374 4.74 -38.63 -5.24
C TYR C 374 4.66 -39.47 -3.96
N SER C 375 5.32 -39.01 -2.88
CA SER C 375 5.23 -39.70 -1.59
C SER C 375 3.94 -39.22 -0.90
N GLU C 376 3.55 -37.96 -1.18
CA GLU C 376 2.36 -37.32 -0.63
C GLU C 376 1.10 -37.84 -1.30
N LYS C 377 -0.04 -37.67 -0.62
CA LYS C 377 -1.33 -37.98 -1.21
C LYS C 377 -1.69 -36.76 -2.06
N LEU C 378 -2.40 -36.97 -3.17
CA LEU C 378 -2.78 -35.88 -4.07
C LEU C 378 -4.00 -35.14 -3.53
N ALA C 379 -3.92 -33.81 -3.52
CA ALA C 379 -5.02 -32.96 -3.05
C ALA C 379 -5.33 -32.00 -4.21
N TYR C 380 -6.40 -32.30 -4.95
CA TYR C 380 -6.74 -31.53 -6.14
C TYR C 380 -7.50 -30.23 -5.95
N MET C 381 -6.98 -29.17 -6.59
CA MET C 381 -7.67 -27.91 -6.78
C MET C 381 -8.54 -28.20 -8.02
N PRO C 382 -9.73 -27.56 -8.19
CA PRO C 382 -10.61 -27.96 -9.31
C PRO C 382 -10.16 -27.63 -10.73
N HIS C 383 -9.37 -26.58 -10.92
CA HIS C 383 -8.90 -26.17 -12.26
C HIS C 383 -7.39 -26.37 -12.31
N THR C 384 -6.61 -25.37 -11.90
CA THR C 384 -5.16 -25.54 -11.78
C THR C 384 -4.75 -25.18 -10.35
N PHE C 385 -3.68 -25.79 -9.82
CA PHE C 385 -3.13 -25.40 -8.52
C PHE C 385 -2.35 -24.10 -8.74
N PHE C 386 -1.99 -23.80 -10.01
CA PHE C 386 -1.24 -22.58 -10.29
C PHE C 386 -2.10 -21.33 -10.13
N ILE C 387 -1.49 -20.25 -9.67
CA ILE C 387 -2.15 -18.94 -9.46
C ILE C 387 -1.08 -17.86 -9.73
N GLY C 388 -1.53 -16.66 -10.03
CA GLY C 388 -0.67 -15.51 -10.26
C GLY C 388 -1.36 -14.26 -9.77
N ASP C 389 -0.59 -13.26 -9.32
CA ASP C 389 -1.19 -12.01 -8.82
C ASP C 389 -1.28 -10.92 -9.90
N HIS C 390 -1.20 -11.31 -11.17
CA HIS C 390 -1.21 -10.38 -12.31
C HIS C 390 -2.35 -9.37 -12.37
N ALA C 391 -3.59 -9.78 -12.00
CA ALA C 391 -4.75 -8.86 -12.04
C ALA C 391 -4.60 -7.72 -11.03
N ASN C 392 -3.93 -7.98 -9.90
CA ASN C 392 -3.63 -6.99 -8.87
C ASN C 392 -2.35 -6.20 -9.20
N MET C 393 -1.28 -6.89 -9.63
CA MET C 393 0.00 -6.24 -9.90
C MET C 393 0.06 -5.46 -11.19
N PHE C 394 -0.55 -6.00 -12.27
CA PHE C 394 -0.47 -5.37 -13.60
C PHE C 394 -1.86 -5.08 -14.20
N PRO C 395 -2.73 -4.30 -13.50
CA PRO C 395 -4.06 -4.00 -14.07
C PRO C 395 -4.01 -3.11 -15.30
N HIS C 396 -2.89 -2.37 -15.49
CA HIS C 396 -2.70 -1.52 -16.66
C HIS C 396 -2.58 -2.35 -17.97
N LEU C 397 -2.34 -3.67 -17.85
CA LEU C 397 -2.25 -4.59 -19.00
C LEU C 397 -3.58 -5.29 -19.31
N LYS C 398 -4.66 -4.95 -18.56
CA LYS C 398 -5.99 -5.52 -18.81
C LYS C 398 -6.53 -5.03 -20.14
N LYS C 399 -6.16 -3.79 -20.53
CA LYS C 399 -6.57 -3.21 -21.80
C LYS C 399 -5.34 -2.68 -22.52
N LYS C 400 -5.46 -2.47 -23.83
CA LYS C 400 -4.38 -1.95 -24.67
C LYS C 400 -4.93 -1.19 -25.85
N ALA C 401 -4.11 -0.32 -26.42
CA ALA C 401 -4.43 0.39 -27.66
C ALA C 401 -3.19 0.23 -28.53
N VAL C 402 -3.35 0.36 -29.84
CA VAL C 402 -2.22 0.24 -30.76
C VAL C 402 -2.11 1.49 -31.64
N ILE C 403 -0.94 1.71 -32.24
CA ILE C 403 -0.71 2.82 -33.17
C ILE C 403 -0.50 2.18 -34.54
N ASP C 404 -1.36 2.51 -35.52
CA ASP C 404 -1.24 1.98 -36.89
C ASP C 404 -0.22 2.83 -37.64
N PHE C 405 1.01 2.29 -37.79
CA PHE C 405 2.15 2.96 -38.42
C PHE C 405 2.29 2.77 -39.95
N LYS C 406 1.25 2.24 -40.61
CA LYS C 406 1.24 2.02 -42.07
C LYS C 406 0.12 2.84 -42.71
N ILE C 411 -3.94 -3.82 -39.92
CA ILE C 411 -3.78 -3.40 -38.52
C ILE C 411 -3.09 -4.52 -37.71
N TYR C 412 -2.09 -4.15 -36.89
CA TYR C 412 -1.37 -5.10 -36.05
C TYR C 412 -1.68 -4.81 -34.58
N ASP C 413 -1.84 -5.87 -33.77
CA ASP C 413 -2.12 -5.73 -32.34
C ASP C 413 -0.83 -5.74 -31.48
N ASN C 414 0.35 -5.92 -32.10
CA ASN C 414 1.56 -6.15 -31.30
C ASN C 414 2.87 -5.52 -31.85
N ARG C 415 2.74 -4.42 -32.59
CA ARG C 415 3.87 -3.69 -33.16
C ARG C 415 4.19 -2.47 -32.32
N ILE C 416 3.19 -1.61 -32.05
CA ILE C 416 3.30 -0.40 -31.21
C ILE C 416 2.09 -0.44 -30.30
N VAL C 417 2.34 -0.67 -29.00
CA VAL C 417 1.29 -0.87 -28.00
C VAL C 417 1.32 0.21 -26.93
N LEU C 418 0.13 0.62 -26.48
CA LEU C 418 -0.02 1.54 -25.35
C LEU C 418 -0.83 0.82 -24.26
N ASN C 419 -0.50 1.06 -23.00
CA ASN C 419 -1.19 0.53 -21.83
C ASN C 419 -1.13 1.61 -20.75
N GLY C 420 -2.20 1.74 -19.98
CA GLY C 420 -2.23 2.66 -18.86
C GLY C 420 -3.57 2.69 -18.19
N ILE C 421 -3.54 2.95 -16.88
CA ILE C 421 -4.76 3.13 -16.08
C ILE C 421 -5.63 4.24 -16.71
N ASP C 422 -4.99 5.32 -17.23
CA ASP C 422 -5.68 6.45 -17.84
C ASP C 422 -5.69 6.45 -19.39
N LEU C 423 -5.49 5.28 -20.00
CA LEU C 423 -5.47 5.14 -21.45
C LEU C 423 -6.77 5.59 -22.13
N LYS C 424 -7.95 5.26 -21.53
CA LYS C 424 -9.25 5.65 -22.10
C LYS C 424 -9.36 7.17 -22.25
N ALA C 425 -9.03 7.92 -21.17
CA ALA C 425 -9.03 9.39 -21.12
C ALA C 425 -8.08 9.96 -22.18
N PHE C 426 -6.87 9.36 -22.34
CA PHE C 426 -5.92 9.78 -23.36
C PHE C 426 -6.52 9.62 -24.76
N LEU C 427 -7.06 8.42 -25.08
CA LEU C 427 -7.69 8.16 -26.37
C LEU C 427 -8.86 9.15 -26.64
N ASP C 428 -9.66 9.48 -25.61
CA ASP C 428 -10.77 10.44 -25.74
C ASP C 428 -10.31 11.86 -26.12
N SER C 429 -9.05 12.21 -25.82
CA SER C 429 -8.48 13.52 -26.15
C SER C 429 -8.00 13.56 -27.61
N LEU C 430 -7.94 12.40 -28.28
CA LEU C 430 -7.46 12.26 -29.67
C LEU C 430 -8.61 12.31 -30.70
N PRO C 431 -8.41 12.99 -31.85
CA PRO C 431 -9.51 13.11 -32.81
C PRO C 431 -9.91 11.93 -33.69
N ASP C 432 -8.96 11.14 -34.23
CA ASP C 432 -9.31 10.09 -35.22
C ASP C 432 -9.06 8.64 -34.80
N VAL C 433 -9.41 8.29 -33.55
CA VAL C 433 -9.27 6.94 -32.99
C VAL C 433 -10.33 5.98 -33.58
N LYS C 434 -9.87 4.83 -34.11
CA LYS C 434 -10.74 3.78 -34.65
C LYS C 434 -10.81 2.60 -33.65
N ILE C 435 -12.03 2.06 -33.46
CA ILE C 435 -12.28 0.94 -32.55
C ILE C 435 -12.46 -0.36 -33.36
N VAL C 436 -11.45 -1.25 -33.28
CA VAL C 436 -11.48 -2.54 -33.95
C VAL C 436 -12.12 -3.57 -33.02
N LYS C 437 -13.25 -4.17 -33.45
CA LYS C 437 -14.01 -5.15 -32.69
C LYS C 437 -13.29 -6.50 -32.65
N MET C 438 -13.07 -7.02 -31.44
CA MET C 438 -12.38 -8.30 -31.17
C MET C 438 -13.37 -9.47 -31.17
N LEU C 454 -12.78 -7.70 -25.18
CA LEU C 454 -13.44 -6.41 -25.35
C LEU C 454 -13.23 -5.85 -26.79
N ASN C 455 -12.54 -4.71 -26.93
CA ASN C 455 -12.27 -4.05 -28.21
C ASN C 455 -10.89 -3.41 -28.22
N MET C 456 -10.32 -3.21 -29.41
CA MET C 456 -9.00 -2.61 -29.54
C MET C 456 -8.98 -1.24 -30.24
N PRO C 457 -8.70 -0.16 -29.48
CA PRO C 457 -8.58 1.17 -30.11
C PRO C 457 -7.28 1.28 -30.89
N VAL C 458 -7.36 1.93 -32.07
CA VAL C 458 -6.26 2.12 -33.00
C VAL C 458 -6.05 3.62 -33.23
N ILE C 459 -4.82 4.12 -33.02
CA ILE C 459 -4.48 5.53 -33.28
C ILE C 459 -3.81 5.59 -34.68
N PRO C 460 -4.25 6.47 -35.61
CA PRO C 460 -3.62 6.51 -36.96
C PRO C 460 -2.23 7.15 -36.98
N MET C 461 -1.50 6.94 -38.09
CA MET C 461 -0.13 7.47 -38.31
C MET C 461 -0.14 8.98 -38.62
N ASN C 462 -0.43 9.78 -37.59
CA ASN C 462 -0.45 11.25 -37.67
C ASN C 462 0.56 11.88 -36.68
N THR C 463 0.42 13.20 -36.39
CA THR C 463 1.30 14.00 -35.52
C THR C 463 1.62 13.34 -34.17
N ILE C 464 0.59 12.89 -33.44
CA ILE C 464 0.70 12.21 -32.14
C ILE C 464 1.49 10.87 -32.28
N ALA C 465 1.24 10.10 -33.36
CA ALA C 465 1.93 8.83 -33.65
C ALA C 465 3.41 9.04 -33.99
N GLU C 466 3.73 10.18 -34.63
CA GLU C 466 5.10 10.53 -35.00
C GLU C 466 5.91 10.89 -33.77
N ALA C 467 5.31 11.67 -32.83
CA ALA C 467 5.93 12.11 -31.57
C ALA C 467 6.32 10.91 -30.71
N VAL C 468 5.48 9.85 -30.72
CA VAL C 468 5.71 8.61 -29.98
C VAL C 468 6.93 7.86 -30.53
N ILE C 469 6.97 7.63 -31.86
CA ILE C 469 8.09 6.93 -32.52
C ILE C 469 9.41 7.69 -32.40
N GLU C 470 9.35 9.03 -32.41
CA GLU C 470 10.51 9.93 -32.27
C GLU C 470 11.13 9.73 -30.88
N MET C 471 10.29 9.63 -29.83
CA MET C 471 10.72 9.41 -28.46
C MET C 471 11.52 8.09 -28.35
N ILE C 472 10.96 7.00 -28.91
CA ILE C 472 11.56 5.65 -28.91
C ILE C 472 12.90 5.67 -29.65
N ASN C 473 12.94 6.21 -30.88
CA ASN C 473 14.15 6.31 -31.71
C ASN C 473 15.27 7.13 -31.05
N ARG C 474 14.92 8.23 -30.37
CA ARG C 474 15.88 9.10 -29.71
C ARG C 474 16.30 8.59 -28.32
N GLY C 475 15.61 7.57 -27.83
CA GLY C 475 15.88 7.01 -26.50
C GLY C 475 15.39 7.92 -25.39
N GLN C 476 14.47 8.85 -25.71
CA GLN C 476 13.86 9.77 -24.74
C GLN C 476 13.04 8.96 -23.72
N ILE C 477 13.08 9.40 -22.47
CA ILE C 477 12.44 8.73 -21.34
C ILE C 477 10.91 8.86 -21.35
N GLN C 478 10.43 10.05 -21.68
CA GLN C 478 8.99 10.35 -21.64
C GLN C 478 8.68 11.61 -22.45
N ILE C 479 7.41 11.76 -22.83
CA ILE C 479 6.87 12.95 -23.51
C ILE C 479 5.50 13.28 -22.90
N THR C 480 4.94 14.41 -23.29
CA THR C 480 3.61 14.85 -22.84
C THR C 480 2.76 15.05 -24.08
N ILE C 481 1.57 14.43 -24.11
CA ILE C 481 0.61 14.61 -25.21
C ILE C 481 -0.75 14.93 -24.57
N ASN C 482 -1.29 16.14 -24.88
CA ASN C 482 -2.58 16.62 -24.34
C ASN C 482 -2.63 16.52 -22.80
N GLY C 483 -1.50 16.81 -22.15
CA GLY C 483 -1.37 16.78 -20.69
C GLY C 483 -1.14 15.39 -20.10
N PHE C 484 -1.16 14.34 -20.94
CA PHE C 484 -0.96 12.96 -20.49
C PHE C 484 0.51 12.57 -20.52
N SER C 485 0.93 11.83 -19.50
CA SER C 485 2.31 11.34 -19.37
C SER C 485 2.49 10.08 -20.22
N ILE C 486 3.32 10.17 -21.28
CA ILE C 486 3.62 9.07 -22.19
C ILE C 486 5.06 8.63 -21.94
N SER C 487 5.23 7.44 -21.34
CA SER C 487 6.53 6.90 -20.96
C SER C 487 7.11 5.91 -21.94
N ASN C 488 8.44 5.96 -22.11
CA ASN C 488 9.16 4.97 -22.91
C ASN C 488 9.24 3.72 -22.02
N GLY C 489 8.70 2.61 -22.52
CA GLY C 489 8.69 1.32 -21.80
C GLY C 489 10.04 0.76 -21.40
N LEU C 490 11.14 1.22 -22.04
CA LEU C 490 12.51 0.82 -21.72
C LEU C 490 13.08 1.63 -20.56
N ALA C 491 12.37 2.68 -20.13
CA ALA C 491 12.89 3.59 -19.10
C ALA C 491 12.13 3.59 -17.75
N THR C 492 11.37 2.53 -17.45
CA THR C 492 10.55 2.43 -16.23
C THR C 492 11.31 2.61 -14.92
N THR C 493 12.57 2.12 -14.85
CA THR C 493 13.36 2.27 -13.60
C THR C 493 13.71 3.74 -13.31
N GLN C 494 13.80 4.57 -14.37
CA GLN C 494 14.11 6.00 -14.29
C GLN C 494 12.87 6.85 -13.95
N ILE C 495 11.66 6.31 -14.22
CA ILE C 495 10.39 7.01 -13.99
C ILE C 495 9.84 6.67 -12.62
N ASN C 496 9.72 5.37 -12.33
CA ASN C 496 9.21 4.89 -11.05
C ASN C 496 9.73 3.48 -10.82
N ASN C 497 10.79 3.36 -10.01
CA ASN C 497 11.43 2.07 -9.74
C ASN C 497 10.50 1.02 -9.09
N LYS C 498 9.57 1.45 -8.21
CA LYS C 498 8.59 0.56 -7.58
C LYS C 498 7.60 0.04 -8.62
N ALA C 499 7.27 0.86 -9.63
CA ALA C 499 6.40 0.41 -10.72
C ALA C 499 7.17 -0.59 -11.61
N ALA C 500 8.47 -0.37 -11.82
CA ALA C 500 9.30 -1.28 -12.63
C ALA C 500 9.37 -2.71 -12.02
N THR C 501 9.43 -2.82 -10.69
CA THR C 501 9.52 -4.12 -9.97
C THR C 501 8.18 -4.80 -9.70
N GLY C 502 7.08 -4.09 -9.94
CA GLY C 502 5.74 -4.60 -9.70
C GLY C 502 5.22 -4.33 -8.30
N GLU C 503 5.98 -3.52 -7.52
CA GLU C 503 5.60 -3.14 -6.16
C GLU C 503 4.48 -2.10 -6.15
N GLU C 504 4.38 -1.32 -7.24
CA GLU C 504 3.34 -0.29 -7.46
C GLU C 504 2.81 -0.41 -8.88
N VAL C 505 1.55 0.01 -9.08
CA VAL C 505 0.95 0.02 -10.41
C VAL C 505 1.48 1.30 -11.11
N PRO C 506 1.99 1.23 -12.37
CA PRO C 506 2.44 2.46 -13.04
C PRO C 506 1.33 3.52 -13.11
N ARG C 507 1.70 4.79 -12.96
CA ARG C 507 0.75 5.89 -12.99
C ARG C 507 0.80 6.70 -14.29
N THR C 508 1.63 6.24 -15.25
CA THR C 508 1.75 6.89 -16.56
C THR C 508 1.29 5.91 -17.66
N ILE C 509 1.13 6.43 -18.88
CA ILE C 509 0.79 5.62 -20.04
C ILE C 509 2.13 5.17 -20.62
N ILE C 510 2.26 3.86 -20.86
CA ILE C 510 3.53 3.29 -21.30
C ILE C 510 3.43 2.82 -22.75
N VAL C 511 4.50 3.06 -23.51
CA VAL C 511 4.61 2.68 -24.93
C VAL C 511 5.58 1.49 -25.00
N THR C 512 5.14 0.41 -25.67
CA THR C 512 5.94 -0.81 -25.90
C THR C 512 5.95 -1.08 -27.38
N THR C 513 7.15 -1.28 -27.95
CA THR C 513 7.26 -1.45 -29.39
C THR C 513 8.26 -2.50 -29.78
N ARG C 514 8.03 -3.12 -30.95
CA ARG C 514 8.97 -4.10 -31.49
C ARG C 514 10.35 -3.48 -31.73
N SER C 515 10.39 -2.17 -32.13
CA SER C 515 11.67 -1.46 -32.37
C SER C 515 12.54 -1.30 -31.10
N GLN C 516 11.93 -1.33 -29.89
CA GLN C 516 12.65 -1.22 -28.60
C GLN C 516 13.52 -2.49 -28.38
N TYR C 517 13.13 -3.61 -29.02
CA TYR C 517 13.83 -4.89 -28.84
C TYR C 517 14.51 -5.44 -30.09
N GLY C 518 14.45 -4.67 -31.18
CA GLY C 518 15.04 -5.08 -32.46
C GLY C 518 14.25 -6.18 -33.13
N LEU C 519 12.94 -6.30 -32.82
CA LEU C 519 12.08 -7.31 -33.40
C LEU C 519 11.55 -6.87 -34.80
N PRO C 520 11.44 -7.77 -35.78
CA PRO C 520 10.93 -7.35 -37.10
C PRO C 520 9.46 -6.95 -37.10
N GLU C 521 9.15 -5.82 -37.78
CA GLU C 521 7.79 -5.28 -37.93
C GLU C 521 6.90 -6.12 -38.88
N ASP C 522 7.51 -6.99 -39.70
CA ASP C 522 6.77 -7.77 -40.71
C ASP C 522 6.88 -9.29 -40.57
N ALA C 523 7.12 -9.78 -39.35
CA ALA C 523 7.29 -11.22 -39.15
C ALA C 523 6.63 -11.72 -37.89
N ILE C 524 6.50 -13.06 -37.81
CA ILE C 524 5.93 -13.76 -36.67
C ILE C 524 7.01 -13.83 -35.59
N VAL C 525 6.63 -13.49 -34.36
CA VAL C 525 7.53 -13.54 -33.21
C VAL C 525 7.14 -14.70 -32.28
N TYR C 526 8.00 -15.74 -32.19
CA TYR C 526 7.82 -16.83 -31.24
C TYR C 526 8.73 -16.47 -30.08
N CYS C 527 8.23 -16.56 -28.84
CA CYS C 527 9.04 -16.17 -27.67
C CYS C 527 9.20 -17.28 -26.65
N ASN C 528 10.20 -17.13 -25.79
CA ASN C 528 10.40 -17.98 -24.62
C ASN C 528 11.25 -17.13 -23.69
N PHE C 529 10.65 -16.69 -22.56
CA PHE C 529 11.33 -15.82 -21.57
C PHE C 529 11.83 -16.54 -20.34
N ASN C 530 11.99 -17.86 -20.41
CA ASN C 530 12.50 -18.60 -19.26
C ASN C 530 14.02 -18.54 -19.17
N GLN C 531 14.55 -19.02 -18.04
CA GLN C 531 15.99 -19.21 -17.89
C GLN C 531 16.40 -20.28 -18.92
N LEU C 532 17.55 -20.06 -19.58
CA LEU C 532 18.03 -20.96 -20.65
C LEU C 532 18.23 -22.43 -20.25
N TYR C 533 18.45 -22.73 -18.94
CA TYR C 533 18.64 -24.13 -18.48
C TYR C 533 17.43 -25.08 -18.82
N LYS C 534 16.25 -24.51 -19.07
N LYS C 534 16.24 -24.51 -19.08
CA LYS C 534 15.03 -25.24 -19.43
CA LYS C 534 15.03 -25.29 -19.42
C LYS C 534 15.04 -25.79 -20.86
C LYS C 534 15.05 -25.81 -20.86
N ILE C 535 15.95 -25.28 -21.70
CA ILE C 535 16.11 -25.69 -23.09
C ILE C 535 17.12 -26.85 -23.13
N ASP C 536 16.83 -27.83 -23.99
CA ASP C 536 17.70 -28.97 -24.21
C ASP C 536 17.86 -29.16 -25.75
N PRO C 537 18.76 -30.04 -26.26
CA PRO C 537 18.90 -30.17 -27.72
C PRO C 537 17.59 -30.47 -28.49
N SER C 538 16.75 -31.38 -27.97
CA SER C 538 15.48 -31.77 -28.60
C SER C 538 14.55 -30.59 -28.75
N THR C 539 14.50 -29.72 -27.72
CA THR C 539 13.67 -28.51 -27.72
C THR C 539 14.16 -27.53 -28.78
N LEU C 540 15.48 -27.22 -28.80
CA LEU C 540 15.99 -26.29 -29.80
C LEU C 540 15.77 -26.82 -31.24
N GLN C 541 15.89 -28.14 -31.45
CA GLN C 541 15.63 -28.76 -32.75
C GLN C 541 14.17 -28.55 -33.15
N MET C 542 13.22 -28.76 -32.21
CA MET C 542 11.79 -28.54 -32.44
C MET C 542 11.54 -27.09 -32.89
N TRP C 543 12.18 -26.13 -32.19
CA TRP C 543 12.07 -24.69 -32.47
C TRP C 543 12.66 -24.36 -33.83
N ALA C 544 13.83 -24.98 -34.17
CA ALA C 544 14.47 -24.78 -35.47
C ALA C 544 13.53 -25.27 -36.58
N ASN C 545 12.85 -26.42 -36.35
CA ASN C 545 11.91 -27.01 -37.33
C ASN C 545 10.75 -26.07 -37.62
N ILE C 546 10.23 -25.38 -36.57
CA ILE C 546 9.17 -24.40 -36.66
C ILE C 546 9.63 -23.20 -37.49
N LEU C 547 10.77 -22.60 -37.12
CA LEU C 547 11.35 -21.43 -37.81
C LEU C 547 11.57 -21.68 -39.31
N LYS C 548 12.07 -22.87 -39.67
CA LYS C 548 12.30 -23.29 -41.06
C LYS C 548 11.00 -23.38 -41.86
N ARG C 549 9.90 -23.76 -41.20
CA ARG C 549 8.58 -23.90 -41.82
C ARG C 549 7.82 -22.57 -41.95
N VAL C 550 8.25 -21.52 -41.21
CA VAL C 550 7.60 -20.20 -41.20
C VAL C 550 8.65 -19.15 -41.60
N PRO C 551 8.80 -18.90 -42.92
CA PRO C 551 9.85 -17.97 -43.40
C PRO C 551 9.91 -16.63 -42.73
N ASN C 552 8.76 -15.99 -42.54
CA ASN C 552 8.72 -14.68 -41.93
C ASN C 552 8.52 -14.88 -40.43
N SER C 553 9.60 -15.40 -39.74
CA SER C 553 9.59 -15.63 -38.28
C SER C 553 10.94 -15.58 -37.57
N VAL C 554 10.87 -15.16 -36.30
CA VAL C 554 12.01 -15.06 -35.40
C VAL C 554 11.71 -15.75 -34.06
N LEU C 555 12.76 -16.18 -33.37
CA LEU C 555 12.64 -16.74 -32.02
C LEU C 555 13.23 -15.69 -31.08
N TRP C 556 12.45 -15.29 -30.08
CA TRP C 556 12.83 -14.25 -29.15
C TRP C 556 13.16 -14.88 -27.80
N LEU C 557 14.44 -14.83 -27.41
CA LEU C 557 14.93 -15.41 -26.15
C LEU C 557 15.61 -14.39 -25.26
N LEU C 558 15.95 -14.78 -24.02
CA LEU C 558 16.60 -13.87 -23.07
C LEU C 558 18.02 -14.29 -22.73
N ARG C 559 18.86 -13.31 -22.45
CA ARG C 559 20.24 -13.49 -21.98
C ARG C 559 20.07 -13.89 -20.51
N PHE C 560 19.72 -15.18 -20.30
CA PHE C 560 19.37 -15.68 -18.97
C PHE C 560 20.08 -17.01 -18.64
N PRO C 561 21.43 -17.02 -18.51
CA PRO C 561 22.35 -15.86 -18.56
C PRO C 561 22.89 -15.57 -19.96
N ALA C 562 23.46 -14.34 -20.15
CA ALA C 562 24.09 -13.91 -21.41
C ALA C 562 25.12 -14.94 -21.90
N VAL C 563 25.83 -15.63 -20.98
CA VAL C 563 26.83 -16.65 -21.35
C VAL C 563 26.24 -17.88 -22.09
N GLY C 564 24.93 -18.03 -22.03
CA GLY C 564 24.23 -19.09 -22.76
C GLY C 564 23.94 -18.70 -24.20
N GLU C 565 23.90 -17.37 -24.50
CA GLU C 565 23.62 -16.84 -25.85
C GLU C 565 24.55 -17.41 -26.94
N PRO C 566 25.91 -17.37 -26.82
CA PRO C 566 26.74 -17.95 -27.90
C PRO C 566 26.57 -19.45 -28.12
N ASN C 567 26.17 -20.20 -27.07
CA ASN C 567 25.95 -21.65 -27.22
C ASN C 567 24.68 -21.95 -28.03
N ILE C 568 23.58 -21.26 -27.69
CA ILE C 568 22.30 -21.35 -28.42
C ILE C 568 22.53 -20.95 -29.87
N GLN C 569 23.23 -19.82 -30.11
CA GLN C 569 23.48 -19.33 -31.48
C GLN C 569 24.30 -20.33 -32.29
N GLN C 570 25.29 -21.00 -31.68
CA GLN C 570 26.09 -22.02 -32.36
C GLN C 570 25.26 -23.24 -32.73
N TYR C 571 24.45 -23.77 -31.79
CA TYR C 571 23.60 -24.94 -32.07
C TYR C 571 22.53 -24.62 -33.13
N ALA C 572 21.98 -23.38 -33.10
CA ALA C 572 21.00 -22.91 -34.08
C ALA C 572 21.63 -22.85 -35.47
N GLN C 573 22.89 -22.34 -35.56
CA GLN C 573 23.67 -22.26 -36.80
C GLN C 573 23.92 -23.67 -37.35
N ASN C 574 24.24 -24.64 -36.45
CA ASN C 574 24.47 -26.05 -36.81
C ASN C 574 23.19 -26.70 -37.34
N MET C 575 22.02 -26.24 -36.85
CA MET C 575 20.69 -26.71 -37.27
C MET C 575 20.25 -26.05 -38.58
N GLY C 576 21.05 -25.11 -39.09
CA GLY C 576 20.77 -24.43 -40.35
C GLY C 576 20.01 -23.12 -40.24
N LEU C 577 20.02 -22.50 -39.05
CA LEU C 577 19.35 -21.20 -38.87
C LEU C 577 20.38 -20.07 -38.82
N PRO C 578 20.24 -19.05 -39.70
CA PRO C 578 21.14 -17.89 -39.62
C PRO C 578 20.92 -17.10 -38.32
N GLN C 579 21.96 -16.37 -37.87
CA GLN C 579 22.01 -15.55 -36.67
C GLN C 579 20.77 -14.65 -36.49
N ASN C 580 20.24 -14.10 -37.61
CA ASN C 580 19.09 -13.19 -37.63
C ASN C 580 17.73 -13.83 -37.32
N ARG C 581 17.65 -15.17 -37.20
CA ARG C 581 16.39 -15.85 -36.87
C ARG C 581 16.17 -15.85 -35.37
N ILE C 582 17.24 -15.59 -34.58
CA ILE C 582 17.11 -15.58 -33.12
C ILE C 582 17.47 -14.20 -32.59
N ILE C 583 16.54 -13.59 -31.83
CA ILE C 583 16.75 -12.29 -31.24
C ILE C 583 16.85 -12.42 -29.72
N PHE C 584 17.92 -11.88 -29.15
CA PHE C 584 18.10 -11.92 -27.70
C PHE C 584 17.84 -10.56 -27.08
N SER C 585 17.18 -10.57 -25.91
CA SER C 585 16.98 -9.35 -25.13
C SER C 585 17.58 -9.59 -23.73
N PRO C 586 18.00 -8.51 -23.04
CA PRO C 586 18.43 -8.68 -21.65
C PRO C 586 17.20 -8.98 -20.79
N VAL C 587 17.43 -9.61 -19.62
CA VAL C 587 16.42 -9.84 -18.59
C VAL C 587 15.98 -8.42 -18.21
N ALA C 588 14.67 -8.22 -18.00
CA ALA C 588 14.15 -6.89 -17.70
C ALA C 588 13.52 -6.82 -16.32
N PRO C 589 13.28 -5.60 -15.79
CA PRO C 589 12.49 -5.50 -14.54
C PRO C 589 11.13 -6.15 -14.75
N LYS C 590 10.54 -6.68 -13.66
CA LYS C 590 9.29 -7.45 -13.64
C LYS C 590 8.16 -6.91 -14.55
N GLU C 591 7.76 -5.65 -14.36
CA GLU C 591 6.68 -5.03 -15.14
C GLU C 591 6.98 -5.00 -16.64
N GLU C 592 8.21 -4.60 -17.02
CA GLU C 592 8.64 -4.55 -18.42
C GLU C 592 8.60 -5.95 -19.05
N HIS C 593 9.07 -6.95 -18.29
CA HIS C 593 9.07 -8.35 -18.74
C HIS C 593 7.65 -8.80 -19.08
N VAL C 594 6.68 -8.51 -18.20
CA VAL C 594 5.28 -8.92 -18.43
C VAL C 594 4.67 -8.14 -19.59
N ARG C 595 4.92 -6.82 -19.63
CA ARG C 595 4.39 -5.93 -20.67
C ARG C 595 4.93 -6.24 -22.07
N ARG C 596 6.23 -6.52 -22.19
CA ARG C 596 6.82 -6.80 -23.51
C ARG C 596 6.35 -8.14 -24.14
N GLY C 597 5.75 -9.03 -23.35
CA GLY C 597 5.13 -10.26 -23.86
C GLY C 597 4.01 -9.94 -24.87
N GLN C 598 3.41 -8.74 -24.78
CA GLN C 598 2.38 -8.28 -25.76
C GLN C 598 2.96 -8.15 -27.18
N LEU C 599 4.28 -8.02 -27.32
CA LEU C 599 4.92 -7.87 -28.65
C LEU C 599 5.03 -9.17 -29.40
N ALA C 600 4.99 -10.30 -28.70
CA ALA C 600 5.13 -11.59 -29.37
C ALA C 600 3.80 -12.01 -30.00
N ASP C 601 3.87 -12.98 -30.93
CA ASP C 601 2.66 -13.54 -31.54
C ASP C 601 2.28 -14.80 -30.76
N VAL C 602 3.31 -15.65 -30.47
CA VAL C 602 3.14 -16.97 -29.82
C VAL C 602 4.32 -17.23 -28.85
N CYS C 603 4.05 -17.91 -27.71
CA CYS C 603 5.10 -18.36 -26.78
C CYS C 603 5.32 -19.84 -27.03
N LEU C 604 6.57 -20.26 -27.20
CA LEU C 604 6.89 -21.67 -27.37
C LEU C 604 7.40 -22.20 -26.02
N ASP C 605 6.54 -22.94 -25.30
CA ASP C 605 6.92 -23.46 -23.98
C ASP C 605 7.94 -24.58 -24.05
N THR C 606 8.84 -24.63 -23.05
CA THR C 606 9.91 -25.64 -22.91
C THR C 606 9.32 -26.97 -22.37
N PRO C 607 9.33 -28.07 -23.15
CA PRO C 607 8.76 -29.35 -22.66
C PRO C 607 9.53 -30.01 -21.52
N LEU C 608 10.89 -29.83 -21.45
CA LEU C 608 11.71 -30.42 -20.38
C LEU C 608 11.17 -30.02 -19.01
N CYS C 609 11.04 -28.73 -18.80
CA CYS C 609 10.54 -28.11 -17.60
C CYS C 609 9.86 -26.83 -18.07
N ASN C 610 8.55 -26.75 -17.88
CA ASN C 610 7.79 -25.61 -18.38
C ASN C 610 8.08 -24.32 -17.66
N GLY C 611 7.63 -23.23 -18.27
CA GLY C 611 7.60 -21.94 -17.60
C GLY C 611 6.45 -22.05 -16.62
N HIS C 612 6.64 -21.63 -15.37
CA HIS C 612 5.58 -21.77 -14.38
C HIS C 612 5.10 -20.35 -14.11
N THR C 613 5.89 -19.57 -13.34
CA THR C 613 5.56 -18.15 -13.17
C THR C 613 5.57 -17.51 -14.57
N THR C 614 6.58 -17.85 -15.39
CA THR C 614 6.82 -17.35 -16.74
C THR C 614 5.64 -17.59 -17.70
N GLY C 615 4.97 -18.73 -17.55
CA GLY C 615 3.77 -19.06 -18.33
C GLY C 615 2.63 -18.13 -17.96
N MET C 616 2.44 -17.88 -16.63
CA MET C 616 1.39 -16.94 -16.16
C MET C 616 1.69 -15.54 -16.72
N ASP C 617 2.97 -15.12 -16.71
CA ASP C 617 3.40 -13.81 -17.25
C ASP C 617 2.99 -13.62 -18.72
N VAL C 618 3.30 -14.62 -19.55
CA VAL C 618 3.03 -14.56 -20.98
C VAL C 618 1.53 -14.58 -21.29
N LEU C 619 0.76 -15.38 -20.54
CA LEU C 619 -0.70 -15.45 -20.74
C LEU C 619 -1.39 -14.16 -20.31
N TRP C 620 -0.84 -13.44 -19.29
CA TRP C 620 -1.41 -12.17 -18.86
C TRP C 620 -1.29 -11.11 -19.97
N ALA C 621 -0.24 -11.25 -20.82
CA ALA C 621 -0.02 -10.36 -21.97
C ALA C 621 -0.97 -10.71 -23.14
N GLY C 622 -1.68 -11.84 -23.02
CA GLY C 622 -2.61 -12.32 -24.05
C GLY C 622 -1.91 -13.12 -25.12
N THR C 623 -0.74 -13.67 -24.80
CA THR C 623 0.07 -14.43 -25.75
C THR C 623 -0.24 -15.94 -25.66
N PRO C 624 -0.75 -16.54 -26.77
CA PRO C 624 -0.96 -18.00 -26.79
C PRO C 624 0.38 -18.68 -26.56
N MET C 625 0.34 -19.73 -25.74
CA MET C 625 1.53 -20.50 -25.42
C MET C 625 1.31 -21.93 -25.92
N VAL C 626 2.25 -22.46 -26.69
CA VAL C 626 2.20 -23.84 -27.18
C VAL C 626 2.97 -24.71 -26.19
N THR C 627 2.39 -25.84 -25.74
CA THR C 627 3.09 -26.71 -24.80
C THR C 627 2.93 -28.17 -25.16
N MET C 628 3.88 -28.99 -24.71
CA MET C 628 3.83 -30.43 -24.86
C MET C 628 4.02 -31.02 -23.44
N PRO C 629 2.93 -31.33 -22.70
CA PRO C 629 3.10 -31.86 -21.33
C PRO C 629 3.81 -33.22 -21.29
N GLY C 630 4.71 -33.37 -20.32
CA GLY C 630 5.47 -34.61 -20.14
C GLY C 630 4.86 -35.44 -19.05
N GLU C 631 5.70 -36.06 -18.22
CA GLU C 631 5.21 -36.90 -17.12
C GLU C 631 5.44 -36.25 -15.75
N THR C 632 6.57 -35.54 -15.57
CA THR C 632 6.86 -34.87 -14.29
C THR C 632 5.90 -33.71 -14.06
N LEU C 633 5.70 -33.34 -12.78
CA LEU C 633 4.86 -32.19 -12.39
C LEU C 633 5.35 -30.96 -13.17
N ALA C 634 6.68 -30.71 -13.16
CA ALA C 634 7.31 -29.53 -13.77
C ALA C 634 7.10 -29.41 -15.31
N SER C 635 6.93 -30.55 -16.00
CA SER C 635 6.70 -30.60 -17.44
C SER C 635 5.22 -30.54 -17.82
N ARG C 636 4.31 -30.44 -16.82
CA ARG C 636 2.85 -30.46 -17.05
C ARG C 636 2.09 -29.19 -16.60
N VAL C 637 2.78 -28.26 -15.95
CA VAL C 637 2.19 -27.02 -15.40
C VAL C 637 1.55 -26.16 -16.50
N ALA C 638 2.29 -25.89 -17.60
CA ALA C 638 1.76 -25.08 -18.71
C ALA C 638 0.45 -25.64 -19.29
N ALA C 639 0.36 -26.97 -19.50
CA ALA C 639 -0.88 -27.57 -20.02
C ALA C 639 -2.02 -27.42 -19.00
N SER C 640 -1.70 -27.45 -17.69
CA SER C 640 -2.70 -27.26 -16.64
C SER C 640 -3.22 -25.81 -16.68
N GLN C 641 -2.30 -24.84 -16.89
CA GLN C 641 -2.65 -23.42 -16.99
C GLN C 641 -3.56 -23.20 -18.22
N LEU C 642 -3.18 -23.80 -19.37
CA LEU C 642 -3.96 -23.70 -20.62
C LEU C 642 -5.30 -24.36 -20.55
N THR C 643 -5.39 -25.49 -19.81
CA THR C 643 -6.67 -26.21 -19.64
C THR C 643 -7.63 -25.32 -18.83
N CYS C 644 -7.10 -24.69 -17.77
CA CYS C 644 -7.89 -23.77 -16.93
C CYS C 644 -8.35 -22.59 -17.76
N LEU C 645 -7.44 -22.03 -18.58
CA LEU C 645 -7.71 -20.90 -19.45
C LEU C 645 -8.81 -21.23 -20.46
N GLY C 646 -8.84 -22.49 -20.91
CA GLY C 646 -9.79 -22.99 -21.87
C GLY C 646 -9.24 -23.01 -23.28
N CYS C 647 -7.92 -23.29 -23.43
CA CYS C 647 -7.23 -23.34 -24.72
C CYS C 647 -6.60 -24.72 -24.93
N LEU C 648 -7.46 -25.74 -25.05
CA LEU C 648 -7.05 -27.14 -25.26
C LEU C 648 -6.27 -27.35 -26.56
N GLU C 649 -6.57 -26.53 -27.60
CA GLU C 649 -5.93 -26.59 -28.92
C GLU C 649 -4.42 -26.24 -28.91
N LEU C 650 -3.92 -25.70 -27.79
CA LEU C 650 -2.52 -25.29 -27.63
C LEU C 650 -1.66 -26.33 -26.94
N ILE C 651 -2.29 -27.46 -26.55
CA ILE C 651 -1.64 -28.57 -25.87
C ILE C 651 -1.34 -29.68 -26.87
N ALA C 652 -0.03 -29.98 -27.05
CA ALA C 652 0.47 -30.98 -27.98
C ALA C 652 0.72 -32.34 -27.30
N LYS C 653 0.31 -33.42 -27.98
CA LYS C 653 0.49 -34.80 -27.49
C LYS C 653 1.85 -35.38 -27.80
N ASN C 654 2.55 -34.81 -28.80
CA ASN C 654 3.88 -35.26 -29.25
C ASN C 654 4.60 -34.10 -29.98
N ARG C 655 5.89 -34.28 -30.33
CA ARG C 655 6.70 -33.25 -30.99
C ARG C 655 6.15 -32.77 -32.32
N GLN C 656 5.64 -33.70 -33.16
CA GLN C 656 5.05 -33.33 -34.46
C GLN C 656 3.84 -32.42 -34.28
N GLU C 657 2.96 -32.72 -33.31
CA GLU C 657 1.79 -31.87 -33.02
C GLU C 657 2.22 -30.50 -32.47
N TYR C 658 3.29 -30.43 -31.65
CA TYR C 658 3.82 -29.17 -31.11
C TYR C 658 4.27 -28.31 -32.29
N GLU C 659 5.06 -28.88 -33.20
CA GLU C 659 5.49 -28.13 -34.40
C GLU C 659 4.29 -27.72 -35.27
N ASP C 660 3.33 -28.62 -35.48
CA ASP C 660 2.16 -28.33 -36.32
C ASP C 660 1.30 -27.19 -35.78
N ILE C 661 1.06 -27.18 -34.43
CA ILE C 661 0.29 -26.13 -33.76
C ILE C 661 1.04 -24.80 -33.93
N ALA C 662 2.36 -24.77 -33.60
CA ALA C 662 3.18 -23.57 -33.70
C ALA C 662 3.22 -23.02 -35.14
N VAL C 663 3.35 -23.91 -36.13
CA VAL C 663 3.38 -23.51 -37.56
C VAL C 663 2.00 -23.00 -38.01
N LYS C 664 0.91 -23.65 -37.58
CA LYS C 664 -0.46 -23.19 -37.92
C LYS C 664 -0.66 -21.76 -37.38
N LEU C 665 -0.27 -21.51 -36.13
CA LEU C 665 -0.38 -20.19 -35.52
C LEU C 665 0.46 -19.11 -36.25
N GLY C 666 1.61 -19.51 -36.77
CA GLY C 666 2.46 -18.55 -37.47
C GLY C 666 2.14 -18.35 -38.94
N THR C 667 1.22 -19.16 -39.50
CA THR C 667 0.90 -19.08 -40.94
C THR C 667 -0.55 -18.83 -41.24
N ASP C 668 -1.46 -19.37 -40.40
CA ASP C 668 -2.90 -19.16 -40.63
C ASP C 668 -3.22 -17.91 -39.80
N LEU C 669 -3.09 -16.70 -40.42
CA LEU C 669 -3.26 -15.45 -39.66
C LEU C 669 -4.64 -15.25 -39.04
N GLU C 670 -5.71 -15.76 -39.67
CA GLU C 670 -7.07 -15.68 -39.15
C GLU C 670 -7.20 -16.55 -37.92
N TYR C 671 -6.56 -17.74 -37.94
CA TYR C 671 -6.54 -18.64 -36.80
C TYR C 671 -5.76 -17.99 -35.65
N LEU C 672 -4.60 -17.34 -35.96
CA LEU C 672 -3.77 -16.64 -34.96
C LEU C 672 -4.60 -15.55 -34.28
N LYS C 673 -5.39 -14.80 -35.07
CA LYS C 673 -6.26 -13.73 -34.54
C LYS C 673 -7.30 -14.30 -33.55
N LYS C 674 -7.95 -15.41 -33.94
CA LYS C 674 -8.95 -16.12 -33.14
C LYS C 674 -8.36 -16.58 -31.81
N VAL C 675 -7.21 -17.28 -31.84
CA VAL C 675 -6.51 -17.78 -30.64
C VAL C 675 -6.01 -16.63 -29.73
N ARG C 676 -5.39 -15.59 -30.31
CA ARG C 676 -4.93 -14.45 -29.50
C ARG C 676 -6.13 -13.75 -28.82
N GLY C 677 -7.26 -13.65 -29.53
CA GLY C 677 -8.50 -13.10 -29.01
C GLY C 677 -9.05 -13.95 -27.85
N LYS C 678 -9.01 -15.28 -28.01
CA LYS C 678 -9.44 -16.24 -26.98
C LYS C 678 -8.61 -16.08 -25.69
N VAL C 679 -7.26 -15.99 -25.81
CA VAL C 679 -6.35 -15.82 -24.68
C VAL C 679 -6.64 -14.46 -24.01
N TRP C 680 -6.74 -13.38 -24.83
CA TRP C 680 -7.01 -12.01 -24.36
C TRP C 680 -8.27 -11.93 -23.47
N LYS C 681 -9.38 -12.55 -23.91
CA LYS C 681 -10.65 -12.56 -23.18
C LYS C 681 -10.59 -13.49 -21.97
N GLN C 682 -10.15 -14.75 -22.18
CA GLN C 682 -10.11 -15.81 -21.15
C GLN C 682 -9.19 -15.56 -19.97
N ARG C 683 -8.15 -14.72 -20.10
CA ARG C 683 -7.32 -14.45 -18.91
C ARG C 683 -8.17 -13.74 -17.83
N ILE C 684 -9.30 -13.10 -18.25
CA ILE C 684 -10.26 -12.42 -17.37
C ILE C 684 -11.47 -13.32 -17.02
N SER C 685 -12.12 -13.89 -18.04
CA SER C 685 -13.32 -14.69 -17.82
C SER C 685 -13.09 -16.10 -17.23
N SER C 686 -11.90 -16.68 -17.43
CA SER C 686 -11.61 -18.01 -16.91
C SER C 686 -11.16 -17.90 -15.41
N PRO C 687 -10.99 -19.01 -14.66
CA PRO C 687 -10.51 -18.89 -13.26
C PRO C 687 -9.02 -18.62 -13.11
N LEU C 688 -8.22 -18.68 -14.22
CA LEU C 688 -6.75 -18.60 -14.16
C LEU C 688 -6.10 -17.54 -13.26
N PHE C 689 -6.53 -16.27 -13.38
CA PHE C 689 -5.97 -15.16 -12.62
C PHE C 689 -6.95 -14.67 -11.55
N ASN C 690 -8.01 -15.47 -11.27
CA ASN C 690 -9.04 -15.09 -10.28
C ASN C 690 -8.61 -15.56 -8.88
N THR C 691 -7.88 -14.69 -8.18
CA THR C 691 -7.34 -14.97 -6.84
C THR C 691 -8.42 -15.22 -5.78
N LYS C 692 -9.57 -14.53 -5.87
CA LYS C 692 -10.66 -14.76 -4.92
C LYS C 692 -11.23 -16.16 -5.09
N GLN C 693 -11.57 -16.56 -6.33
CA GLN C 693 -12.07 -17.89 -6.63
C GLN C 693 -11.04 -18.95 -6.19
N TYR C 694 -9.77 -18.72 -6.49
CA TYR C 694 -8.67 -19.62 -6.10
C TYR C 694 -8.63 -19.82 -4.57
N THR C 695 -8.64 -18.71 -3.80
CA THR C 695 -8.63 -18.77 -2.32
C THR C 695 -9.83 -19.56 -1.81
N MET C 696 -11.02 -19.32 -2.41
CA MET C 696 -12.23 -20.05 -2.00
C MET C 696 -12.16 -21.55 -2.27
N GLU C 697 -11.51 -21.94 -3.36
CA GLU C 697 -11.33 -23.34 -3.71
C GLU C 697 -10.29 -24.01 -2.83
N LEU C 698 -9.25 -23.26 -2.46
CA LEU C 698 -8.20 -23.70 -1.53
C LEU C 698 -8.85 -23.95 -0.15
N GLU C 699 -9.77 -23.04 0.26
CA GLU C 699 -10.50 -23.16 1.52
C GLU C 699 -11.36 -24.43 1.55
N ARG C 700 -12.04 -24.73 0.42
CA ARG C 700 -12.86 -25.93 0.26
C ARG C 700 -11.98 -27.17 0.43
N LEU C 701 -10.79 -27.15 -0.20
CA LEU C 701 -9.81 -28.25 -0.13
C LEU C 701 -9.31 -28.45 1.31
N TYR C 702 -9.01 -27.35 2.02
CA TYR C 702 -8.55 -27.36 3.41
C TYR C 702 -9.56 -28.03 4.34
N LEU C 703 -10.86 -27.67 4.19
CA LEU C 703 -11.94 -28.23 5.00
C LEU C 703 -12.11 -29.72 4.75
N GLN C 704 -11.89 -30.18 3.49
CA GLN C 704 -11.94 -31.60 3.11
C GLN C 704 -10.81 -32.34 3.86
N MET C 705 -9.57 -31.78 3.84
CA MET C 705 -8.41 -32.35 4.55
C MET C 705 -8.72 -32.44 6.05
N TRP C 706 -9.26 -31.33 6.62
CA TRP C 706 -9.59 -31.28 8.04
C TRP C 706 -10.65 -32.30 8.45
N GLU C 707 -11.82 -32.32 7.76
CA GLU C 707 -12.92 -33.24 8.08
C GLU C 707 -12.50 -34.71 7.99
N HIS C 708 -11.56 -35.02 7.08
CA HIS C 708 -10.99 -36.35 6.91
C HIS C 708 -10.18 -36.74 8.15
N TYR C 709 -9.28 -35.83 8.60
CA TYR C 709 -8.45 -36.04 9.80
C TYR C 709 -9.30 -36.09 11.08
N ALA C 710 -10.25 -35.13 11.24
CA ALA C 710 -11.13 -35.02 12.41
C ALA C 710 -11.95 -36.30 12.63
N ALA C 711 -12.33 -36.99 11.53
CA ALA C 711 -13.07 -38.26 11.55
C ALA C 711 -12.15 -39.45 11.94
N GLY C 712 -10.87 -39.17 12.21
CA GLY C 712 -9.88 -40.15 12.63
C GLY C 712 -9.18 -40.92 11.54
N ASN C 713 -9.13 -40.35 10.31
CA ASN C 713 -8.50 -41.01 9.18
C ASN C 713 -7.13 -40.45 8.87
N LYS C 714 -6.22 -41.33 8.41
CA LYS C 714 -4.89 -40.96 7.95
C LYS C 714 -5.07 -40.33 6.55
N PRO C 715 -4.10 -39.53 6.03
CA PRO C 715 -4.33 -38.90 4.71
C PRO C 715 -4.59 -39.86 3.56
N ASP C 716 -5.48 -39.44 2.66
CA ASP C 716 -5.85 -40.16 1.44
C ASP C 716 -6.06 -39.15 0.33
N HIS C 717 -5.99 -39.58 -0.94
CA HIS C 717 -6.17 -38.70 -2.09
C HIS C 717 -7.51 -37.95 -2.06
N MET C 718 -7.45 -36.61 -2.19
CA MET C 718 -8.60 -35.71 -2.24
C MET C 718 -8.73 -35.33 -3.71
N ILE C 719 -9.30 -36.25 -4.49
CA ILE C 719 -9.40 -36.15 -5.95
C ILE C 719 -10.82 -35.94 -6.50
N LYS C 720 -11.78 -35.60 -5.62
CA LYS C 720 -13.21 -35.34 -5.87
C LYS C 720 -13.89 -36.19 -6.95
N TYR D 1 17.84 -8.49 -13.46
CA TYR D 1 18.08 -7.68 -14.67
C TYR D 1 19.38 -6.89 -14.53
N PRO D 2 20.10 -6.57 -15.64
CA PRO D 2 21.36 -5.81 -15.50
C PRO D 2 21.09 -4.42 -14.92
N GLY D 3 21.73 -4.15 -13.79
CA GLY D 3 21.54 -2.89 -13.06
C GLY D 3 20.62 -3.03 -11.88
N GLY D 4 20.12 -4.24 -11.66
CA GLY D 4 19.22 -4.55 -10.55
C GLY D 4 19.30 -6.02 -10.21
N SER D 5 18.15 -6.60 -9.85
CA SER D 5 18.09 -8.02 -9.54
C SER D 5 16.76 -8.63 -9.97
N THR D 6 16.82 -9.88 -10.44
CA THR D 6 15.65 -10.66 -10.81
C THR D 6 15.68 -11.94 -9.98
N PRO D 7 14.90 -11.96 -8.87
CA PRO D 7 14.84 -13.17 -8.04
C PRO D 7 14.19 -14.33 -8.78
N VAL D 8 14.72 -15.54 -8.56
CA VAL D 8 14.24 -16.74 -9.23
C VAL D 8 14.09 -17.85 -8.20
N SER D 9 13.38 -18.92 -8.56
CA SER D 9 13.29 -20.11 -7.70
C SER D 9 14.63 -20.81 -7.85
N SER D 10 15.29 -21.15 -6.73
CA SER D 10 16.59 -21.82 -6.81
C SER D 10 16.75 -22.88 -5.74
N ALA D 11 17.69 -23.80 -5.97
CA ALA D 11 17.93 -24.92 -5.07
C ALA D 11 18.53 -24.47 -3.73
N ASN D 12 18.21 -25.17 -2.63
CA ASN D 12 18.85 -24.84 -1.33
C ASN D 12 20.24 -25.51 -1.32
N MET D 13 21.16 -25.02 -0.47
CA MET D 13 22.51 -25.58 -0.41
C MET D 13 22.51 -26.98 0.20
N MET D 14 23.39 -27.86 -0.30
CA MET D 14 23.51 -29.25 0.18
C MET D 14 24.98 -29.72 0.27
N1 UDP E . -16.93 11.57 9.36
C2 UDP E . -16.74 10.29 9.77
N3 UDP E . -17.73 9.69 10.41
C4 UDP E . -18.98 10.28 10.63
C5 UDP E . -19.19 11.60 10.22
C6 UDP E . -18.15 12.24 9.60
O2 UDP E . -15.68 9.66 9.56
O4 UDP E . -19.87 9.68 11.19
C1' UDP E . -15.83 12.34 8.77
C2' UDP E . -16.11 12.99 7.40
O2' UDP E . -15.86 11.98 6.39
C3' UDP E . -14.93 14.07 7.42
C4' UDP E . -14.90 14.47 8.94
O4' UDP E . -15.60 13.46 9.68
O3' UDP E . -13.62 13.47 7.06
C5' UDP E . -15.53 15.85 9.30
O5' UDP E . -14.55 16.77 8.89
PA UDP E . -15.13 18.24 8.69
O1A UDP E . -14.00 19.12 8.46
O2A UDP E . -16.11 18.72 9.81
O3A UDP E . -16.05 17.99 7.32
PB UDP E . -16.38 19.14 6.29
O1B UDP E . -17.58 18.56 5.70
O2B UDP E . -15.24 19.37 5.22
O3B UDP E . -16.72 20.50 7.02
C FOR F . -18.92 24.77 8.07
O FOR F . -18.59 25.07 9.18
S SO4 G . 11.62 25.64 22.87
O1 SO4 G . 12.89 25.76 23.60
O2 SO4 G . 11.91 25.45 21.45
O3 SO4 G . 10.85 24.51 23.37
O4 SO4 G . 10.85 26.84 23.03
S SO4 H . -2.00 24.98 16.55
O1 SO4 H . -1.51 26.17 17.27
O2 SO4 H . -1.47 25.02 15.20
O3 SO4 H . -1.57 23.77 17.25
O4 SO4 H . -3.43 24.99 16.56
N1 UDP I . 11.36 -12.33 -15.05
C2 UDP I . 11.61 -11.01 -15.03
N3 UDP I . 12.18 -10.48 -16.09
C4 UDP I . 12.50 -11.21 -17.24
C5 UDP I . 12.23 -12.60 -17.26
C6 UDP I . 11.72 -13.12 -16.13
O2 UDP I . 11.29 -10.28 -14.05
O4 UDP I . 12.97 -10.69 -18.18
C1' UDP I . 10.87 -12.99 -13.83
C2' UDP I . 9.60 -13.86 -13.98
O2' UDP I . 8.45 -13.00 -13.86
C3' UDP I . 9.77 -14.76 -12.73
C4' UDP I . 11.34 -14.93 -12.61
O4' UDP I . 11.93 -13.95 -13.45
O3' UDP I . 9.26 -14.11 -11.50
C5' UDP I . 11.86 -16.34 -13.06
O5' UDP I . 11.60 -17.14 -11.93
PA UDP I . 11.64 -18.72 -12.22
O1A UDP I . 11.49 -19.39 -10.97
O2A UDP I . 12.86 -19.11 -13.12
O3A UDP I . 10.29 -18.82 -13.20
PB UDP I . 9.39 -20.13 -13.30
O1B UDP I . 8.73 -19.82 -14.57
O2B UDP I . 8.32 -20.34 -12.14
O3B UDP I . 10.32 -21.37 -13.52
S SO4 J . 25.98 -20.36 15.48
O1 SO4 J . 26.92 -20.48 16.57
O2 SO4 J . 26.16 -19.08 14.80
O3 SO4 J . 26.19 -21.43 14.52
O4 SO4 J . 24.62 -20.44 16.02
C FOR K . 11.97 -25.69 -14.86
O FOR K . 13.09 -25.84 -14.47
S SO4 L . 20.00 -22.27 1.83
O1 SO4 L . 20.93 -23.11 2.61
O2 SO4 L . 20.33 -20.85 2.07
O3 SO4 L . 20.19 -22.54 0.44
O4 SO4 L . 18.66 -22.57 2.25
#